data_3KL2
#
_entry.id   3KL2
#
_cell.length_a   67.742
_cell.length_b   112.102
_cell.length_c   178.904
_cell.angle_alpha   90.000
_cell.angle_beta   99.470
_cell.angle_gamma   90.000
#
_symmetry.space_group_name_H-M   'P 1 21 1'
#
loop_
_entity.id
_entity.type
_entity.pdbx_description
1 polymer 'Putative isochorismatase'
2 non-polymer 'SULFATE ION'
3 water water
#
_entity_poly.entity_id   1
_entity_poly.type   'polypeptide(L)'
_entity_poly.pdbx_seq_one_letter_code
;MSLTTSKTRKSGVAMTEKLELDPARTAIVLIEYQNEFTSDGGVLHGAVADVMQHTGMLANTVAVVDAARQAGVPIMHAPI
TFAEGYGELTRHPYGILKGVVDGKAFVKGTWGAAIVDELAPVNGDIVIEGKRGLDTFASTNLDFILRSKGVDTIVLGGFL
TNCCVESTMRTGYERGFRVITLTDCVAATSQEEHNNAISYDFPMFSVPMTSADVIAALEGHHHHHH
;
_entity_poly.pdbx_strand_id   A,B,C,D,E,F,G,H,I,J,K,L
#
loop_
_chem_comp.id
_chem_comp.type
_chem_comp.name
_chem_comp.formula
SO4 non-polymer 'SULFATE ION' 'O4 S -2'
#
# COMPACT_ATOMS: atom_id res chain seq x y z
N GLU A 17 -50.20 -14.24 -46.52
CA GLU A 17 -51.06 -13.78 -45.38
C GLU A 17 -50.40 -14.05 -43.99
N LYS A 18 -49.55 -15.08 -43.86
CA LYS A 18 -48.82 -15.25 -42.58
C LYS A 18 -47.42 -14.68 -42.82
N LEU A 19 -46.87 -13.99 -41.81
CA LEU A 19 -45.62 -13.23 -42.00
C LEU A 19 -44.39 -14.11 -41.80
N GLU A 20 -43.48 -14.08 -42.76
CA GLU A 20 -42.17 -14.73 -42.61
C GLU A 20 -41.12 -13.64 -42.45
N LEU A 21 -40.32 -13.75 -41.38
CA LEU A 21 -39.12 -12.89 -41.19
C LEU A 21 -37.83 -13.71 -41.28
N ASP A 22 -36.86 -13.23 -42.07
CA ASP A 22 -35.50 -13.79 -42.10
C ASP A 22 -34.64 -12.98 -41.13
N PRO A 23 -34.08 -13.63 -40.09
CA PRO A 23 -33.29 -12.90 -39.07
C PRO A 23 -32.13 -12.09 -39.62
N ALA A 24 -31.47 -12.63 -40.65
CA ALA A 24 -30.29 -12.00 -41.26
C ALA A 24 -30.57 -10.77 -42.13
N ARG A 25 -31.85 -10.54 -42.42
CA ARG A 25 -32.29 -9.49 -43.34
C ARG A 25 -33.30 -8.54 -42.68
N THR A 26 -33.34 -8.57 -41.34
CA THR A 26 -34.40 -7.95 -40.55
C THR A 26 -33.79 -7.07 -39.46
N ALA A 27 -34.49 -6.01 -39.09
CA ALA A 27 -33.99 -5.04 -38.13
C ALA A 27 -35.16 -4.39 -37.43
N ILE A 28 -35.11 -4.36 -36.10
CA ILE A 28 -36.13 -3.68 -35.33
C ILE A 28 -35.57 -2.28 -35.24
N VAL A 29 -36.35 -1.26 -35.54
CA VAL A 29 -35.90 0.12 -35.49
C VAL A 29 -36.82 0.88 -34.53
N LEU A 30 -36.25 1.37 -33.43
CA LEU A 30 -36.97 1.99 -32.32
C LEU A 30 -36.77 3.51 -32.28
N ILE A 31 -37.83 4.25 -32.57
CA ILE A 31 -37.68 5.67 -32.81
C ILE A 31 -38.03 6.40 -31.55
N GLU A 32 -37.05 7.10 -31.01
CA GLU A 32 -37.24 8.04 -29.91
C GLU A 32 -37.86 7.48 -28.63
N TYR A 33 -37.46 6.28 -28.23
CA TYR A 33 -37.87 5.81 -26.94
C TYR A 33 -37.02 6.47 -25.86
N GLN A 34 -37.13 7.80 -25.75
CA GLN A 34 -36.35 8.60 -24.84
C GLN A 34 -37.24 9.11 -23.72
N ASN A 35 -36.63 9.39 -22.56
CA ASN A 35 -37.35 9.85 -21.40
C ASN A 35 -38.30 10.98 -21.75
N GLU A 36 -37.84 11.90 -22.60
CA GLU A 36 -38.62 13.09 -22.95
C GLU A 36 -40.08 12.76 -23.33
N PHE A 37 -40.30 11.55 -23.86
CA PHE A 37 -41.63 11.06 -24.26
C PHE A 37 -42.17 10.02 -23.28
N THR A 38 -41.33 9.05 -22.90
CA THR A 38 -41.77 7.84 -22.22
C THR A 38 -42.06 7.97 -20.73
N SER A 39 -41.46 8.96 -20.06
CA SER A 39 -41.37 8.93 -18.59
C SER A 39 -41.87 10.20 -17.92
N ASP A 40 -42.43 10.05 -16.72
CA ASP A 40 -42.96 11.17 -15.93
C ASP A 40 -41.90 12.26 -15.78
N GLY A 41 -42.28 13.49 -16.12
CA GLY A 41 -41.40 14.66 -15.99
C GLY A 41 -40.70 14.99 -17.29
N GLY A 42 -40.72 14.05 -18.24
CA GLY A 42 -40.24 14.30 -19.59
C GLY A 42 -41.10 15.40 -20.16
N VAL A 43 -40.51 16.28 -20.94
CA VAL A 43 -41.21 17.50 -21.34
C VAL A 43 -42.38 17.24 -22.28
N LEU A 44 -42.35 16.11 -22.98
CA LEU A 44 -43.38 15.81 -23.95
C LEU A 44 -44.19 14.62 -23.51
N HIS A 45 -43.96 14.18 -22.28
CA HIS A 45 -44.61 12.97 -21.80
C HIS A 45 -46.10 13.18 -21.55
N GLY A 46 -46.48 14.36 -21.06
CA GLY A 46 -47.90 14.67 -20.81
C GLY A 46 -48.75 14.50 -22.06
N ALA A 47 -48.18 14.94 -23.18
CA ALA A 47 -48.87 14.91 -24.48
C ALA A 47 -49.06 13.49 -25.07
N VAL A 48 -48.31 12.49 -24.62
CA VAL A 48 -48.40 11.15 -25.20
C VAL A 48 -48.85 10.08 -24.22
N ALA A 49 -49.08 10.52 -22.98
CA ALA A 49 -49.44 9.66 -21.88
C ALA A 49 -50.70 8.88 -22.19
N ASP A 50 -51.77 9.57 -22.63
CA ASP A 50 -53.06 8.86 -22.83
C ASP A 50 -52.87 7.72 -23.82
N VAL A 51 -52.17 8.01 -24.92
CA VAL A 51 -52.02 7.02 -25.99
C VAL A 51 -51.01 5.94 -25.62
N MET A 52 -49.95 6.29 -24.91
CA MET A 52 -49.07 5.25 -24.36
C MET A 52 -49.90 4.27 -23.50
N GLN A 53 -50.68 4.82 -22.57
CA GLN A 53 -51.47 4.02 -21.63
C GLN A 53 -52.52 3.19 -22.38
N HIS A 54 -53.24 3.82 -23.29
CA HIS A 54 -54.26 3.11 -24.09
C HIS A 54 -53.67 1.90 -24.84
N THR A 55 -52.51 2.10 -25.46
CA THR A 55 -51.93 1.05 -26.29
C THR A 55 -51.10 0.02 -25.52
N GLY A 56 -50.55 0.44 -24.39
CA GLY A 56 -49.54 -0.36 -23.70
C GLY A 56 -48.30 -0.53 -24.56
N MET A 57 -47.94 0.49 -25.31
CA MET A 57 -46.86 0.40 -26.29
C MET A 57 -45.53 0.07 -25.65
N LEU A 58 -45.24 0.66 -24.49
CA LEU A 58 -43.94 0.50 -23.89
C LEU A 58 -43.70 -0.99 -23.55
N ALA A 59 -44.59 -1.61 -22.81
CA ALA A 59 -44.45 -3.04 -22.50
C ALA A 59 -44.46 -3.87 -23.77
N ASN A 60 -45.23 -3.45 -24.76
CA ASN A 60 -45.34 -4.26 -25.98
C ASN A 60 -44.02 -4.21 -26.76
N THR A 61 -43.37 -3.07 -26.74
CA THR A 61 -42.09 -2.92 -27.44
C THR A 61 -41.06 -3.82 -26.77
N VAL A 62 -41.06 -3.82 -25.43
CA VAL A 62 -40.13 -4.66 -24.65
C VAL A 62 -40.28 -6.10 -25.05
N ALA A 63 -41.51 -6.60 -25.09
CA ALA A 63 -41.74 -7.97 -25.48
C ALA A 63 -41.28 -8.26 -26.94
N VAL A 64 -41.26 -7.25 -27.80
CA VAL A 64 -40.88 -7.48 -29.18
C VAL A 64 -39.35 -7.46 -29.28
N VAL A 65 -38.74 -6.59 -28.48
CA VAL A 65 -37.30 -6.54 -28.42
C VAL A 65 -36.75 -7.86 -27.89
N ASP A 66 -37.21 -8.25 -26.71
CA ASP A 66 -36.84 -9.56 -26.11
C ASP A 66 -36.90 -10.68 -27.16
N ALA A 67 -38.02 -10.83 -27.85
CA ALA A 67 -38.13 -11.88 -28.87
C ALA A 67 -37.13 -11.68 -30.01
N ALA A 68 -36.85 -10.44 -30.34
CA ALA A 68 -35.92 -10.09 -31.42
C ALA A 68 -34.54 -10.61 -31.06
N ARG A 69 -34.02 -10.25 -29.89
CA ARG A 69 -32.74 -10.77 -29.43
C ARG A 69 -32.71 -12.30 -29.52
N GLN A 70 -33.70 -12.98 -28.92
CA GLN A 70 -33.76 -14.44 -28.95
C GLN A 70 -33.56 -14.98 -30.38
N ALA A 71 -34.13 -14.32 -31.38
CA ALA A 71 -33.98 -14.76 -32.78
C ALA A 71 -32.73 -14.20 -33.49
N GLY A 72 -31.98 -13.31 -32.83
CA GLY A 72 -30.74 -12.77 -33.39
C GLY A 72 -30.95 -11.59 -34.33
N VAL A 73 -32.02 -10.81 -34.10
CA VAL A 73 -32.38 -9.71 -34.97
C VAL A 73 -31.80 -8.35 -34.45
N PRO A 74 -31.03 -7.69 -35.30
CA PRO A 74 -30.46 -6.41 -34.88
C PRO A 74 -31.54 -5.47 -34.37
N ILE A 75 -31.31 -4.93 -33.18
CA ILE A 75 -32.13 -3.90 -32.61
C ILE A 75 -31.39 -2.60 -32.88
N MET A 76 -32.03 -1.62 -33.51
CA MET A 76 -31.41 -0.33 -33.82
C MET A 76 -32.19 0.84 -33.16
N HIS A 77 -31.55 1.64 -32.31
CA HIS A 77 -32.21 2.74 -31.61
C HIS A 77 -31.97 4.04 -32.32
N ALA A 78 -33.01 4.86 -32.42
CA ALA A 78 -32.94 6.09 -33.18
C ALA A 78 -33.43 7.22 -32.32
N PRO A 79 -32.57 7.70 -31.41
CA PRO A 79 -32.90 8.81 -30.54
C PRO A 79 -32.67 10.11 -31.27
N ILE A 80 -33.38 11.15 -30.90
CA ILE A 80 -33.13 12.47 -31.46
C ILE A 80 -32.48 13.31 -30.34
N THR A 81 -31.47 14.11 -30.64
CA THR A 81 -30.81 14.96 -29.65
C THR A 81 -30.37 16.25 -30.28
N PHE A 82 -30.16 17.33 -29.50
CA PHE A 82 -29.67 18.60 -30.06
C PHE A 82 -28.59 19.18 -29.17
N ALA A 83 -27.49 19.64 -29.75
CA ALA A 83 -26.51 20.37 -29.00
C ALA A 83 -27.22 21.54 -28.32
N GLU A 84 -26.87 21.77 -27.05
CA GLU A 84 -27.48 22.81 -26.23
C GLU A 84 -27.37 24.16 -26.91
N GLY A 85 -28.45 24.92 -26.85
CA GLY A 85 -28.60 26.22 -27.51
C GLY A 85 -29.28 26.08 -28.87
N TYR A 86 -29.46 24.86 -29.37
CA TYR A 86 -30.10 24.64 -30.69
C TYR A 86 -29.39 25.32 -31.86
N GLY A 87 -28.10 25.51 -31.74
CA GLY A 87 -27.32 26.24 -32.77
C GLY A 87 -27.09 25.43 -34.07
N GLU A 88 -27.52 24.15 -34.06
CA GLU A 88 -27.49 23.29 -35.24
C GLU A 88 -28.72 23.48 -36.15
N LEU A 89 -29.72 24.21 -35.64
CA LEU A 89 -30.98 24.46 -36.38
C LEU A 89 -31.03 25.92 -36.74
N THR A 90 -31.83 26.25 -37.76
CA THR A 90 -32.28 27.64 -37.98
C THR A 90 -32.69 28.31 -36.69
N ARG A 91 -32.37 29.59 -36.56
CA ARG A 91 -32.83 30.39 -35.40
C ARG A 91 -34.33 30.70 -35.41
N HIS A 92 -34.99 30.47 -36.53
CA HIS A 92 -36.40 30.83 -36.70
C HIS A 92 -37.15 29.62 -37.25
N PRO A 93 -37.19 28.52 -36.48
CA PRO A 93 -37.89 27.35 -36.95
C PRO A 93 -39.43 27.55 -37.07
N TYR A 94 -40.06 26.67 -37.83
CA TYR A 94 -41.50 26.58 -37.97
C TYR A 94 -41.85 25.10 -37.94
N GLY A 95 -43.15 24.81 -37.91
CA GLY A 95 -43.63 23.44 -37.93
C GLY A 95 -43.30 22.78 -36.63
N ILE A 96 -43.31 21.46 -36.62
CA ILE A 96 -43.19 20.68 -35.40
C ILE A 96 -41.86 20.85 -34.65
N LEU A 97 -40.78 21.25 -35.33
CA LEU A 97 -39.49 21.39 -34.64
C LEU A 97 -39.43 22.66 -33.82
N LYS A 98 -40.30 23.62 -34.14
CA LYS A 98 -40.41 24.84 -33.36
C LYS A 98 -40.82 24.53 -31.92
N GLY A 99 -41.65 23.50 -31.75
CA GLY A 99 -42.08 23.07 -30.43
C GLY A 99 -40.96 22.43 -29.62
N VAL A 100 -40.12 21.65 -30.30
CA VAL A 100 -38.96 21.03 -29.70
C VAL A 100 -38.04 22.13 -29.16
N VAL A 101 -37.78 23.13 -30.00
CA VAL A 101 -36.87 24.22 -29.62
C VAL A 101 -37.44 25.05 -28.49
N ASP A 102 -38.70 25.45 -28.63
CA ASP A 102 -39.34 26.31 -27.66
C ASP A 102 -39.51 25.56 -26.33
N GLY A 103 -39.75 24.26 -26.40
CA GLY A 103 -39.91 23.47 -25.20
C GLY A 103 -38.60 23.05 -24.52
N LYS A 104 -37.45 23.31 -25.15
CA LYS A 104 -36.13 22.81 -24.73
C LYS A 104 -36.14 21.29 -24.52
N ALA A 105 -36.67 20.58 -25.52
CA ALA A 105 -36.74 19.10 -25.52
C ALA A 105 -35.54 18.45 -26.23
N PHE A 106 -35.19 17.26 -25.78
CA PHE A 106 -34.08 16.51 -26.34
C PHE A 106 -32.70 17.23 -26.35
N VAL A 107 -32.36 17.94 -25.27
CA VAL A 107 -31.02 18.55 -25.19
C VAL A 107 -30.01 17.41 -24.93
N LYS A 108 -28.93 17.38 -25.73
CA LYS A 108 -27.80 16.44 -25.51
C LYS A 108 -27.25 16.51 -24.08
N GLY A 109 -27.09 15.35 -23.45
CA GLY A 109 -26.50 15.27 -22.09
C GLY A 109 -27.46 15.55 -20.92
N THR A 110 -28.76 15.40 -21.18
CA THR A 110 -29.81 15.53 -20.16
C THR A 110 -30.51 14.20 -20.01
N TRP A 111 -31.22 14.05 -18.91
CA TRP A 111 -32.02 12.87 -18.64
C TRP A 111 -33.07 12.71 -19.74
N GLY A 112 -33.67 13.82 -20.14
CA GLY A 112 -34.71 13.78 -21.18
C GLY A 112 -34.28 13.13 -22.48
N ALA A 113 -33.02 13.37 -22.83
CA ALA A 113 -32.42 12.88 -24.04
C ALA A 113 -32.04 11.41 -24.00
N ALA A 114 -31.96 10.80 -22.82
CA ALA A 114 -31.57 9.40 -22.68
C ALA A 114 -32.67 8.45 -23.07
N ILE A 115 -32.22 7.32 -23.61
CA ILE A 115 -33.11 6.24 -23.92
C ILE A 115 -33.66 5.72 -22.62
N VAL A 116 -34.90 5.25 -22.66
CA VAL A 116 -35.59 4.81 -21.46
C VAL A 116 -34.95 3.53 -20.89
N ASP A 117 -34.85 3.42 -19.56
CA ASP A 117 -34.10 2.34 -18.93
C ASP A 117 -34.59 0.96 -19.38
N GLU A 118 -35.89 0.83 -19.46
CA GLU A 118 -36.56 -0.40 -19.88
C GLU A 118 -36.05 -0.90 -21.26
N LEU A 119 -35.54 0.02 -22.07
CA LEU A 119 -35.06 -0.30 -23.39
C LEU A 119 -33.62 0.19 -23.57
N ALA A 120 -32.84 0.21 -22.50
CA ALA A 120 -31.46 0.65 -22.61
C ALA A 120 -30.73 -0.28 -23.59
N PRO A 121 -29.95 0.31 -24.52
CA PRO A 121 -29.14 -0.47 -25.47
C PRO A 121 -28.19 -1.42 -24.74
N VAL A 122 -28.23 -2.70 -25.10
CA VAL A 122 -27.31 -3.67 -24.51
C VAL A 122 -26.45 -4.26 -25.59
N ASN A 123 -25.34 -4.85 -25.16
CA ASN A 123 -24.35 -5.52 -26.02
C ASN A 123 -24.79 -5.85 -27.45
N GLY A 124 -24.27 -5.09 -28.40
CA GLY A 124 -24.50 -5.41 -29.81
C GLY A 124 -25.61 -4.62 -30.51
N ASP A 125 -26.45 -3.95 -29.70
CA ASP A 125 -27.45 -3.05 -30.22
C ASP A 125 -26.76 -1.88 -30.92
N ILE A 126 -27.34 -1.45 -32.06
CA ILE A 126 -26.83 -0.33 -32.81
C ILE A 126 -27.58 0.91 -32.37
N VAL A 127 -26.88 1.99 -32.14
CA VAL A 127 -27.49 3.26 -31.81
C VAL A 127 -27.23 4.19 -33.00
N ILE A 128 -28.28 4.43 -33.78
CA ILE A 128 -28.25 5.30 -34.97
C ILE A 128 -27.93 6.71 -34.59
N GLU A 129 -27.06 7.37 -35.34
CA GLU A 129 -26.60 8.71 -35.01
C GLU A 129 -26.98 9.73 -36.05
N GLY A 130 -27.09 10.97 -35.62
CA GLY A 130 -27.34 12.06 -36.49
C GLY A 130 -28.73 12.68 -36.35
N LYS A 131 -29.72 11.94 -35.82
CA LYS A 131 -31.12 12.36 -35.94
C LYS A 131 -31.36 13.77 -35.41
N ARG A 132 -31.83 14.63 -36.29
CA ARG A 132 -32.19 15.99 -35.95
C ARG A 132 -33.57 16.42 -36.46
N GLY A 133 -34.16 15.64 -37.37
CA GLY A 133 -35.46 15.94 -37.90
C GLY A 133 -36.34 14.80 -37.53
N LEU A 134 -37.37 14.59 -38.33
CA LEU A 134 -38.41 13.63 -38.02
C LEU A 134 -38.21 12.33 -38.74
N ASP A 135 -37.92 12.42 -40.02
CA ASP A 135 -37.65 11.21 -40.79
C ASP A 135 -36.31 10.62 -40.33
N THR A 136 -36.29 9.38 -39.87
CA THR A 136 -35.05 8.78 -39.44
C THR A 136 -34.03 8.67 -40.64
N PHE A 137 -34.52 8.45 -41.87
CA PHE A 137 -33.60 8.38 -43.01
C PHE A 137 -32.99 9.70 -43.41
N ALA A 138 -33.52 10.85 -42.98
CA ALA A 138 -33.06 12.17 -43.54
C ALA A 138 -31.80 12.79 -42.89
N SER A 139 -31.48 12.47 -41.66
CA SER A 139 -30.30 13.09 -41.05
C SER A 139 -29.40 12.10 -40.26
N THR A 140 -29.52 10.80 -40.52
CA THR A 140 -28.74 9.80 -39.84
C THR A 140 -28.04 8.82 -40.77
N ASN A 141 -27.31 7.87 -40.15
CA ASN A 141 -26.64 6.73 -40.80
C ASN A 141 -27.52 5.49 -40.94
N LEU A 142 -28.82 5.66 -40.76
CA LEU A 142 -29.69 4.50 -40.83
C LEU A 142 -29.64 3.77 -42.15
N ASP A 143 -29.85 4.49 -43.25
CA ASP A 143 -29.82 3.88 -44.58
C ASP A 143 -28.50 3.18 -44.87
N PHE A 144 -27.39 3.88 -44.60
CA PHE A 144 -26.07 3.28 -44.75
C PHE A 144 -25.88 1.93 -44.00
N ILE A 145 -26.32 1.89 -42.76
CA ILE A 145 -26.08 0.73 -41.92
C ILE A 145 -26.97 -0.43 -42.36
N LEU A 146 -28.24 -0.16 -42.64
CA LEU A 146 -29.14 -1.20 -43.09
C LEU A 146 -28.63 -1.79 -44.38
N ARG A 147 -28.31 -0.95 -45.35
CA ARG A 147 -27.88 -1.48 -46.62
C ARG A 147 -26.55 -2.20 -46.46
N SER A 148 -25.62 -1.64 -45.67
CA SER A 148 -24.33 -2.33 -45.48
C SER A 148 -24.53 -3.71 -44.86
N LYS A 149 -25.49 -3.86 -43.95
CA LYS A 149 -25.73 -5.10 -43.24
C LYS A 149 -26.61 -6.08 -44.04
N GLY A 150 -27.12 -5.66 -45.19
CA GLY A 150 -28.05 -6.47 -45.99
C GLY A 150 -29.49 -6.59 -45.45
N VAL A 151 -29.92 -5.61 -44.68
CA VAL A 151 -31.29 -5.61 -44.20
C VAL A 151 -32.26 -5.10 -45.27
N ASP A 152 -33.28 -5.87 -45.57
CA ASP A 152 -34.31 -5.38 -46.45
C ASP A 152 -35.71 -5.46 -45.81
N THR A 153 -35.78 -5.61 -44.49
CA THR A 153 -37.04 -5.56 -43.78
C THR A 153 -36.86 -4.84 -42.46
N ILE A 154 -37.53 -3.71 -42.28
CA ILE A 154 -37.42 -2.96 -41.01
C ILE A 154 -38.78 -3.01 -40.28
N VAL A 155 -38.74 -3.37 -38.99
CA VAL A 155 -39.90 -3.39 -38.11
C VAL A 155 -39.85 -2.16 -37.25
N LEU A 156 -40.90 -1.34 -37.28
CA LEU A 156 -40.85 0.04 -36.75
C LEU A 156 -41.74 0.19 -35.57
N GLY A 157 -41.23 0.96 -34.61
CA GLY A 157 -41.94 1.30 -33.43
C GLY A 157 -41.45 2.65 -32.94
N GLY A 158 -42.26 3.27 -32.06
CA GLY A 158 -41.89 4.45 -31.31
C GLY A 158 -42.81 5.62 -31.48
N PHE A 159 -42.20 6.81 -31.53
CA PHE A 159 -42.91 8.07 -31.44
C PHE A 159 -42.46 8.96 -32.60
N LEU A 160 -43.31 9.87 -33.07
CA LEU A 160 -44.75 9.86 -32.90
C LEU A 160 -45.39 9.16 -34.07
N THR A 161 -46.44 8.37 -33.77
CA THR A 161 -47.23 7.69 -34.79
C THR A 161 -47.41 8.45 -36.10
N ASN A 162 -47.89 9.70 -36.05
CA ASN A 162 -48.16 10.44 -37.29
C ASN A 162 -47.07 11.40 -37.70
N CYS A 163 -45.96 11.41 -36.96
CA CYS A 163 -44.89 12.30 -37.27
C CYS A 163 -43.65 11.51 -37.73
N CYS A 164 -42.68 11.34 -36.83
CA CYS A 164 -41.43 10.63 -37.09
C CYS A 164 -41.64 9.17 -37.50
N VAL A 165 -42.62 8.48 -36.92
CA VAL A 165 -42.83 7.10 -37.30
C VAL A 165 -43.37 7.07 -38.74
N GLU A 166 -44.36 7.91 -39.00
CA GLU A 166 -44.89 7.93 -40.34
C GLU A 166 -43.86 8.40 -41.37
N SER A 167 -43.02 9.38 -41.01
CA SER A 167 -42.03 9.89 -41.97
C SER A 167 -40.99 8.83 -42.35
N THR A 168 -40.54 8.09 -41.35
CA THR A 168 -39.63 7.01 -41.54
C THR A 168 -40.22 5.86 -42.35
N MET A 169 -41.47 5.51 -42.11
CA MET A 169 -42.22 4.55 -42.92
C MET A 169 -42.30 4.99 -44.40
N ARG A 170 -42.64 6.25 -44.62
CA ARG A 170 -42.78 6.71 -45.99
C ARG A 170 -41.45 6.57 -46.76
N THR A 171 -40.39 7.08 -46.17
CA THR A 171 -39.09 7.04 -46.79
C THR A 171 -38.60 5.57 -46.89
N GLY A 172 -38.80 4.79 -45.85
CA GLY A 172 -38.46 3.37 -45.90
C GLY A 172 -39.05 2.69 -47.12
N TYR A 173 -40.30 3.03 -47.37
CA TYR A 173 -41.04 2.50 -48.48
C TYR A 173 -40.44 2.91 -49.79
N GLU A 174 -40.10 4.19 -49.89
CA GLU A 174 -39.59 4.78 -51.10
C GLU A 174 -38.27 4.10 -51.42
N ARG A 175 -37.57 3.66 -50.38
CA ARG A 175 -36.24 3.15 -50.58
C ARG A 175 -36.24 1.66 -50.69
N GLY A 176 -37.40 1.03 -50.86
CA GLY A 176 -37.47 -0.38 -51.24
C GLY A 176 -37.45 -1.42 -50.12
N PHE A 177 -37.34 -0.97 -48.87
CA PHE A 177 -37.51 -1.81 -47.70
C PHE A 177 -38.93 -2.33 -47.59
N ARG A 178 -39.07 -3.55 -47.11
CA ARG A 178 -40.32 -4.05 -46.63
C ARG A 178 -40.47 -3.47 -45.22
N VAL A 179 -41.27 -2.42 -45.10
CA VAL A 179 -41.57 -1.82 -43.79
C VAL A 179 -42.72 -2.54 -43.06
N ILE A 180 -42.50 -2.89 -41.81
CA ILE A 180 -43.56 -3.43 -40.96
C ILE A 180 -43.72 -2.39 -39.84
N THR A 181 -44.95 -1.90 -39.64
CA THR A 181 -45.26 -0.99 -38.54
C THR A 181 -45.95 -1.77 -37.45
N LEU A 182 -45.49 -1.58 -36.22
CA LEU A 182 -46.01 -2.19 -35.05
C LEU A 182 -47.14 -1.32 -34.52
N THR A 183 -48.37 -1.70 -34.89
CA THR A 183 -49.56 -0.89 -34.60
C THR A 183 -49.78 -0.64 -33.12
N ASP A 184 -49.40 -1.60 -32.27
CA ASP A 184 -49.49 -1.41 -30.81
C ASP A 184 -48.14 -1.13 -30.13
N CYS A 185 -47.15 -0.62 -30.86
CA CYS A 185 -45.87 -0.13 -30.25
C CYS A 185 -45.55 1.27 -30.70
N VAL A 186 -46.57 2.05 -30.97
CA VAL A 186 -46.36 3.43 -31.34
C VAL A 186 -47.34 4.31 -30.57
N ALA A 187 -47.04 5.60 -30.47
CA ALA A 187 -47.91 6.55 -29.77
C ALA A 187 -47.80 7.94 -30.38
N ALA A 188 -48.85 8.74 -30.13
CA ALA A 188 -48.96 10.07 -30.63
C ALA A 188 -49.52 10.97 -29.55
N THR A 189 -49.73 12.22 -29.91
CA THR A 189 -50.21 13.19 -28.96
C THR A 189 -51.75 13.16 -28.89
N SER A 190 -52.40 12.39 -29.74
CA SER A 190 -53.84 12.29 -29.74
C SER A 190 -54.24 10.92 -30.22
N GLN A 191 -55.23 10.34 -29.56
CA GLN A 191 -55.76 9.04 -29.95
C GLN A 191 -56.32 9.14 -31.37
N GLU A 192 -57.01 10.26 -31.65
CA GLU A 192 -57.61 10.50 -32.94
C GLU A 192 -56.50 10.53 -34.02
N GLU A 193 -55.47 11.35 -33.82
CA GLU A 193 -54.30 11.41 -34.75
C GLU A 193 -53.67 10.03 -34.91
N HIS A 194 -53.51 9.33 -33.80
CA HIS A 194 -52.95 7.98 -33.79
C HIS A 194 -53.72 6.98 -34.65
N ASN A 195 -55.02 6.88 -34.41
CA ASN A 195 -55.90 5.90 -35.07
C ASN A 195 -56.02 6.17 -36.57
N ASN A 196 -56.06 7.44 -36.94
CA ASN A 196 -56.24 7.82 -38.33
C ASN A 196 -54.96 7.43 -39.12
N ALA A 197 -53.81 7.84 -38.63
CA ALA A 197 -52.54 7.42 -39.19
C ALA A 197 -52.47 5.89 -39.38
N ILE A 198 -52.81 5.13 -38.35
CA ILE A 198 -52.72 3.67 -38.45
C ILE A 198 -53.67 3.08 -39.51
N SER A 199 -54.94 3.53 -39.53
CA SER A 199 -55.98 2.98 -40.42
C SER A 199 -55.87 3.43 -41.88
N TYR A 200 -55.51 4.69 -42.09
CA TYR A 200 -55.50 5.30 -43.40
C TYR A 200 -54.10 5.26 -44.07
N ASP A 201 -53.08 5.79 -43.37
CA ASP A 201 -51.73 6.00 -43.92
C ASP A 201 -50.84 4.73 -43.87
N PHE A 202 -50.79 4.07 -42.73
CA PHE A 202 -49.91 2.94 -42.56
C PHE A 202 -50.03 1.85 -43.64
N PRO A 203 -51.24 1.51 -44.12
CA PRO A 203 -51.35 0.44 -45.15
C PRO A 203 -50.88 0.79 -46.57
N MET A 204 -50.75 2.08 -46.85
CA MET A 204 -50.20 2.56 -48.12
C MET A 204 -48.67 2.40 -48.17
N PHE A 205 -48.02 2.37 -47.01
CA PHE A 205 -46.55 2.43 -46.99
C PHE A 205 -45.95 1.27 -46.22
N SER A 206 -46.80 0.38 -45.69
CA SER A 206 -46.31 -0.66 -44.80
C SER A 206 -47.22 -1.88 -44.71
N VAL A 207 -46.75 -2.85 -43.95
CA VAL A 207 -47.57 -4.00 -43.57
C VAL A 207 -47.78 -3.85 -42.06
N PRO A 208 -48.93 -3.30 -41.65
CA PRO A 208 -49.14 -3.12 -40.21
C PRO A 208 -49.39 -4.46 -39.49
N MET A 209 -48.69 -4.65 -38.37
CA MET A 209 -48.90 -5.82 -37.53
C MET A 209 -48.92 -5.47 -36.05
N THR A 210 -49.36 -6.43 -35.27
CA THR A 210 -49.36 -6.28 -33.85
C THR A 210 -48.03 -6.82 -33.36
N SER A 211 -47.69 -6.45 -32.14
CA SER A 211 -46.59 -7.03 -31.42
C SER A 211 -46.66 -8.56 -31.46
N ALA A 212 -47.81 -9.10 -31.06
CA ALA A 212 -47.99 -10.55 -31.02
C ALA A 212 -47.72 -11.25 -32.36
N ASP A 213 -48.21 -10.67 -33.46
CA ASP A 213 -47.98 -11.21 -34.79
C ASP A 213 -46.49 -11.27 -35.14
N VAL A 214 -45.78 -10.18 -34.81
CA VAL A 214 -44.36 -10.05 -35.07
C VAL A 214 -43.58 -11.06 -34.26
N ILE A 215 -43.85 -11.11 -32.96
CA ILE A 215 -43.23 -12.08 -32.06
C ILE A 215 -43.40 -13.51 -32.61
N ALA A 216 -44.62 -13.88 -32.99
CA ALA A 216 -44.84 -15.22 -33.53
C ALA A 216 -44.02 -15.45 -34.82
N ALA A 217 -43.96 -14.46 -35.71
CA ALA A 217 -43.11 -14.56 -36.90
C ALA A 217 -41.64 -14.75 -36.52
N LEU A 218 -41.16 -14.05 -35.50
CA LEU A 218 -39.76 -14.15 -35.04
C LEU A 218 -39.39 -15.52 -34.53
N GLU A 219 -40.37 -16.22 -33.95
CA GLU A 219 -40.17 -17.59 -33.44
C GLU A 219 -40.65 -18.57 -34.54
N GLU B 20 -45.17 36.51 -47.23
CA GLU B 20 -44.22 37.24 -48.14
C GLU B 20 -43.41 36.27 -48.99
N LEU B 21 -43.41 36.51 -50.33
CA LEU B 21 -42.79 35.61 -51.33
C LEU B 21 -41.83 36.33 -52.27
N ASP B 22 -40.58 35.87 -52.31
CA ASP B 22 -39.58 36.31 -53.25
C ASP B 22 -39.70 35.45 -54.50
N PRO B 23 -40.05 36.05 -55.64
CA PRO B 23 -40.23 35.29 -56.88
C PRO B 23 -38.95 34.58 -57.40
N ALA B 24 -37.79 35.18 -57.16
CA ALA B 24 -36.54 34.58 -57.57
C ALA B 24 -36.16 33.35 -56.70
N ARG B 25 -36.95 33.07 -55.66
CA ARG B 25 -36.60 32.03 -54.70
C ARG B 25 -37.77 31.09 -54.38
N THR B 26 -38.76 31.05 -55.28
CA THR B 26 -39.98 30.31 -55.07
C THR B 26 -40.30 29.48 -56.29
N ALA B 27 -40.89 28.32 -56.07
CA ALA B 27 -41.42 27.53 -57.18
C ALA B 27 -42.75 26.92 -56.78
N ILE B 28 -43.64 26.77 -57.76
CA ILE B 28 -44.92 26.08 -57.61
C ILE B 28 -44.72 24.65 -58.03
N VAL B 29 -45.04 23.69 -57.20
CA VAL B 29 -44.82 22.30 -57.57
C VAL B 29 -46.15 21.60 -57.59
N LEU B 30 -46.46 21.07 -58.79
CA LEU B 30 -47.77 20.50 -59.06
C LEU B 30 -47.66 19.02 -59.23
N ILE B 31 -48.17 18.27 -58.26
CA ILE B 31 -47.98 16.84 -58.24
C ILE B 31 -49.15 16.15 -58.99
N GLU B 32 -48.85 15.51 -60.10
CA GLU B 32 -49.79 14.57 -60.71
C GLU B 32 -51.12 15.15 -61.20
N TYR B 33 -51.12 16.36 -61.72
CA TYR B 33 -52.29 16.85 -62.45
C TYR B 33 -52.37 16.15 -63.80
N GLN B 34 -52.62 14.84 -63.75
CA GLN B 34 -52.71 14.00 -64.91
C GLN B 34 -54.11 13.41 -65.08
N ASN B 35 -54.49 13.23 -66.36
CA ASN B 35 -55.86 12.86 -66.73
C ASN B 35 -56.34 11.66 -65.91
N GLU B 36 -55.45 10.72 -65.61
CA GLU B 36 -55.77 9.54 -64.85
C GLU B 36 -56.46 9.83 -63.52
N PHE B 37 -56.16 10.99 -62.93
CA PHE B 37 -56.87 11.47 -61.75
C PHE B 37 -57.95 12.48 -62.14
N THR B 38 -57.58 13.44 -62.99
CA THR B 38 -58.33 14.70 -63.15
C THR B 38 -59.54 14.57 -64.06
N SER B 39 -59.50 13.63 -65.01
CA SER B 39 -60.47 13.62 -66.12
C SER B 39 -61.35 12.38 -66.21
N ASP B 40 -62.63 12.61 -66.56
CA ASP B 40 -63.56 11.55 -66.92
C ASP B 40 -62.86 10.60 -67.89
N GLY B 41 -62.89 9.30 -67.57
CA GLY B 41 -62.18 8.26 -68.33
C GLY B 41 -60.88 7.80 -67.67
N GLY B 42 -60.17 8.72 -67.03
CA GLY B 42 -59.08 8.40 -66.14
C GLY B 42 -59.45 7.31 -65.16
N VAL B 43 -58.62 6.27 -65.12
CA VAL B 43 -58.78 5.09 -64.27
C VAL B 43 -59.12 5.39 -62.82
N LEU B 44 -58.52 6.43 -62.29
CA LEU B 44 -58.62 6.72 -60.89
C LEU B 44 -59.42 7.98 -60.71
N HIS B 45 -60.02 8.49 -61.77
CA HIS B 45 -60.70 9.77 -61.64
C HIS B 45 -61.92 9.63 -60.76
N GLY B 46 -62.62 8.50 -60.94
CA GLY B 46 -63.76 8.18 -60.10
C GLY B 46 -63.51 8.27 -58.60
N ALA B 47 -62.35 7.78 -58.17
CA ALA B 47 -62.02 7.74 -56.75
C ALA B 47 -61.67 9.12 -56.15
N VAL B 48 -61.30 10.10 -56.98
CA VAL B 48 -61.01 11.45 -56.48
C VAL B 48 -62.00 12.52 -56.89
N ALA B 49 -62.99 12.18 -57.70
CA ALA B 49 -63.97 13.15 -58.20
C ALA B 49 -64.64 13.93 -57.02
N ASP B 50 -65.03 13.21 -55.98
CA ASP B 50 -65.82 13.83 -54.90
C ASP B 50 -65.02 14.97 -54.26
N VAL B 51 -63.80 14.68 -53.84
CA VAL B 51 -62.94 15.70 -53.23
C VAL B 51 -62.51 16.80 -54.22
N MET B 52 -62.24 16.43 -55.46
CA MET B 52 -61.96 17.45 -56.51
C MET B 52 -63.09 18.47 -56.51
N GLN B 53 -64.31 17.96 -56.54
CA GLN B 53 -65.51 18.80 -56.58
C GLN B 53 -65.62 19.62 -55.31
N HIS B 54 -65.56 18.98 -54.15
CA HIS B 54 -65.77 19.71 -52.92
C HIS B 54 -64.75 20.84 -52.71
N THR B 55 -63.53 20.71 -53.22
CA THR B 55 -62.49 21.71 -52.96
C THR B 55 -62.38 22.74 -54.07
N GLY B 56 -62.74 22.32 -55.28
CA GLY B 56 -62.57 23.13 -56.50
C GLY B 56 -61.12 23.20 -56.95
N MET B 57 -60.41 22.11 -56.67
CA MET B 57 -58.97 22.14 -56.72
C MET B 57 -58.47 22.48 -58.07
N LEU B 58 -59.15 21.98 -59.09
CA LEU B 58 -58.66 22.17 -60.44
C LEU B 58 -58.64 23.65 -60.84
N ALA B 59 -59.78 24.33 -60.66
CA ALA B 59 -59.90 25.75 -61.03
C ALA B 59 -59.01 26.63 -60.10
N ASN B 60 -58.95 26.32 -58.81
CA ASN B 60 -58.08 27.07 -57.89
C ASN B 60 -56.62 26.96 -58.32
N THR B 61 -56.22 25.77 -58.71
CA THR B 61 -54.86 25.57 -59.19
C THR B 61 -54.57 26.38 -60.45
N VAL B 62 -55.45 26.31 -61.44
CA VAL B 62 -55.32 27.16 -62.62
C VAL B 62 -55.11 28.64 -62.21
N ALA B 63 -55.90 29.12 -61.27
CA ALA B 63 -55.79 30.49 -60.81
C ALA B 63 -54.40 30.74 -60.19
N VAL B 64 -54.00 29.85 -59.28
CA VAL B 64 -52.67 29.95 -58.70
C VAL B 64 -51.57 29.97 -59.77
N VAL B 65 -51.59 29.01 -60.68
CA VAL B 65 -50.58 28.93 -61.76
C VAL B 65 -50.52 30.20 -62.62
N ASP B 66 -51.69 30.74 -63.00
CA ASP B 66 -51.76 31.99 -63.73
C ASP B 66 -51.14 33.16 -62.98
N ALA B 67 -51.38 33.23 -61.67
CA ALA B 67 -50.83 34.31 -60.85
C ALA B 67 -49.32 34.14 -60.76
N ALA B 68 -48.89 32.88 -60.58
CA ALA B 68 -47.48 32.55 -60.55
C ALA B 68 -46.80 32.95 -61.84
N ARG B 69 -47.43 32.67 -62.98
CA ARG B 69 -46.81 33.05 -64.27
C ARG B 69 -46.61 34.54 -64.38
N GLN B 70 -47.66 35.28 -64.06
CA GLN B 70 -47.60 36.74 -64.11
C GLN B 70 -46.44 37.26 -63.26
N ALA B 71 -46.27 36.62 -62.09
CA ALA B 71 -45.33 37.08 -61.09
C ALA B 71 -43.89 36.72 -61.42
N GLY B 72 -43.70 35.75 -62.31
CA GLY B 72 -42.38 35.29 -62.77
C GLY B 72 -41.90 34.06 -62.03
N VAL B 73 -42.80 33.39 -61.33
CA VAL B 73 -42.46 32.28 -60.50
C VAL B 73 -42.55 30.97 -61.32
N PRO B 74 -41.45 30.19 -61.37
CA PRO B 74 -41.41 29.01 -62.19
C PRO B 74 -42.43 27.97 -61.79
N ILE B 75 -43.00 27.32 -62.79
CA ILE B 75 -44.01 26.32 -62.59
C ILE B 75 -43.36 24.99 -62.89
N MET B 76 -43.49 24.05 -61.97
CA MET B 76 -42.85 22.74 -62.06
C MET B 76 -43.92 21.71 -61.83
N HIS B 77 -44.22 20.93 -62.88
CA HIS B 77 -45.18 19.83 -62.78
C HIS B 77 -44.42 18.56 -62.49
N ALA B 78 -44.98 17.70 -61.65
CA ALA B 78 -44.35 16.43 -61.34
C ALA B 78 -45.31 15.28 -61.63
N PRO B 79 -45.33 14.81 -62.88
CA PRO B 79 -46.20 13.69 -63.23
C PRO B 79 -45.58 12.38 -62.83
N ILE B 80 -46.39 11.38 -62.55
CA ILE B 80 -45.91 10.04 -62.28
C ILE B 80 -46.23 9.15 -63.50
N THR B 81 -45.25 8.39 -63.95
CA THR B 81 -45.37 7.53 -65.11
C THR B 81 -44.65 6.18 -64.89
N PHE B 82 -45.00 5.18 -65.67
CA PHE B 82 -44.32 3.88 -65.63
C PHE B 82 -44.23 3.30 -67.02
N ALA B 83 -43.08 2.73 -67.35
CA ALA B 83 -42.92 2.05 -68.62
C ALA B 83 -43.91 0.89 -68.65
N GLU B 84 -44.51 0.65 -69.83
CA GLU B 84 -45.58 -0.33 -69.94
C GLU B 84 -45.10 -1.67 -69.46
N GLY B 85 -45.92 -2.34 -68.63
CA GLY B 85 -45.61 -3.68 -68.09
C GLY B 85 -45.06 -3.61 -66.68
N TYR B 86 -44.86 -2.40 -66.17
CA TYR B 86 -44.39 -2.19 -64.78
C TYR B 86 -43.06 -2.90 -64.40
N GLY B 87 -42.21 -3.17 -65.39
CA GLY B 87 -40.89 -3.79 -65.19
C GLY B 87 -39.91 -2.91 -64.41
N GLU B 88 -40.14 -1.61 -64.37
CA GLU B 88 -39.37 -0.73 -63.52
C GLU B 88 -39.57 -1.00 -62.00
N LEU B 89 -40.56 -1.83 -61.65
CA LEU B 89 -40.89 -2.13 -60.26
C LEU B 89 -40.76 -3.59 -59.93
N THR B 90 -40.84 -3.87 -58.64
CA THR B 90 -40.94 -5.23 -58.14
C THR B 90 -42.16 -5.90 -58.79
N ARG B 91 -42.03 -7.18 -59.14
CA ARG B 91 -43.17 -7.92 -59.67
C ARG B 91 -44.19 -8.24 -58.58
N HIS B 92 -43.89 -7.90 -57.32
CA HIS B 92 -44.75 -8.23 -56.18
C HIS B 92 -44.90 -7.05 -55.26
N PRO B 93 -45.47 -5.96 -55.75
CA PRO B 93 -45.61 -4.79 -54.93
C PRO B 93 -46.60 -4.93 -53.78
N TYR B 94 -46.38 -4.10 -52.76
CA TYR B 94 -47.34 -3.97 -51.65
C TYR B 94 -47.60 -2.50 -51.41
N GLY B 95 -48.59 -2.24 -50.55
CA GLY B 95 -49.04 -0.89 -50.29
C GLY B 95 -49.60 -0.21 -51.51
N ILE B 96 -49.51 1.10 -51.54
CA ILE B 96 -50.31 1.93 -52.42
C ILE B 96 -49.93 1.66 -53.90
N LEU B 97 -48.66 1.34 -54.16
CA LEU B 97 -48.23 1.11 -55.56
C LEU B 97 -48.85 -0.16 -56.16
N LYS B 98 -49.25 -1.09 -55.31
CA LYS B 98 -49.93 -2.30 -55.78
C LYS B 98 -51.21 -1.93 -56.50
N GLY B 99 -51.87 -0.87 -56.04
CA GLY B 99 -53.11 -0.40 -56.65
C GLY B 99 -52.85 0.28 -58.00
N VAL B 100 -51.72 0.96 -58.09
CA VAL B 100 -51.30 1.57 -59.34
C VAL B 100 -51.02 0.51 -60.44
N VAL B 101 -50.36 -0.58 -60.06
CA VAL B 101 -50.05 -1.66 -61.00
C VAL B 101 -51.29 -2.48 -61.37
N ASP B 102 -52.08 -2.87 -60.38
CA ASP B 102 -53.27 -3.69 -60.65
C ASP B 102 -54.30 -2.88 -61.42
N GLY B 103 -54.33 -1.58 -61.19
CA GLY B 103 -55.22 -0.68 -61.91
C GLY B 103 -54.78 -0.29 -63.32
N LYS B 104 -53.52 -0.58 -63.66
CA LYS B 104 -52.95 -0.25 -64.97
C LYS B 104 -52.96 1.26 -65.25
N ALA B 105 -52.65 2.04 -64.23
CA ALA B 105 -52.74 3.49 -64.28
C ALA B 105 -51.35 4.10 -64.52
N PHE B 106 -51.35 5.27 -65.15
CA PHE B 106 -50.17 6.11 -65.38
C PHE B 106 -49.13 5.46 -66.29
N VAL B 107 -49.59 4.62 -67.21
CA VAL B 107 -48.71 4.03 -68.21
C VAL B 107 -48.12 5.12 -69.13
N LYS B 108 -46.82 5.05 -69.34
CA LYS B 108 -46.09 6.07 -70.08
C LYS B 108 -46.55 6.18 -71.53
N GLY B 109 -46.78 7.43 -71.94
CA GLY B 109 -47.25 7.80 -73.26
C GLY B 109 -48.75 7.69 -73.48
N THR B 110 -49.51 7.17 -72.51
CA THR B 110 -50.96 7.06 -72.69
C THR B 110 -51.61 8.39 -72.33
N TRP B 111 -52.84 8.57 -72.79
CA TRP B 111 -53.66 9.74 -72.40
C TRP B 111 -53.77 9.95 -70.87
N GLY B 112 -53.86 8.88 -70.09
CA GLY B 112 -54.01 8.98 -68.65
C GLY B 112 -52.82 9.61 -67.97
N ALA B 113 -51.62 9.24 -68.42
CA ALA B 113 -50.36 9.81 -67.95
C ALA B 113 -50.15 11.28 -68.34
N ALA B 114 -50.95 11.82 -69.23
CA ALA B 114 -50.74 13.17 -69.70
C ALA B 114 -51.33 14.19 -68.74
N ILE B 115 -50.63 15.32 -68.67
CA ILE B 115 -51.05 16.43 -67.87
C ILE B 115 -52.32 16.94 -68.49
N VAL B 116 -53.26 17.31 -67.62
CA VAL B 116 -54.56 17.72 -68.04
C VAL B 116 -54.43 19.03 -68.80
N ASP B 117 -55.24 19.18 -69.86
CA ASP B 117 -55.13 20.26 -70.85
C ASP B 117 -55.09 21.65 -70.23
N GLU B 118 -55.94 21.86 -69.23
CA GLU B 118 -56.03 23.14 -68.53
C GLU B 118 -54.67 23.55 -67.92
N LEU B 119 -53.86 22.56 -67.55
CA LEU B 119 -52.56 22.83 -66.93
C LEU B 119 -51.39 22.31 -67.80
N ALA B 120 -51.57 22.26 -69.11
CA ALA B 120 -50.51 21.82 -70.03
C ALA B 120 -49.26 22.72 -69.93
N PRO B 121 -48.08 22.09 -69.87
CA PRO B 121 -46.86 22.89 -69.73
C PRO B 121 -46.71 23.81 -70.91
N VAL B 122 -46.27 25.04 -70.65
CA VAL B 122 -46.20 26.07 -71.70
C VAL B 122 -44.86 26.77 -71.55
N ASN B 123 -44.32 27.18 -72.70
CA ASN B 123 -42.98 27.81 -72.82
C ASN B 123 -42.40 28.29 -71.51
N GLY B 124 -41.32 27.62 -71.07
CA GLY B 124 -40.68 27.95 -69.76
C GLY B 124 -40.95 27.01 -68.58
N ASP B 125 -42.15 26.45 -68.49
CA ASP B 125 -42.50 25.53 -67.41
C ASP B 125 -41.56 24.33 -67.38
N ILE B 126 -41.26 23.84 -66.19
CA ILE B 126 -40.35 22.72 -66.06
C ILE B 126 -41.20 21.51 -65.80
N VAL B 127 -40.84 20.39 -66.42
CA VAL B 127 -41.47 19.09 -66.15
C VAL B 127 -40.42 18.18 -65.43
N ILE B 128 -40.55 18.09 -64.11
CA ILE B 128 -39.75 17.24 -63.28
C ILE B 128 -39.83 15.83 -63.83
N GLU B 129 -38.70 15.13 -63.90
CA GLU B 129 -38.66 13.79 -64.46
C GLU B 129 -38.36 12.70 -63.43
N GLY B 130 -38.92 11.53 -63.64
CA GLY B 130 -38.45 10.31 -63.01
C GLY B 130 -39.35 9.71 -61.95
N LYS B 131 -40.42 10.42 -61.59
CA LYS B 131 -41.26 10.04 -60.46
C LYS B 131 -41.81 8.67 -60.66
N ARG B 132 -41.45 7.77 -59.75
CA ARG B 132 -42.01 6.40 -59.72
C ARG B 132 -42.69 6.07 -58.40
N GLY B 133 -42.33 6.77 -57.34
CA GLY B 133 -42.89 6.52 -56.03
C GLY B 133 -43.74 7.70 -55.63
N LEU B 134 -43.96 7.84 -54.32
CA LEU B 134 -44.94 8.80 -53.81
C LEU B 134 -44.33 10.16 -53.52
N ASP B 135 -43.16 10.13 -52.89
CA ASP B 135 -42.43 11.36 -52.54
C ASP B 135 -41.73 11.92 -53.79
N THR B 136 -42.01 13.15 -54.18
CA THR B 136 -41.39 13.66 -55.39
C THR B 136 -39.88 13.74 -55.26
N PHE B 137 -39.39 13.93 -54.05
CA PHE B 137 -37.97 13.98 -53.78
C PHE B 137 -37.21 12.66 -53.94
N ALA B 138 -37.87 11.53 -53.74
CA ALA B 138 -37.21 10.23 -53.66
C ALA B 138 -36.88 9.60 -55.02
N SER B 139 -37.54 10.01 -56.11
CA SER B 139 -37.24 9.38 -57.41
C SER B 139 -37.11 10.31 -58.58
N THR B 140 -36.87 11.59 -58.32
CA THR B 140 -36.85 12.61 -59.37
C THR B 140 -35.68 13.59 -59.24
N ASN B 141 -35.65 14.54 -60.17
CA ASN B 141 -34.67 15.57 -60.26
C ASN B 141 -35.13 16.85 -59.64
N LEU B 142 -36.20 16.78 -58.88
CA LEU B 142 -36.70 17.95 -58.16
C LEU B 142 -35.65 18.64 -57.27
N ASP B 143 -35.01 17.92 -56.34
CA ASP B 143 -34.05 18.60 -55.42
C ASP B 143 -32.98 19.31 -56.22
N PHE B 144 -32.39 18.59 -57.17
CA PHE B 144 -31.30 19.14 -57.95
C PHE B 144 -31.72 20.43 -58.62
N ILE B 145 -32.89 20.42 -59.23
CA ILE B 145 -33.34 21.59 -59.98
C ILE B 145 -33.70 22.72 -59.05
N LEU B 146 -34.41 22.42 -57.97
CA LEU B 146 -34.69 23.43 -56.97
C LEU B 146 -33.43 24.07 -56.44
N ARG B 147 -32.47 23.26 -56.03
CA ARG B 147 -31.22 23.84 -55.47
C ARG B 147 -30.41 24.60 -56.51
N SER B 148 -30.26 24.06 -57.72
CA SER B 148 -29.50 24.76 -58.77
C SER B 148 -30.13 26.12 -59.10
N LYS B 149 -31.44 26.22 -59.15
CA LYS B 149 -32.08 27.49 -59.47
C LYS B 149 -32.18 28.41 -58.27
N GLY B 150 -31.83 27.95 -57.07
CA GLY B 150 -31.80 28.84 -55.90
C GLY B 150 -33.15 29.04 -55.23
N VAL B 151 -34.01 28.04 -55.33
CA VAL B 151 -35.33 28.10 -54.78
C VAL B 151 -35.33 27.63 -53.35
N ASP B 152 -35.88 28.38 -52.44
CA ASP B 152 -35.92 27.92 -51.07
C ASP B 152 -37.35 27.85 -50.53
N THR B 153 -38.33 28.19 -51.37
CA THR B 153 -39.73 28.07 -50.97
C THR B 153 -40.49 27.32 -52.06
N ILE B 154 -41.15 26.25 -51.65
CA ILE B 154 -41.98 25.49 -52.57
C ILE B 154 -43.46 25.58 -52.19
N VAL B 155 -44.30 25.85 -53.19
CA VAL B 155 -45.72 25.89 -53.03
C VAL B 155 -46.30 24.61 -53.66
N LEU B 156 -47.00 23.80 -52.88
CA LEU B 156 -47.37 22.46 -53.28
C LEU B 156 -48.84 22.35 -53.48
N GLY B 157 -49.24 21.69 -54.57
CA GLY B 157 -50.61 21.33 -54.80
C GLY B 157 -50.66 20.07 -55.60
N GLY B 158 -51.82 19.42 -55.63
CA GLY B 158 -52.00 18.23 -56.43
C GLY B 158 -52.53 17.02 -55.69
N PHE B 159 -52.15 15.84 -56.19
CA PHE B 159 -52.66 14.55 -55.67
C PHE B 159 -51.51 13.66 -55.14
N LEU B 160 -51.75 12.76 -54.17
CA LEU B 160 -52.93 12.76 -53.32
C LEU B 160 -52.57 13.41 -51.99
N THR B 161 -53.58 14.08 -51.39
CA THR B 161 -53.45 14.82 -50.17
C THR B 161 -52.74 14.04 -49.09
N ASN B 162 -53.17 12.81 -48.79
CA ASN B 162 -52.55 12.03 -47.73
C ASN B 162 -51.36 11.18 -48.21
N CYS B 163 -51.09 11.17 -49.50
CA CYS B 163 -50.05 10.30 -50.07
C CYS B 163 -48.86 11.13 -50.61
N CYS B 164 -48.82 11.33 -51.90
CA CYS B 164 -47.77 12.01 -52.57
C CYS B 164 -47.64 13.43 -52.12
N VAL B 165 -48.73 14.10 -51.76
CA VAL B 165 -48.56 15.51 -51.30
C VAL B 165 -47.91 15.52 -49.91
N GLU B 166 -48.36 14.65 -49.04
CA GLU B 166 -47.81 14.58 -47.70
C GLU B 166 -46.35 14.07 -47.70
N SER B 167 -46.04 13.11 -48.56
CA SER B 167 -44.65 12.63 -48.59
C SER B 167 -43.72 13.72 -49.08
N THR B 168 -44.15 14.47 -50.07
CA THR B 168 -43.32 15.51 -50.66
C THR B 168 -43.11 16.63 -49.67
N MET B 169 -44.16 16.97 -48.95
CA MET B 169 -44.12 18.07 -47.99
C MET B 169 -43.17 17.66 -46.83
N ARG B 170 -43.31 16.43 -46.30
CA ARG B 170 -42.47 15.92 -45.21
C ARG B 170 -40.99 15.97 -45.57
N THR B 171 -40.64 15.51 -46.77
CA THR B 171 -39.25 15.53 -47.23
C THR B 171 -38.78 16.92 -47.51
N GLY B 172 -39.65 17.79 -48.02
CA GLY B 172 -39.28 19.20 -48.23
C GLY B 172 -38.85 19.94 -46.97
N TYR B 173 -39.58 19.70 -45.91
CA TYR B 173 -39.29 20.29 -44.63
C TYR B 173 -38.02 19.71 -44.07
N GLU B 174 -37.86 18.39 -44.14
CA GLU B 174 -36.59 17.76 -43.72
C GLU B 174 -35.40 18.38 -44.45
N ARG B 175 -35.60 18.78 -45.70
CA ARG B 175 -34.48 19.31 -46.47
C ARG B 175 -34.33 20.83 -46.32
N GLY B 176 -35.14 21.47 -45.47
CA GLY B 176 -34.90 22.88 -45.16
C GLY B 176 -35.63 23.87 -46.05
N PHE B 177 -36.48 23.37 -46.96
CA PHE B 177 -37.37 24.25 -47.71
C PHE B 177 -38.45 24.83 -46.83
N ARG B 178 -38.84 26.07 -47.09
CA ARG B 178 -40.11 26.59 -46.59
C ARG B 178 -41.21 26.01 -47.47
N VAL B 179 -41.98 25.07 -46.94
CA VAL B 179 -43.04 24.42 -47.73
C VAL B 179 -44.35 25.09 -47.41
N ILE B 180 -44.97 25.68 -48.43
CA ILE B 180 -46.32 26.23 -48.34
C ILE B 180 -47.28 25.26 -49.00
N THR B 181 -48.24 24.72 -48.27
CA THR B 181 -49.21 23.76 -48.81
C THR B 181 -50.57 24.49 -49.13
N LEU B 182 -51.00 24.38 -50.38
CA LEU B 182 -52.26 24.96 -50.82
C LEU B 182 -53.44 24.11 -50.37
N THR B 183 -54.10 24.49 -49.31
CA THR B 183 -55.12 23.61 -48.72
C THR B 183 -56.35 23.41 -49.65
N ASP B 184 -56.55 24.28 -50.63
CA ASP B 184 -57.67 24.11 -51.56
C ASP B 184 -57.22 23.76 -52.97
N CYS B 185 -55.93 23.41 -53.13
CA CYS B 185 -55.45 22.90 -54.41
C CYS B 185 -54.90 21.48 -54.28
N VAL B 186 -55.55 20.65 -53.47
CA VAL B 186 -55.18 19.25 -53.31
C VAL B 186 -56.41 18.36 -53.15
N ALA B 187 -56.25 17.05 -53.39
CA ALA B 187 -57.37 16.11 -53.37
C ALA B 187 -56.94 14.69 -53.05
N ALA B 188 -57.87 13.93 -52.50
CA ALA B 188 -57.62 12.56 -52.05
C ALA B 188 -58.78 11.65 -52.47
N THR B 189 -58.72 10.39 -52.07
CA THR B 189 -59.76 9.45 -52.47
C THR B 189 -60.88 9.46 -51.44
N SER B 190 -60.57 9.97 -50.25
CA SER B 190 -61.55 10.07 -49.17
C SER B 190 -61.56 11.51 -48.63
N GLN B 191 -62.73 12.11 -48.47
CA GLN B 191 -62.82 13.45 -47.89
C GLN B 191 -62.31 13.46 -46.43
N GLU B 192 -62.64 12.40 -45.69
CA GLU B 192 -62.23 12.27 -44.32
C GLU B 192 -60.70 12.32 -44.23
N GLU B 193 -60.02 11.55 -45.09
CA GLU B 193 -58.54 11.48 -45.06
C GLU B 193 -58.01 12.83 -45.51
N HIS B 194 -58.65 13.41 -46.49
CA HIS B 194 -58.22 14.72 -46.98
C HIS B 194 -58.22 15.76 -45.85
N ASN B 195 -59.29 15.82 -45.05
CA ASN B 195 -59.42 16.88 -44.07
C ASN B 195 -58.48 16.59 -42.91
N ASN B 196 -58.37 15.31 -42.55
CA ASN B 196 -57.54 14.92 -41.40
C ASN B 196 -56.05 15.23 -41.64
N ALA B 197 -55.56 14.92 -42.84
CA ALA B 197 -54.18 15.27 -43.24
C ALA B 197 -53.96 16.76 -43.17
N ILE B 198 -54.91 17.54 -43.65
CA ILE B 198 -54.77 18.99 -43.65
C ILE B 198 -54.79 19.54 -42.24
N SER B 199 -55.64 18.96 -41.38
CA SER B 199 -55.82 19.45 -40.01
C SER B 199 -54.67 19.09 -39.11
N TYR B 200 -54.31 17.81 -39.14
CA TYR B 200 -53.34 17.27 -38.24
C TYR B 200 -51.89 17.33 -38.77
N ASP B 201 -51.68 16.94 -40.02
CA ASP B 201 -50.28 16.71 -40.45
C ASP B 201 -49.66 17.91 -41.17
N PHE B 202 -50.44 18.61 -41.98
CA PHE B 202 -49.89 19.72 -42.75
C PHE B 202 -49.23 20.79 -41.86
N PRO B 203 -49.85 21.16 -40.72
CA PRO B 203 -49.21 22.16 -39.85
C PRO B 203 -47.85 21.74 -39.26
N MET B 204 -47.63 20.44 -39.07
CA MET B 204 -46.36 19.96 -38.58
C MET B 204 -45.22 20.23 -39.57
N PHE B 205 -45.51 20.29 -40.87
CA PHE B 205 -44.44 20.29 -41.89
C PHE B 205 -44.51 21.36 -42.92
N SER B 206 -45.43 22.31 -42.78
CA SER B 206 -45.63 23.34 -43.81
C SER B 206 -46.34 24.52 -43.24
N VAL B 207 -46.38 25.60 -44.01
CA VAL B 207 -47.30 26.72 -43.79
C VAL B 207 -48.47 26.49 -44.74
N PRO B 208 -49.64 26.06 -44.20
CA PRO B 208 -50.81 25.87 -45.04
C PRO B 208 -51.49 27.19 -45.36
N MET B 209 -51.92 27.35 -46.60
CA MET B 209 -52.58 28.57 -47.08
C MET B 209 -53.60 28.22 -48.12
N THR B 210 -54.57 29.12 -48.32
CA THR B 210 -55.56 29.00 -49.39
C THR B 210 -54.94 29.52 -50.64
N SER B 211 -55.45 29.07 -51.78
CA SER B 211 -55.06 29.63 -53.08
C SER B 211 -55.17 31.14 -53.08
N ALA B 212 -56.29 31.65 -52.58
CA ALA B 212 -56.50 33.09 -52.52
C ALA B 212 -55.32 33.78 -51.80
N ASP B 213 -54.93 33.28 -50.63
CA ASP B 213 -53.86 33.91 -49.88
C ASP B 213 -52.51 33.78 -50.59
N VAL B 214 -52.30 32.71 -51.34
CA VAL B 214 -51.02 32.55 -52.09
C VAL B 214 -50.98 33.50 -53.27
N ILE B 215 -52.10 33.62 -53.98
CA ILE B 215 -52.25 34.60 -55.09
C ILE B 215 -52.06 36.04 -54.64
N ALA B 216 -52.56 36.40 -53.47
CA ALA B 216 -52.30 37.76 -52.97
C ALA B 216 -50.79 37.99 -52.77
N ALA B 217 -50.13 36.99 -52.18
CA ALA B 217 -48.70 37.06 -51.92
C ALA B 217 -47.92 37.06 -53.21
N LEU B 218 -48.38 36.29 -54.19
CA LEU B 218 -47.76 36.30 -55.50
C LEU B 218 -47.99 37.59 -56.23
N GLU B 219 -49.14 38.22 -55.99
CA GLU B 219 -49.49 39.48 -56.58
C GLU B 219 -48.80 40.57 -55.76
N GLU C 20 -14.94 36.17 -52.49
CA GLU C 20 -16.18 36.74 -51.81
C GLU C 20 -16.96 35.75 -50.94
N LEU C 21 -16.99 35.98 -49.63
CA LEU C 21 -17.61 35.07 -48.66
C LEU C 21 -18.57 35.81 -47.73
N ASP C 22 -19.75 35.23 -47.50
CA ASP C 22 -20.71 35.77 -46.55
C ASP C 22 -20.72 34.88 -45.31
N PRO C 23 -20.31 35.43 -44.15
CA PRO C 23 -20.19 34.60 -42.95
C PRO C 23 -21.46 33.93 -42.48
N ALA C 24 -22.60 34.57 -42.64
CA ALA C 24 -23.91 33.96 -42.24
C ALA C 24 -24.26 32.76 -43.10
N ARG C 25 -23.59 32.60 -44.24
CA ARG C 25 -23.98 31.61 -45.24
C ARG C 25 -22.83 30.72 -45.67
N THR C 26 -21.77 30.70 -44.84
CA THR C 26 -20.57 29.86 -45.06
C THR C 26 -20.32 28.90 -43.89
N ALA C 27 -19.84 27.70 -44.17
CA ALA C 27 -19.34 26.75 -43.15
C ALA C 27 -17.96 26.24 -43.55
N ILE C 28 -17.10 26.00 -42.56
CA ILE C 28 -15.86 25.27 -42.79
C ILE C 28 -16.15 23.83 -42.39
N VAL C 29 -15.92 22.87 -43.26
CA VAL C 29 -16.22 21.48 -42.97
C VAL C 29 -14.91 20.73 -42.98
N LEU C 30 -14.51 20.30 -41.79
CA LEU C 30 -13.21 19.70 -41.60
C LEU C 30 -13.43 18.20 -41.50
N ILE C 31 -12.93 17.44 -42.48
CA ILE C 31 -13.17 16.02 -42.58
C ILE C 31 -12.01 15.16 -42.05
N GLU C 32 -12.27 14.51 -40.95
CA GLU C 32 -11.42 13.41 -40.47
C GLU C 32 -10.01 13.88 -39.99
N TYR C 33 -9.96 15.03 -39.29
CA TYR C 33 -8.75 15.45 -38.58
C TYR C 33 -8.67 14.67 -37.30
N GLN C 34 -8.55 13.37 -37.42
CA GLN C 34 -8.49 12.48 -36.30
C GLN C 34 -7.14 11.77 -36.23
N ASN C 35 -6.78 11.38 -35.01
CA ASN C 35 -5.45 10.92 -34.70
C ASN C 35 -5.09 9.77 -35.63
N GLU C 36 -6.07 8.93 -35.95
CA GLU C 36 -5.83 7.78 -36.84
C GLU C 36 -5.04 8.22 -38.09
N PHE C 37 -5.33 9.43 -38.58
CA PHE C 37 -4.65 10.01 -39.75
C PHE C 37 -3.54 10.99 -39.38
N THR C 38 -3.82 11.85 -38.42
CA THR C 38 -2.95 13.00 -38.17
C THR C 38 -1.71 12.69 -37.35
N SER C 39 -1.77 11.65 -36.52
CA SER C 39 -0.82 11.53 -35.42
C SER C 39 0.07 10.30 -35.42
N ASP C 40 1.28 10.48 -34.92
CA ASP C 40 2.20 9.37 -34.78
C ASP C 40 1.51 8.40 -33.89
N GLY C 41 1.42 7.18 -34.40
CA GLY C 41 0.71 6.10 -33.77
C GLY C 41 -0.64 5.81 -34.41
N GLY C 42 -1.22 6.77 -35.11
CA GLY C 42 -2.46 6.50 -35.86
C GLY C 42 -2.25 5.35 -36.85
N VAL C 43 -3.22 4.42 -36.91
CA VAL C 43 -3.09 3.25 -37.82
C VAL C 43 -2.86 3.68 -39.29
N LEU C 44 -3.43 4.80 -39.66
CA LEU C 44 -3.34 5.32 -41.02
C LEU C 44 -2.40 6.50 -41.17
N HIS C 45 -1.62 6.80 -40.14
CA HIS C 45 -0.74 7.98 -40.20
C HIS C 45 0.42 7.82 -41.15
N GLY C 46 1.11 6.69 -41.08
CA GLY C 46 2.23 6.43 -41.99
C GLY C 46 1.84 6.66 -43.47
N ALA C 47 0.61 6.30 -43.84
CA ALA C 47 0.17 6.40 -45.23
C ALA C 47 0.02 7.86 -45.69
N VAL C 48 -0.42 8.73 -44.78
CA VAL C 48 -0.71 10.12 -45.14
C VAL C 48 0.40 11.08 -44.78
N ALA C 49 1.43 10.54 -44.13
CA ALA C 49 2.50 11.34 -43.55
C ALA C 49 3.26 12.15 -44.58
N ASP C 50 3.70 11.53 -45.69
CA ASP C 50 4.47 12.24 -46.70
C ASP C 50 3.72 13.41 -47.22
N VAL C 51 2.43 13.22 -47.52
CA VAL C 51 1.64 14.30 -48.10
C VAL C 51 1.31 15.37 -47.09
N MET C 52 1.02 14.95 -45.84
CA MET C 52 0.83 15.89 -44.73
C MET C 52 2.03 16.82 -44.63
N GLN C 53 3.23 16.24 -44.71
CA GLN C 53 4.48 17.00 -44.59
C GLN C 53 4.72 17.83 -45.85
N HIS C 54 4.46 17.27 -47.03
CA HIS C 54 4.75 17.99 -48.27
C HIS C 54 3.90 19.22 -48.40
N THR C 55 2.64 19.16 -47.98
CA THR C 55 1.71 20.29 -48.17
C THR C 55 1.56 21.22 -46.98
N GLY C 56 2.03 20.82 -45.80
CA GLY C 56 1.78 21.58 -44.58
C GLY C 56 0.32 21.68 -44.18
N MET C 57 -0.47 20.63 -44.46
CA MET C 57 -1.92 20.72 -44.36
C MET C 57 -2.44 21.05 -42.95
N LEU C 58 -1.78 20.54 -41.93
CA LEU C 58 -2.25 20.74 -40.58
C LEU C 58 -2.08 22.19 -40.20
N ALA C 59 -0.93 22.74 -40.52
CA ALA C 59 -0.65 24.14 -40.23
C ALA C 59 -1.51 25.06 -41.09
N ASN C 60 -1.67 24.77 -42.38
CA ASN C 60 -2.63 25.57 -43.17
C ASN C 60 -4.06 25.51 -42.60
N THR C 61 -4.51 24.33 -42.20
CA THR C 61 -5.83 24.19 -41.65
C THR C 61 -5.93 24.99 -40.36
N VAL C 62 -4.91 24.97 -39.49
CA VAL C 62 -5.01 25.74 -38.26
C VAL C 62 -5.18 27.23 -38.61
N ALA C 63 -4.49 27.69 -39.63
CA ALA C 63 -4.62 29.08 -40.01
C ALA C 63 -6.05 29.44 -40.54
N VAL C 64 -6.65 28.54 -41.34
CA VAL C 64 -7.99 28.76 -41.90
C VAL C 64 -9.02 28.84 -40.75
N VAL C 65 -8.99 27.84 -39.89
CA VAL C 65 -9.87 27.78 -38.75
C VAL C 65 -9.76 29.02 -37.85
N ASP C 66 -8.52 29.45 -37.54
CA ASP C 66 -8.27 30.66 -36.73
C ASP C 66 -8.99 31.87 -37.34
N ALA C 67 -8.83 32.03 -38.66
CA ALA C 67 -9.44 33.14 -39.41
C ALA C 67 -11.01 33.06 -39.43
N ALA C 68 -11.53 31.86 -39.64
CA ALA C 68 -12.96 31.59 -39.68
C ALA C 68 -13.64 31.94 -38.36
N ARG C 69 -13.03 31.52 -37.25
CA ARG C 69 -13.52 31.90 -35.92
C ARG C 69 -13.51 33.40 -35.76
N GLN C 70 -12.46 34.03 -36.25
CA GLN C 70 -12.39 35.49 -36.17
C GLN C 70 -13.58 36.04 -36.95
N ALA C 71 -13.79 35.51 -38.15
CA ALA C 71 -14.88 35.96 -39.02
C ALA C 71 -16.33 35.64 -38.48
N GLY C 72 -16.44 34.67 -37.59
CA GLY C 72 -17.73 34.19 -37.05
C GLY C 72 -18.31 33.07 -37.90
N VAL C 73 -17.48 32.43 -38.71
CA VAL C 73 -17.91 31.38 -39.57
C VAL C 73 -17.92 30.09 -38.81
N PRO C 74 -19.04 29.42 -38.78
CA PRO C 74 -19.06 28.14 -38.03
C PRO C 74 -18.09 27.08 -38.58
N ILE C 75 -17.46 26.36 -37.66
CA ILE C 75 -16.53 25.28 -37.93
C ILE C 75 -17.29 24.02 -37.62
N MET C 76 -17.36 23.12 -38.61
CA MET C 76 -18.04 21.84 -38.47
C MET C 76 -17.04 20.72 -38.63
N HIS C 77 -16.97 19.84 -37.64
CA HIS C 77 -16.09 18.69 -37.66
C HIS C 77 -16.82 17.47 -38.09
N ALA C 78 -16.23 16.72 -39.00
CA ALA C 78 -16.85 15.49 -39.52
C ALA C 78 -15.97 14.24 -39.25
N PRO C 79 -16.01 13.72 -38.03
CA PRO C 79 -15.18 12.58 -37.76
C PRO C 79 -15.86 11.31 -38.26
N ILE C 80 -15.08 10.27 -38.56
CA ILE C 80 -15.62 8.94 -38.87
C ILE C 80 -15.27 8.06 -37.72
N THR C 81 -16.25 7.25 -37.30
CA THR C 81 -16.14 6.37 -36.15
C THR C 81 -16.93 5.05 -36.40
N PHE C 82 -16.63 3.99 -35.63
CA PHE C 82 -17.32 2.70 -35.79
C PHE C 82 -17.45 2.04 -34.44
N ALA C 83 -18.65 1.56 -34.13
CA ALA C 83 -18.89 0.79 -32.93
C ALA C 83 -17.96 -0.38 -33.04
N GLU C 84 -17.30 -0.67 -31.93
CA GLU C 84 -16.25 -1.67 -31.90
C GLU C 84 -16.85 -3.03 -32.28
N GLY C 85 -16.12 -3.78 -33.11
CA GLY C 85 -16.60 -5.05 -33.69
C GLY C 85 -17.11 -4.91 -35.14
N TYR C 86 -17.29 -3.67 -35.61
CA TYR C 86 -17.78 -3.41 -36.97
C TYR C 86 -19.12 -4.04 -37.32
N GLY C 87 -20.00 -4.21 -36.31
CA GLY C 87 -21.29 -4.86 -36.50
C GLY C 87 -22.32 -3.97 -37.20
N GLU C 88 -22.04 -2.66 -37.30
CA GLU C 88 -22.80 -1.75 -38.15
C GLU C 88 -22.45 -1.94 -39.64
N LEU C 89 -21.54 -2.85 -39.98
CA LEU C 89 -21.20 -3.07 -41.38
C LEU C 89 -21.38 -4.47 -41.85
N THR C 90 -21.29 -4.62 -43.16
CA THR C 90 -21.20 -5.95 -43.73
C THR C 90 -20.01 -6.68 -43.11
N ARG C 91 -20.24 -7.96 -42.82
CA ARG C 91 -19.20 -8.90 -42.38
C ARG C 91 -18.19 -9.13 -43.51
N HIS C 92 -18.55 -8.78 -44.74
CA HIS C 92 -17.69 -9.01 -45.90
C HIS C 92 -17.47 -7.73 -46.68
N PRO C 93 -16.72 -6.78 -46.13
CA PRO C 93 -16.52 -5.52 -46.89
C PRO C 93 -15.57 -5.68 -48.09
N TYR C 94 -15.71 -4.75 -49.04
CA TYR C 94 -14.81 -4.65 -50.17
C TYR C 94 -14.43 -3.21 -50.29
N GLY C 95 -13.48 -2.93 -51.16
CA GLY C 95 -13.01 -1.57 -51.36
C GLY C 95 -12.35 -0.95 -50.14
N ILE C 96 -12.22 0.36 -50.15
CA ILE C 96 -11.54 1.10 -49.09
C ILE C 96 -11.99 0.73 -47.66
N LEU C 97 -13.28 0.44 -47.44
CA LEU C 97 -13.73 0.18 -46.08
C LEU C 97 -13.21 -1.17 -45.56
N LYS C 98 -12.88 -2.10 -46.46
CA LYS C 98 -12.22 -3.34 -46.06
C LYS C 98 -10.94 -3.06 -45.28
N GLY C 99 -10.18 -2.05 -45.67
CA GLY C 99 -8.95 -1.70 -44.94
C GLY C 99 -9.20 -1.06 -43.58
N VAL C 100 -10.33 -0.37 -43.44
CA VAL C 100 -10.67 0.25 -42.20
C VAL C 100 -10.95 -0.85 -41.21
N VAL C 101 -11.71 -1.86 -41.61
CA VAL C 101 -12.09 -2.98 -40.72
C VAL C 101 -10.93 -3.93 -40.43
N ASP C 102 -10.23 -4.33 -41.49
CA ASP C 102 -9.08 -5.19 -41.38
C ASP C 102 -7.96 -4.54 -40.56
N GLY C 103 -7.78 -3.23 -40.66
CA GLY C 103 -6.78 -2.51 -39.88
C GLY C 103 -7.26 -2.02 -38.50
N LYS C 104 -8.51 -2.31 -38.16
CA LYS C 104 -9.17 -1.87 -36.90
C LYS C 104 -8.99 -0.40 -36.64
N ALA C 105 -9.36 0.40 -37.64
CA ALA C 105 -9.24 1.82 -37.57
C ALA C 105 -10.58 2.49 -37.18
N PHE C 106 -10.45 3.61 -36.50
CA PHE C 106 -11.56 4.49 -36.17
C PHE C 106 -12.59 3.85 -35.25
N VAL C 107 -12.15 3.03 -34.29
CA VAL C 107 -13.05 2.50 -33.32
C VAL C 107 -13.50 3.61 -32.38
N LYS C 108 -14.82 3.69 -32.20
CA LYS C 108 -15.45 4.66 -31.29
C LYS C 108 -14.84 4.62 -29.85
N GLY C 109 -14.41 5.78 -29.36
CA GLY C 109 -13.89 5.89 -28.00
C GLY C 109 -12.40 5.60 -27.87
N THR C 110 -11.71 5.30 -28.96
CA THR C 110 -10.26 5.18 -28.93
C THR C 110 -9.55 6.48 -29.25
N TRP C 111 -8.26 6.51 -28.94
CA TRP C 111 -7.39 7.64 -29.18
C TRP C 111 -7.36 7.89 -30.67
N GLY C 112 -7.45 6.82 -31.44
CA GLY C 112 -7.43 6.94 -32.89
C GLY C 112 -8.59 7.75 -33.44
N ALA C 113 -9.75 7.53 -32.87
CA ALA C 113 -11.00 8.18 -33.30
C ALA C 113 -11.07 9.64 -32.90
N ALA C 114 -10.24 10.03 -31.93
CA ALA C 114 -10.36 11.36 -31.36
C ALA C 114 -9.78 12.35 -32.35
N ILE C 115 -10.37 13.53 -32.36
CA ILE C 115 -9.92 14.64 -33.19
C ILE C 115 -8.61 15.13 -32.68
N VAL C 116 -7.68 15.40 -33.57
CA VAL C 116 -6.34 15.84 -33.17
C VAL C 116 -6.42 17.06 -32.26
N ASP C 117 -5.52 17.18 -31.27
CA ASP C 117 -5.64 18.19 -30.23
C ASP C 117 -5.61 19.62 -30.77
N GLU C 118 -4.78 19.88 -31.80
CA GLU C 118 -4.66 21.22 -32.44
C GLU C 118 -5.94 21.75 -33.11
N LEU C 119 -6.87 20.84 -33.43
CA LEU C 119 -8.14 21.24 -34.00
C LEU C 119 -9.29 20.73 -33.12
N ALA C 120 -9.06 20.58 -31.83
CA ALA C 120 -10.13 20.12 -30.96
C ALA C 120 -11.30 21.13 -31.02
N PRO C 121 -12.53 20.63 -31.10
CA PRO C 121 -13.69 21.55 -31.21
C PRO C 121 -13.81 22.42 -29.98
N VAL C 122 -13.92 23.73 -30.17
CA VAL C 122 -14.15 24.65 -29.07
C VAL C 122 -15.59 25.13 -29.08
N ASN C 123 -16.05 25.60 -27.93
CA ASN C 123 -17.31 26.35 -27.78
C ASN C 123 -18.14 26.65 -29.01
N GLY C 124 -19.19 25.86 -29.23
CA GLY C 124 -20.13 26.17 -30.35
C GLY C 124 -19.79 25.64 -31.75
N ASP C 125 -18.55 25.19 -31.94
CA ASP C 125 -18.25 24.34 -33.05
C ASP C 125 -19.28 23.23 -33.13
N ILE C 126 -19.59 22.81 -34.36
CA ILE C 126 -20.56 21.72 -34.58
C ILE C 126 -19.78 20.47 -34.92
N VAL C 127 -20.22 19.35 -34.39
CA VAL C 127 -19.61 18.08 -34.69
C VAL C 127 -20.66 17.24 -35.38
N ILE C 128 -20.47 17.02 -36.67
CA ILE C 128 -21.34 16.26 -37.53
C ILE C 128 -21.42 14.82 -37.07
N GLU C 129 -22.61 14.25 -36.98
CA GLU C 129 -22.74 12.97 -36.42
C GLU C 129 -23.10 11.99 -37.46
N GLY C 130 -22.58 10.79 -37.31
CA GLY C 130 -23.01 9.66 -38.07
C GLY C 130 -22.07 9.02 -39.07
N LYS C 131 -21.04 9.71 -39.47
CA LYS C 131 -20.23 9.22 -40.59
C LYS C 131 -19.79 7.76 -40.49
N ARG C 132 -20.08 6.97 -41.52
CA ARG C 132 -19.57 5.59 -41.57
C ARG C 132 -18.97 5.19 -42.92
N GLY C 133 -19.07 6.09 -43.88
CA GLY C 133 -18.58 5.84 -45.18
C GLY C 133 -17.81 7.09 -45.57
N LEU C 134 -17.66 7.27 -46.87
CA LEU C 134 -16.67 8.18 -47.38
C LEU C 134 -17.24 9.55 -47.61
N ASP C 135 -18.39 9.56 -48.28
CA ASP C 135 -19.08 10.82 -48.53
C ASP C 135 -19.75 11.29 -47.24
N THR C 136 -19.44 12.49 -46.80
CA THR C 136 -19.97 12.99 -45.54
C THR C 136 -21.49 13.17 -45.62
N PHE C 137 -22.00 13.59 -46.76
CA PHE C 137 -23.43 13.68 -46.98
C PHE C 137 -24.15 12.31 -46.97
N ALA C 138 -23.45 11.20 -47.05
CA ALA C 138 -24.17 9.92 -47.32
C ALA C 138 -24.70 9.25 -46.06
N SER C 139 -24.14 9.60 -44.91
CA SER C 139 -24.51 8.93 -43.68
C SER C 139 -24.51 9.88 -42.49
N THR C 140 -24.64 11.18 -42.70
CA THR C 140 -24.61 12.14 -41.58
C THR C 140 -25.72 13.17 -41.61
N ASN C 141 -25.77 13.96 -40.56
CA ASN C 141 -26.66 15.07 -40.50
C ASN C 141 -26.10 16.30 -41.12
N LEU C 142 -25.08 16.17 -41.96
CA LEU C 142 -24.47 17.41 -42.50
C LEU C 142 -25.46 18.22 -43.31
N ASP C 143 -26.10 17.62 -44.33
CA ASP C 143 -27.16 18.32 -45.17
C ASP C 143 -28.23 18.96 -44.33
N PHE C 144 -28.84 18.20 -43.49
CA PHE C 144 -29.83 18.76 -42.59
C PHE C 144 -29.34 20.04 -41.93
N ILE C 145 -28.13 20.07 -41.40
CA ILE C 145 -27.70 21.17 -40.57
C ILE C 145 -27.35 22.38 -41.41
N LEU C 146 -26.63 22.17 -42.51
CA LEU C 146 -26.30 23.26 -43.44
C LEU C 146 -27.53 23.98 -43.98
N ARG C 147 -28.52 23.17 -44.34
CA ARG C 147 -29.76 23.70 -44.87
C ARG C 147 -30.54 24.33 -43.78
N SER C 148 -30.66 23.69 -42.62
CA SER C 148 -31.32 24.37 -41.51
C SER C 148 -30.69 25.75 -41.19
N LYS C 149 -29.38 25.88 -41.30
CA LYS C 149 -28.71 27.13 -40.92
C LYS C 149 -28.65 28.16 -42.06
N GLY C 150 -29.13 27.79 -43.25
CA GLY C 150 -28.96 28.65 -44.42
C GLY C 150 -27.54 28.77 -44.96
N VAL C 151 -26.72 27.74 -44.81
CA VAL C 151 -25.37 27.75 -45.36
C VAL C 151 -25.43 27.30 -46.81
N ASP C 152 -24.92 28.11 -47.72
CA ASP C 152 -24.87 27.65 -49.09
C ASP C 152 -23.46 27.62 -49.69
N THR C 153 -22.45 27.94 -48.89
CA THR C 153 -21.07 27.81 -49.30
C THR C 153 -20.32 27.00 -48.25
N ILE C 154 -19.62 25.98 -48.70
CA ILE C 154 -18.88 25.10 -47.82
C ILE C 154 -17.40 25.06 -48.24
N VAL C 155 -16.54 25.23 -47.24
CA VAL C 155 -15.13 25.22 -47.42
C VAL C 155 -14.63 23.92 -46.81
N LEU C 156 -14.03 23.09 -47.65
CA LEU C 156 -13.69 21.74 -47.32
C LEU C 156 -12.17 21.58 -47.17
N GLY C 157 -11.81 20.82 -46.12
CA GLY C 157 -10.44 20.42 -45.80
C GLY C 157 -10.44 19.08 -45.09
N GLY C 158 -9.32 18.35 -45.19
CA GLY C 158 -9.18 17.09 -44.46
C GLY C 158 -8.61 15.96 -45.29
N PHE C 159 -9.04 14.76 -44.97
CA PHE C 159 -8.51 13.50 -45.50
C PHE C 159 -9.66 12.67 -46.03
N LEU C 160 -9.44 11.79 -46.99
CA LEU C 160 -8.33 11.79 -47.90
C LEU C 160 -8.75 12.60 -49.14
N THR C 161 -7.77 13.30 -49.72
CA THR C 161 -7.98 14.11 -50.90
C THR C 161 -8.82 13.42 -51.95
N ASN C 162 -8.45 12.21 -52.32
CA ASN C 162 -9.11 11.60 -53.44
C ASN C 162 -10.19 10.63 -53.00
N CYS C 163 -10.46 10.56 -51.70
CA CYS C 163 -11.47 9.62 -51.23
C CYS C 163 -12.61 10.40 -50.59
N CYS C 164 -12.53 10.70 -49.30
CA CYS C 164 -13.58 11.36 -48.51
C CYS C 164 -13.79 12.85 -48.86
N VAL C 165 -12.71 13.57 -49.09
CA VAL C 165 -12.88 14.95 -49.51
C VAL C 165 -13.57 15.01 -50.90
N GLU C 166 -13.09 14.21 -51.85
CA GLU C 166 -13.64 14.27 -53.18
C GLU C 166 -15.11 13.79 -53.22
N SER C 167 -15.44 12.71 -52.50
CA SER C 167 -16.83 12.27 -52.47
C SER C 167 -17.70 13.40 -51.93
N THR C 168 -17.22 14.05 -50.87
CA THR C 168 -18.03 15.10 -50.22
C THR C 168 -18.22 16.28 -51.12
N MET C 169 -17.14 16.62 -51.82
CA MET C 169 -17.13 17.68 -52.82
C MET C 169 -18.16 17.33 -53.91
N ARG C 170 -18.13 16.11 -54.41
CA ARG C 170 -19.03 15.70 -55.53
C ARG C 170 -20.50 15.81 -55.12
N THR C 171 -20.85 15.25 -53.97
CA THR C 171 -22.22 15.36 -53.50
C THR C 171 -22.59 16.85 -53.22
N GLY C 172 -21.74 17.60 -52.57
CA GLY C 172 -22.06 19.03 -52.35
C GLY C 172 -22.38 19.80 -53.66
N TYR C 173 -21.61 19.54 -54.71
CA TYR C 173 -21.90 20.07 -56.04
C TYR C 173 -23.30 19.68 -56.51
N GLU C 174 -23.65 18.39 -56.37
CA GLU C 174 -24.93 17.89 -56.87
C GLU C 174 -26.08 18.53 -56.10
N ARG C 175 -25.86 18.83 -54.85
CA ARG C 175 -26.88 19.45 -54.03
C ARG C 175 -26.87 20.95 -54.09
N GLY C 176 -26.13 21.55 -55.02
CA GLY C 176 -26.24 23.00 -55.26
C GLY C 176 -25.49 23.91 -54.32
N PHE C 177 -24.60 23.36 -53.50
CA PHE C 177 -23.73 24.14 -52.65
C PHE C 177 -22.63 24.79 -53.48
N ARG C 178 -22.14 25.95 -53.06
CA ARG C 178 -20.93 26.48 -53.62
C ARG C 178 -19.79 25.87 -52.78
N VAL C 179 -18.99 24.98 -53.40
CA VAL C 179 -18.03 24.16 -52.69
C VAL C 179 -16.68 24.75 -52.98
N ILE C 180 -15.97 25.18 -51.93
CA ILE C 180 -14.60 25.63 -52.03
C ILE C 180 -13.75 24.52 -51.43
N THR C 181 -12.77 24.05 -52.21
CA THR C 181 -11.79 23.09 -51.77
C THR C 181 -10.48 23.84 -51.48
N LEU C 182 -10.00 23.65 -50.24
CA LEU C 182 -8.67 24.13 -49.81
C LEU C 182 -7.59 23.22 -50.42
N THR C 183 -6.96 23.65 -51.50
CA THR C 183 -5.95 22.80 -52.14
C THR C 183 -4.75 22.48 -51.24
N ASP C 184 -4.45 23.33 -50.26
CA ASP C 184 -3.35 23.05 -49.31
C ASP C 184 -3.83 22.65 -47.89
N CYS C 185 -5.09 22.27 -47.71
CA CYS C 185 -5.55 21.71 -46.44
C CYS C 185 -6.12 20.30 -46.56
N VAL C 186 -5.59 19.51 -47.48
CA VAL C 186 -6.03 18.15 -47.66
C VAL C 186 -4.85 17.20 -47.81
N ALA C 187 -5.08 15.91 -47.60
CA ALA C 187 -4.01 14.94 -47.76
C ALA C 187 -4.57 13.61 -48.10
N ALA C 188 -3.69 12.80 -48.69
CA ALA C 188 -3.97 11.49 -49.26
C ALA C 188 -2.80 10.56 -48.99
N THR C 189 -3.02 9.29 -49.27
CA THR C 189 -2.01 8.26 -49.10
C THR C 189 -0.87 8.29 -50.15
N SER C 190 -1.02 9.03 -51.27
CA SER C 190 0.13 9.29 -52.12
C SER C 190 0.12 10.69 -52.73
N GLN C 191 1.29 11.11 -53.15
CA GLN C 191 1.46 12.46 -53.67
C GLN C 191 0.84 12.54 -55.08
N GLU C 192 1.06 11.50 -55.88
CA GLU C 192 0.52 11.42 -57.24
C GLU C 192 -1.01 11.42 -57.18
N GLU C 193 -1.62 10.56 -56.33
CA GLU C 193 -3.08 10.59 -56.06
C GLU C 193 -3.59 11.97 -55.66
N HIS C 194 -2.92 12.60 -54.72
CA HIS C 194 -3.27 13.94 -54.27
C HIS C 194 -3.24 14.95 -55.42
N ASN C 195 -2.19 14.88 -56.22
CA ASN C 195 -1.98 15.86 -57.29
C ASN C 195 -3.00 15.67 -58.44
N ASN C 196 -3.31 14.41 -58.75
CA ASN C 196 -4.29 14.04 -59.74
C ASN C 196 -5.70 14.63 -59.43
N ALA C 197 -6.14 14.42 -58.20
CA ALA C 197 -7.44 14.86 -57.72
C ALA C 197 -7.58 16.38 -57.86
N ILE C 198 -6.58 17.11 -57.35
CA ILE C 198 -6.63 18.56 -57.31
C ILE C 198 -6.56 19.17 -58.68
N SER C 199 -5.73 18.59 -59.54
CA SER C 199 -5.54 19.11 -60.87
C SER C 199 -6.72 18.82 -61.81
N TYR C 200 -7.27 17.60 -61.78
CA TYR C 200 -8.29 17.18 -62.71
C TYR C 200 -9.72 17.25 -62.17
N ASP C 201 -9.93 16.76 -60.95
CA ASP C 201 -11.29 16.55 -60.43
C ASP C 201 -11.80 17.74 -59.62
N PHE C 202 -10.92 18.41 -58.87
CA PHE C 202 -11.41 19.51 -58.05
C PHE C 202 -12.10 20.60 -58.87
N PRO C 203 -11.49 21.03 -59.97
CA PRO C 203 -12.09 22.07 -60.84
C PRO C 203 -13.45 21.70 -61.43
N MET C 204 -13.74 20.40 -61.55
CA MET C 204 -15.05 19.95 -62.03
C MET C 204 -16.15 20.26 -61.05
N PHE C 205 -15.88 20.08 -59.75
CA PHE C 205 -16.95 20.15 -58.72
C PHE C 205 -16.78 21.21 -57.67
N SER C 206 -15.80 22.10 -57.83
CA SER C 206 -15.53 23.05 -56.79
C SER C 206 -14.81 24.23 -57.32
N VAL C 207 -14.65 25.22 -56.45
CA VAL C 207 -13.76 26.37 -56.68
C VAL C 207 -12.54 26.16 -55.79
N PRO C 208 -11.41 25.76 -56.39
CA PRO C 208 -10.21 25.44 -55.63
C PRO C 208 -9.46 26.67 -55.15
N MET C 209 -9.13 26.67 -53.88
CA MET C 209 -8.52 27.85 -53.32
C MET C 209 -7.41 27.43 -52.37
N THR C 210 -6.40 28.28 -52.24
CA THR C 210 -5.41 28.06 -51.22
C THR C 210 -5.99 28.58 -49.92
N SER C 211 -5.36 28.23 -48.82
CA SER C 211 -5.77 28.73 -47.53
C SER C 211 -5.58 30.23 -47.46
N ALA C 212 -4.54 30.73 -48.09
CA ALA C 212 -4.27 32.15 -48.02
C ALA C 212 -5.44 32.87 -48.69
N ASP C 213 -5.90 32.37 -49.82
CA ASP C 213 -7.01 33.01 -50.55
C ASP C 213 -8.29 33.09 -49.71
N VAL C 214 -8.61 32.01 -48.99
CA VAL C 214 -9.79 31.92 -48.16
C VAL C 214 -9.66 32.76 -46.91
N ILE C 215 -8.45 32.82 -46.39
CA ILE C 215 -8.17 33.68 -45.28
C ILE C 215 -8.41 35.14 -45.64
N ALA C 216 -7.91 35.54 -46.81
CA ALA C 216 -8.08 36.92 -47.27
C ALA C 216 -9.60 37.18 -47.41
N ALA C 217 -10.31 36.22 -48.03
CA ALA C 217 -11.76 36.34 -48.21
C ALA C 217 -12.52 36.47 -46.87
N LEU C 218 -12.01 35.83 -45.81
CA LEU C 218 -12.68 35.83 -44.51
C LEU C 218 -12.46 37.11 -43.74
N GLU C 219 -11.46 37.87 -44.11
CA GLU C 219 -11.19 39.09 -43.39
C GLU C 219 -11.80 40.26 -44.14
N GLU D 20 -18.54 -13.98 -59.86
CA GLU D 20 -19.84 -14.70 -59.51
C GLU D 20 -21.12 -13.81 -59.50
N LEU D 21 -21.93 -13.84 -60.56
CA LEU D 21 -23.14 -12.97 -60.70
C LEU D 21 -24.48 -13.70 -60.62
N ASP D 22 -25.44 -13.08 -59.92
CA ASP D 22 -26.84 -13.54 -59.87
C ASP D 22 -27.69 -12.67 -60.77
N PRO D 23 -28.11 -13.18 -61.94
CA PRO D 23 -28.90 -12.36 -62.86
C PRO D 23 -30.22 -11.72 -62.31
N ALA D 24 -30.86 -12.34 -61.32
CA ALA D 24 -32.04 -11.74 -60.72
C ALA D 24 -31.69 -10.52 -59.88
N ARG D 25 -30.43 -10.39 -59.51
CA ARG D 25 -30.03 -9.35 -58.58
C ARG D 25 -28.90 -8.49 -59.16
N THR D 26 -28.90 -8.33 -60.48
CA THR D 26 -27.84 -7.62 -61.20
C THR D 26 -28.43 -6.70 -62.26
N ALA D 27 -27.81 -5.57 -62.52
CA ALA D 27 -28.18 -4.67 -63.61
C ALA D 27 -26.92 -4.05 -64.26
N ILE D 28 -26.98 -3.80 -65.56
CA ILE D 28 -25.98 -3.07 -66.29
C ILE D 28 -26.48 -1.65 -66.33
N VAL D 29 -25.63 -0.69 -65.94
CA VAL D 29 -26.00 0.71 -65.91
C VAL D 29 -25.07 1.41 -66.87
N LEU D 30 -25.63 1.85 -68.00
CA LEU D 30 -24.88 2.45 -69.09
C LEU D 30 -25.03 3.96 -69.05
N ILE D 31 -23.95 4.65 -68.69
CA ILE D 31 -24.02 6.07 -68.41
C ILE D 31 -23.63 6.84 -69.63
N GLU D 32 -24.63 7.50 -70.20
CA GLU D 32 -24.41 8.54 -71.19
C GLU D 32 -23.74 8.10 -72.49
N TYR D 33 -24.17 6.95 -72.96
CA TYR D 33 -23.77 6.54 -74.30
C TYR D 33 -24.59 7.29 -75.32
N GLN D 34 -24.36 8.60 -75.44
CA GLN D 34 -25.11 9.44 -76.31
C GLN D 34 -24.21 9.99 -77.39
N ASN D 35 -24.80 10.35 -78.53
CA ASN D 35 -24.04 10.75 -79.71
C ASN D 35 -23.14 11.93 -79.39
N GLU D 36 -23.58 12.76 -78.44
CA GLU D 36 -22.81 13.91 -77.97
C GLU D 36 -21.37 13.49 -77.61
N PHE D 37 -21.22 12.29 -77.05
CA PHE D 37 -19.93 11.75 -76.72
C PHE D 37 -19.44 10.79 -77.78
N THR D 38 -20.28 9.85 -78.13
CA THR D 38 -19.93 8.70 -78.91
C THR D 38 -19.68 8.88 -80.39
N SER D 39 -20.23 9.92 -81.01
CA SER D 39 -20.37 9.93 -82.47
C SER D 39 -19.81 11.19 -83.11
N ASP D 40 -19.24 11.02 -84.30
CA ASP D 40 -18.67 12.14 -85.05
C ASP D 40 -19.74 13.20 -85.23
N GLY D 41 -19.41 14.45 -84.90
CA GLY D 41 -20.34 15.58 -84.95
C GLY D 41 -20.84 15.93 -83.55
N GLY D 42 -20.72 14.99 -82.63
CA GLY D 42 -21.04 15.30 -81.23
C GLY D 42 -20.21 16.46 -80.67
N VAL D 43 -20.86 17.34 -79.91
CA VAL D 43 -20.16 18.54 -79.39
C VAL D 43 -18.99 18.19 -78.48
N LEU D 44 -19.06 17.04 -77.83
CA LEU D 44 -18.03 16.55 -76.92
C LEU D 44 -17.29 15.32 -77.46
N HIS D 45 -17.53 14.97 -78.72
CA HIS D 45 -16.95 13.75 -79.27
C HIS D 45 -15.42 13.82 -79.46
N GLY D 46 -14.95 14.95 -79.97
CA GLY D 46 -13.53 15.14 -80.22
C GLY D 46 -12.68 15.01 -78.98
N ALA D 47 -13.25 15.30 -77.83
CA ALA D 47 -12.54 15.31 -76.56
C ALA D 47 -12.36 13.91 -75.99
N VAL D 48 -13.27 13.01 -76.38
CA VAL D 48 -13.25 11.65 -75.89
C VAL D 48 -12.81 10.65 -76.98
N ALA D 49 -12.64 11.08 -78.22
CA ALA D 49 -12.26 10.15 -79.31
C ALA D 49 -11.04 9.27 -78.98
N ASP D 50 -9.96 9.92 -78.55
CA ASP D 50 -8.70 9.22 -78.34
C ASP D 50 -8.87 8.05 -77.38
N VAL D 51 -9.47 8.32 -76.22
CA VAL D 51 -9.73 7.29 -75.21
C VAL D 51 -10.74 6.21 -75.68
N MET D 52 -11.78 6.62 -76.41
CA MET D 52 -12.72 5.65 -77.01
C MET D 52 -11.97 4.69 -77.98
N GLN D 53 -11.01 5.24 -78.68
CA GLN D 53 -10.24 4.45 -79.59
C GLN D 53 -9.29 3.50 -78.81
N HIS D 54 -8.53 4.04 -77.87
CA HIS D 54 -7.56 3.22 -77.12
C HIS D 54 -8.27 2.10 -76.35
N THR D 55 -9.42 2.40 -75.74
CA THR D 55 -10.13 1.42 -74.93
C THR D 55 -10.93 0.42 -75.77
N GLY D 56 -11.43 0.88 -76.94
CA GLY D 56 -12.49 0.17 -77.71
C GLY D 56 -13.78 0.03 -76.91
N MET D 57 -14.10 1.04 -76.07
CA MET D 57 -15.19 0.91 -75.12
C MET D 57 -16.55 0.64 -75.79
N LEU D 58 -16.79 1.25 -76.95
CA LEU D 58 -18.05 1.10 -77.60
C LEU D 58 -18.33 -0.35 -77.97
N ALA D 59 -17.44 -0.98 -78.74
CA ALA D 59 -17.62 -2.38 -79.09
C ALA D 59 -17.59 -3.31 -77.87
N ASN D 60 -16.76 -3.01 -76.88
CA ASN D 60 -16.70 -3.81 -75.66
C ASN D 60 -18.01 -3.70 -74.93
N THR D 61 -18.58 -2.51 -74.90
CA THR D 61 -19.89 -2.31 -74.25
C THR D 61 -21.00 -3.10 -74.97
N VAL D 62 -20.96 -3.10 -76.32
CA VAL D 62 -21.96 -3.84 -77.11
C VAL D 62 -21.94 -5.33 -76.78
N ALA D 63 -20.72 -5.86 -76.63
CA ALA D 63 -20.52 -7.27 -76.28
C ALA D 63 -21.07 -7.56 -74.89
N VAL D 64 -20.76 -6.70 -73.94
CA VAL D 64 -21.25 -6.90 -72.59
C VAL D 64 -22.80 -6.94 -72.49
N VAL D 65 -23.43 -6.01 -73.18
CA VAL D 65 -24.88 -5.91 -73.22
C VAL D 65 -25.52 -7.16 -73.85
N ASP D 66 -24.99 -7.58 -74.99
CA ASP D 66 -25.41 -8.82 -75.64
C ASP D 66 -25.43 -9.99 -74.70
N ALA D 67 -24.33 -10.19 -73.97
CA ALA D 67 -24.25 -11.29 -72.99
C ALA D 67 -25.21 -11.07 -71.81
N ALA D 68 -25.46 -9.82 -71.47
CA ALA D 68 -26.44 -9.49 -70.42
C ALA D 68 -27.89 -9.75 -70.86
N ARG D 69 -28.25 -9.45 -72.11
CA ARG D 69 -29.59 -9.78 -72.65
C ARG D 69 -29.83 -11.27 -72.56
N GLN D 70 -28.85 -12.04 -73.02
CA GLN D 70 -28.95 -13.49 -73.05
C GLN D 70 -29.13 -14.08 -71.67
N ALA D 71 -28.44 -13.54 -70.67
CA ALA D 71 -28.54 -14.08 -69.31
C ALA D 71 -29.75 -13.55 -68.55
N GLY D 72 -30.58 -12.73 -69.19
CA GLY D 72 -31.76 -12.16 -68.55
C GLY D 72 -31.46 -10.99 -67.61
N VAL D 73 -30.34 -10.29 -67.81
CA VAL D 73 -29.94 -9.20 -66.91
C VAL D 73 -30.36 -7.87 -67.49
N PRO D 74 -31.13 -7.10 -66.73
CA PRO D 74 -31.69 -5.85 -67.26
C PRO D 74 -30.65 -4.81 -67.63
N ILE D 75 -30.88 -4.10 -68.73
CA ILE D 75 -30.04 -2.96 -69.14
C ILE D 75 -30.73 -1.66 -68.74
N MET D 76 -30.01 -0.79 -68.03
CA MET D 76 -30.53 0.50 -67.66
C MET D 76 -29.68 1.56 -68.32
N HIS D 77 -30.26 2.38 -69.18
CA HIS D 77 -29.50 3.44 -69.82
C HIS D 77 -29.76 4.69 -69.02
N ALA D 78 -28.73 5.47 -68.80
CA ALA D 78 -28.84 6.72 -68.00
C ALA D 78 -28.26 7.89 -68.81
N PRO D 79 -29.09 8.43 -69.72
CA PRO D 79 -28.69 9.56 -70.55
C PRO D 79 -28.85 10.82 -69.78
N ILE D 80 -28.10 11.86 -70.11
CA ILE D 80 -28.26 13.17 -69.52
C ILE D 80 -28.86 14.09 -70.59
N THR D 81 -29.79 14.96 -70.20
CA THR D 81 -30.47 15.85 -71.15
C THR D 81 -30.83 17.14 -70.43
N PHE D 82 -31.11 18.18 -71.19
CA PHE D 82 -31.56 19.45 -70.60
C PHE D 82 -32.58 20.10 -71.50
N ALA D 83 -33.67 20.56 -70.91
CA ALA D 83 -34.60 21.37 -71.60
C ALA D 83 -33.82 22.56 -72.20
N GLU D 84 -34.19 22.92 -73.43
CA GLU D 84 -33.48 23.90 -74.23
C GLU D 84 -33.49 25.21 -73.51
N GLY D 85 -32.36 25.88 -73.47
CA GLY D 85 -32.21 27.19 -72.78
C GLY D 85 -31.63 26.98 -71.38
N TYR D 86 -31.47 25.73 -70.96
CA TYR D 86 -30.92 25.41 -69.62
C TYR D 86 -31.62 26.09 -68.42
N GLY D 87 -32.91 26.36 -68.53
CA GLY D 87 -33.71 26.95 -67.43
C GLY D 87 -33.82 26.09 -66.17
N GLU D 88 -33.47 24.82 -66.29
CA GLU D 88 -33.51 23.89 -65.15
C GLU D 88 -32.33 24.04 -64.18
N LEU D 89 -31.39 24.93 -64.52
CA LEU D 89 -30.15 25.16 -63.80
C LEU D 89 -29.94 26.61 -63.53
N THR D 90 -29.04 26.89 -62.58
CA THR D 90 -28.58 28.21 -62.28
C THR D 90 -28.17 28.90 -63.58
N ARG D 91 -28.39 30.21 -63.64
CA ARG D 91 -27.99 30.97 -64.81
C ARG D 91 -26.49 31.22 -64.81
N HIS D 92 -25.83 30.96 -63.67
CA HIS D 92 -24.38 31.13 -63.49
C HIS D 92 -23.69 29.83 -62.98
N PRO D 93 -23.70 28.77 -63.79
CA PRO D 93 -23.04 27.55 -63.35
C PRO D 93 -21.51 27.69 -63.20
N TYR D 94 -20.94 26.82 -62.35
CA TYR D 94 -19.49 26.71 -62.22
C TYR D 94 -19.14 25.26 -62.35
N GLY D 95 -17.85 24.97 -62.50
CA GLY D 95 -17.40 23.60 -62.63
C GLY D 95 -17.83 22.94 -63.92
N ILE D 96 -18.03 21.63 -63.89
CA ILE D 96 -18.17 20.91 -65.12
C ILE D 96 -19.45 21.28 -65.96
N LEU D 97 -20.57 21.54 -65.29
CA LEU D 97 -21.80 21.82 -65.99
C LEU D 97 -21.71 23.16 -66.72
N LYS D 98 -20.86 24.07 -66.26
CA LYS D 98 -20.62 25.29 -67.02
C LYS D 98 -20.27 24.99 -68.48
N GLY D 99 -19.54 23.90 -68.67
CA GLY D 99 -19.09 23.51 -69.99
C GLY D 99 -20.26 22.96 -70.75
N VAL D 100 -21.13 22.21 -70.06
CA VAL D 100 -22.33 21.69 -70.68
C VAL D 100 -23.20 22.83 -71.21
N VAL D 101 -23.33 23.91 -70.46
CA VAL D 101 -24.15 25.05 -70.87
C VAL D 101 -23.53 25.83 -72.02
N ASP D 102 -22.29 26.29 -71.85
CA ASP D 102 -21.61 27.08 -72.85
C ASP D 102 -21.47 26.37 -74.19
N GLY D 103 -21.35 25.05 -74.18
CA GLY D 103 -21.20 24.28 -75.40
C GLY D 103 -22.49 23.74 -76.00
N LYS D 104 -23.62 24.03 -75.35
CA LYS D 104 -24.94 23.57 -75.81
C LYS D 104 -25.00 22.06 -75.96
N ALA D 105 -24.47 21.36 -74.99
CA ALA D 105 -24.44 19.92 -75.03
C ALA D 105 -25.75 19.34 -74.48
N PHE D 106 -26.18 18.21 -75.04
CA PHE D 106 -27.25 17.41 -74.47
C PHE D 106 -28.62 18.09 -74.37
N VAL D 107 -28.99 18.87 -75.38
CA VAL D 107 -30.32 19.49 -75.42
C VAL D 107 -31.32 18.38 -75.70
N LYS D 108 -32.37 18.35 -74.89
CA LYS D 108 -33.43 17.33 -74.98
C LYS D 108 -34.07 17.33 -76.33
N GLY D 109 -34.36 16.15 -76.87
CA GLY D 109 -34.94 16.07 -78.21
C GLY D 109 -33.96 16.27 -79.39
N THR D 110 -32.65 16.38 -79.16
CA THR D 110 -31.72 16.55 -80.27
C THR D 110 -30.96 15.29 -80.59
N TRP D 111 -30.33 15.25 -81.76
CA TRP D 111 -29.48 14.12 -82.13
C TRP D 111 -28.43 13.85 -81.02
N GLY D 112 -27.82 14.92 -80.52
CA GLY D 112 -26.78 14.80 -79.50
C GLY D 112 -27.17 14.08 -78.22
N ALA D 113 -28.42 14.30 -77.78
CA ALA D 113 -29.00 13.66 -76.58
C ALA D 113 -29.49 12.24 -76.83
N ALA D 114 -29.62 11.85 -78.09
CA ALA D 114 -30.08 10.54 -78.38
C ALA D 114 -28.99 9.52 -78.02
N ILE D 115 -29.42 8.38 -77.51
CA ILE D 115 -28.58 7.24 -77.27
C ILE D 115 -28.07 6.66 -78.57
N VAL D 116 -26.77 6.38 -78.61
CA VAL D 116 -26.07 5.98 -79.85
C VAL D 116 -26.76 4.76 -80.45
N ASP D 117 -26.83 4.71 -81.78
CA ASP D 117 -27.72 3.75 -82.47
C ASP D 117 -27.39 2.28 -82.14
N GLU D 118 -26.10 1.99 -82.08
CA GLU D 118 -25.58 0.68 -81.65
C GLU D 118 -26.10 0.17 -80.29
N LEU D 119 -26.47 1.07 -79.38
CA LEU D 119 -26.98 0.66 -78.04
C LEU D 119 -28.44 1.09 -77.80
N ALA D 120 -29.13 1.46 -78.89
CA ALA D 120 -30.52 1.90 -78.82
C ALA D 120 -31.25 1.02 -77.86
N PRO D 121 -32.01 1.61 -76.94
CA PRO D 121 -32.82 0.78 -76.05
C PRO D 121 -33.82 -0.10 -76.82
N VAL D 122 -33.92 -1.36 -76.44
CA VAL D 122 -34.87 -2.26 -77.05
C VAL D 122 -35.59 -3.09 -75.98
N ASN D 123 -36.63 -3.77 -76.43
CA ASN D 123 -37.65 -4.37 -75.58
C ASN D 123 -37.15 -4.85 -74.23
N GLY D 124 -37.71 -4.26 -73.17
CA GLY D 124 -37.38 -4.66 -71.79
C GLY D 124 -36.47 -3.64 -71.11
N ASP D 125 -35.65 -2.95 -71.89
CA ASP D 125 -34.67 -2.07 -71.30
C ASP D 125 -35.37 -0.90 -70.63
N ILE D 126 -34.67 -0.32 -69.69
CA ILE D 126 -35.15 0.71 -68.83
C ILE D 126 -34.31 1.93 -69.14
N VAL D 127 -34.94 3.06 -69.42
CA VAL D 127 -34.23 4.29 -69.59
C VAL D 127 -34.48 5.06 -68.31
N ILE D 128 -33.40 5.29 -67.54
CA ILE D 128 -33.41 5.97 -66.30
C ILE D 128 -33.69 7.41 -66.60
N GLU D 129 -34.48 8.09 -65.74
CA GLU D 129 -34.97 9.43 -66.06
C GLU D 129 -34.51 10.48 -65.06
N GLY D 130 -34.29 11.68 -65.54
CA GLY D 130 -34.07 12.82 -64.71
C GLY D 130 -32.66 13.32 -64.69
N LYS D 131 -31.70 12.57 -65.25
CA LYS D 131 -30.29 12.97 -65.03
C LYS D 131 -30.02 14.42 -65.45
N ARG D 132 -29.56 15.21 -64.49
CA ARG D 132 -29.17 16.60 -64.75
C ARG D 132 -27.75 16.98 -64.27
N GLY D 133 -27.22 16.20 -63.34
CA GLY D 133 -25.86 16.40 -62.85
C GLY D 133 -25.02 15.21 -63.18
N LEU D 134 -24.00 14.93 -62.39
CA LEU D 134 -22.99 13.98 -62.82
C LEU D 134 -23.24 12.62 -62.18
N ASP D 135 -23.68 12.59 -60.94
CA ASP D 135 -23.94 11.37 -60.22
C ASP D 135 -25.34 10.91 -60.62
N THR D 136 -25.40 9.77 -61.29
CA THR D 136 -26.69 9.22 -61.62
C THR D 136 -27.66 9.13 -60.43
N PHE D 137 -27.15 8.94 -59.22
CA PHE D 137 -28.07 8.73 -58.09
C PHE D 137 -28.63 10.03 -57.55
N ALA D 138 -27.98 11.16 -57.85
CA ALA D 138 -28.39 12.47 -57.34
C ALA D 138 -29.62 13.16 -57.99
N SER D 139 -29.96 12.81 -59.23
CA SER D 139 -31.13 13.42 -59.88
C SER D 139 -31.97 12.44 -60.72
N THR D 140 -31.99 11.16 -60.33
CA THR D 140 -32.71 10.19 -61.12
C THR D 140 -33.48 9.21 -60.30
N ASN D 141 -34.20 8.33 -60.98
CA ASN D 141 -34.98 7.26 -60.34
C ASN D 141 -34.19 5.99 -60.30
N LEU D 142 -32.88 6.05 -60.49
CA LEU D 142 -32.05 4.84 -60.48
C LEU D 142 -32.17 4.07 -59.16
N ASP D 143 -31.97 4.78 -58.05
CA ASP D 143 -31.98 4.13 -56.77
C ASP D 143 -33.32 3.47 -56.58
N PHE D 144 -34.39 4.21 -56.86
CA PHE D 144 -35.74 3.69 -56.66
C PHE D 144 -35.95 2.40 -57.46
N ILE D 145 -35.63 2.46 -58.75
CA ILE D 145 -35.81 1.31 -59.61
C ILE D 145 -34.92 0.15 -59.19
N LEU D 146 -33.64 0.42 -58.95
CA LEU D 146 -32.72 -0.66 -58.55
C LEU D 146 -33.29 -1.35 -57.32
N ARG D 147 -33.66 -0.56 -56.31
CA ARG D 147 -34.21 -1.13 -55.06
C ARG D 147 -35.57 -1.85 -55.23
N SER D 148 -36.45 -1.27 -56.03
CA SER D 148 -37.76 -1.92 -56.28
C SER D 148 -37.53 -3.31 -56.91
N LYS D 149 -36.65 -3.36 -57.91
CA LYS D 149 -36.36 -4.63 -58.60
C LYS D 149 -35.46 -5.61 -57.81
N GLY D 150 -35.06 -5.26 -56.58
CA GLY D 150 -34.23 -6.13 -55.75
C GLY D 150 -32.84 -6.38 -56.30
N VAL D 151 -32.30 -5.38 -57.00
CA VAL D 151 -30.96 -5.45 -57.56
C VAL D 151 -29.93 -4.96 -56.58
N ASP D 152 -28.93 -5.78 -56.30
CA ASP D 152 -27.87 -5.35 -55.36
C ASP D 152 -26.46 -5.21 -56.01
N THR D 153 -26.30 -5.70 -57.25
CA THR D 153 -25.04 -5.64 -57.99
C THR D 153 -25.27 -4.78 -59.21
N ILE D 154 -24.58 -3.66 -59.31
CA ILE D 154 -24.62 -2.84 -60.50
C ILE D 154 -23.28 -2.92 -61.27
N VAL D 155 -23.37 -3.10 -62.59
CA VAL D 155 -22.21 -3.07 -63.48
C VAL D 155 -22.17 -1.74 -64.27
N LEU D 156 -21.18 -0.88 -64.04
CA LEU D 156 -21.15 0.42 -64.74
C LEU D 156 -20.25 0.49 -65.96
N GLY D 157 -20.77 1.10 -67.02
CA GLY D 157 -19.99 1.54 -68.20
C GLY D 157 -20.35 2.97 -68.63
N GLY D 158 -19.58 3.54 -69.56
CA GLY D 158 -19.90 4.87 -70.04
C GLY D 158 -18.93 6.01 -69.85
N PHE D 159 -19.49 7.20 -69.80
CA PHE D 159 -18.74 8.43 -69.81
C PHE D 159 -19.16 9.28 -68.59
N LEU D 160 -18.29 10.13 -68.05
CA LEU D 160 -16.86 10.14 -68.22
C LEU D 160 -16.22 9.35 -67.11
N THR D 161 -15.08 8.74 -67.39
CA THR D 161 -14.43 7.85 -66.45
C THR D 161 -14.24 8.51 -65.10
N ASN D 162 -13.64 9.68 -65.08
CA ASN D 162 -13.37 10.37 -63.82
C ASN D 162 -14.46 11.38 -63.34
N CYS D 163 -15.60 11.41 -64.01
CA CYS D 163 -16.63 12.33 -63.66
C CYS D 163 -17.91 11.57 -63.35
N CYS D 164 -18.77 11.30 -64.32
CA CYS D 164 -20.08 10.77 -64.03
C CYS D 164 -19.96 9.30 -63.62
N VAL D 165 -19.08 8.54 -64.26
CA VAL D 165 -18.90 7.13 -63.86
C VAL D 165 -18.37 7.09 -62.41
N GLU D 166 -17.41 7.96 -62.11
CA GLU D 166 -16.83 7.99 -60.77
C GLU D 166 -17.84 8.45 -59.67
N SER D 167 -18.61 9.49 -59.93
CA SER D 167 -19.62 9.94 -58.99
C SER D 167 -20.66 8.82 -58.78
N THR D 168 -21.12 8.18 -59.84
CA THR D 168 -22.18 7.18 -59.73
C THR D 168 -21.68 5.99 -58.91
N MET D 169 -20.46 5.60 -59.18
CA MET D 169 -19.75 4.52 -58.48
C MET D 169 -19.55 4.81 -57.00
N ARG D 170 -19.13 6.02 -56.68
CA ARG D 170 -18.98 6.40 -55.28
C ARG D 170 -20.27 6.40 -54.48
N THR D 171 -21.35 6.95 -55.04
CA THR D 171 -22.63 6.91 -54.37
C THR D 171 -23.14 5.45 -54.36
N GLY D 172 -22.84 4.66 -55.37
CA GLY D 172 -23.24 3.24 -55.36
C GLY D 172 -22.70 2.51 -54.16
N TYR D 173 -21.41 2.72 -53.92
CA TYR D 173 -20.69 2.15 -52.82
C TYR D 173 -21.35 2.62 -51.52
N GLU D 174 -21.56 3.93 -51.40
CA GLU D 174 -22.16 4.50 -50.19
C GLU D 174 -23.47 3.81 -49.85
N ARG D 175 -24.23 3.45 -50.88
CA ARG D 175 -25.53 2.87 -50.76
C ARG D 175 -25.53 1.38 -50.70
N GLY D 176 -24.36 0.76 -50.73
CA GLY D 176 -24.27 -0.65 -50.39
C GLY D 176 -24.53 -1.60 -51.53
N PHE D 177 -24.53 -1.10 -52.76
CA PHE D 177 -24.50 -1.98 -53.91
C PHE D 177 -23.13 -2.59 -54.02
N ARG D 178 -23.08 -3.75 -54.63
CA ARG D 178 -21.81 -4.25 -55.11
C ARG D 178 -21.59 -3.54 -56.44
N VAL D 179 -20.61 -2.64 -56.51
CA VAL D 179 -20.35 -1.95 -57.76
C VAL D 179 -19.21 -2.65 -58.47
N ILE D 180 -19.43 -2.96 -59.75
CA ILE D 180 -18.43 -3.45 -60.67
C ILE D 180 -18.29 -2.38 -61.73
N THR D 181 -17.06 -1.96 -62.00
CA THR D 181 -16.77 -0.97 -63.01
C THR D 181 -16.08 -1.67 -64.16
N LEU D 182 -16.57 -1.47 -65.38
CA LEU D 182 -16.00 -2.00 -66.60
C LEU D 182 -14.86 -1.11 -67.06
N THR D 183 -13.65 -1.50 -66.71
CA THR D 183 -12.45 -0.71 -66.89
C THR D 183 -12.14 -0.48 -68.35
N ASP D 184 -12.66 -1.30 -69.23
CA ASP D 184 -12.56 -1.06 -70.68
C ASP D 184 -13.88 -0.77 -71.38
N CYS D 185 -14.88 -0.27 -70.64
CA CYS D 185 -16.11 0.23 -71.23
C CYS D 185 -16.37 1.61 -70.66
N VAL D 186 -15.29 2.29 -70.32
CA VAL D 186 -15.38 3.66 -69.87
C VAL D 186 -14.43 4.51 -70.67
N ALA D 187 -14.69 5.79 -70.70
CA ALA D 187 -13.89 6.68 -71.47
C ALA D 187 -13.95 8.06 -70.86
N ALA D 188 -12.93 8.87 -71.14
CA ALA D 188 -12.79 10.19 -70.55
C ALA D 188 -12.14 11.15 -71.53
N THR D 189 -12.08 12.42 -71.16
CA THR D 189 -11.46 13.44 -72.02
C THR D 189 -9.93 13.37 -72.13
N SER D 190 -9.28 12.58 -71.30
CA SER D 190 -7.87 12.35 -71.50
C SER D 190 -7.44 11.02 -70.88
N GLN D 191 -6.44 10.42 -71.50
CA GLN D 191 -5.94 9.10 -71.16
C GLN D 191 -5.32 9.10 -69.77
N GLU D 192 -4.68 10.20 -69.44
CA GLU D 192 -4.13 10.42 -68.15
C GLU D 192 -5.24 10.41 -67.08
N GLU D 193 -6.27 11.24 -67.26
CA GLU D 193 -7.37 11.32 -66.32
C GLU D 193 -7.96 9.94 -66.24
N HIS D 194 -8.04 9.25 -67.39
CA HIS D 194 -8.76 7.97 -67.45
C HIS D 194 -8.05 6.91 -66.64
N ASN D 195 -6.73 6.82 -66.88
CA ASN D 195 -5.88 5.80 -66.28
C ASN D 195 -5.75 5.94 -64.77
N ASN D 196 -5.62 7.18 -64.32
CA ASN D 196 -5.50 7.49 -62.93
C ASN D 196 -6.79 7.16 -62.21
N ALA D 197 -7.95 7.53 -62.77
CA ALA D 197 -9.24 7.19 -62.14
C ALA D 197 -9.27 5.69 -61.86
N ILE D 198 -8.88 4.92 -62.87
CA ILE D 198 -9.01 3.48 -62.84
C ILE D 198 -8.01 2.88 -61.86
N SER D 199 -6.81 3.44 -61.80
CA SER D 199 -5.74 2.87 -61.02
C SER D 199 -5.89 3.21 -59.55
N TYR D 200 -6.18 4.48 -59.26
CA TYR D 200 -6.28 4.99 -57.88
C TYR D 200 -7.65 4.90 -57.23
N ASP D 201 -8.72 5.24 -57.95
CA ASP D 201 -10.00 5.48 -57.27
C ASP D 201 -10.96 4.30 -57.42
N PHE D 202 -10.99 3.67 -58.58
CA PHE D 202 -11.94 2.61 -58.82
C PHE D 202 -11.81 1.54 -57.74
N PRO D 203 -10.59 1.16 -57.35
CA PRO D 203 -10.49 0.05 -56.38
C PRO D 203 -11.01 0.37 -54.97
N MET D 204 -11.14 1.65 -54.66
CA MET D 204 -11.62 2.10 -53.37
C MET D 204 -13.13 1.86 -53.34
N PHE D 205 -13.81 2.03 -54.46
CA PHE D 205 -15.29 2.07 -54.48
C PHE D 205 -15.98 0.95 -55.32
N SER D 206 -15.19 0.06 -55.91
CA SER D 206 -15.80 -0.91 -56.80
C SER D 206 -14.96 -2.18 -56.96
N VAL D 207 -15.50 -3.14 -57.68
CA VAL D 207 -14.72 -4.24 -58.18
C VAL D 207 -14.44 -3.98 -59.67
N PRO D 208 -13.20 -3.55 -59.99
CA PRO D 208 -12.83 -3.31 -61.38
C PRO D 208 -12.64 -4.59 -62.15
N MET D 209 -13.27 -4.69 -63.31
CA MET D 209 -13.21 -5.89 -64.14
C MET D 209 -13.28 -5.49 -65.61
N THR D 210 -12.84 -6.39 -66.47
CA THR D 210 -12.92 -6.23 -67.91
C THR D 210 -14.25 -6.77 -68.40
N SER D 211 -14.66 -6.30 -69.58
CA SER D 211 -15.82 -6.83 -70.27
C SER D 211 -15.76 -8.34 -70.36
N ALA D 212 -14.57 -8.88 -70.67
CA ALA D 212 -14.39 -10.33 -70.83
C ALA D 212 -14.71 -11.13 -69.58
N ASP D 213 -14.34 -10.61 -68.42
CA ASP D 213 -14.59 -11.30 -67.17
C ASP D 213 -16.01 -11.11 -66.75
N VAL D 214 -16.58 -9.92 -66.94
CA VAL D 214 -18.02 -9.75 -66.74
C VAL D 214 -18.82 -10.67 -67.69
N ILE D 215 -18.43 -10.71 -68.96
CA ILE D 215 -19.06 -11.60 -69.92
C ILE D 215 -18.91 -13.07 -69.49
N ALA D 216 -17.73 -13.47 -69.03
CA ALA D 216 -17.56 -14.84 -68.56
C ALA D 216 -18.46 -15.11 -67.37
N ALA D 217 -18.58 -14.14 -66.48
CA ALA D 217 -19.41 -14.25 -65.26
C ALA D 217 -20.93 -14.30 -65.55
N LEU D 218 -21.34 -13.63 -66.63
CA LEU D 218 -22.74 -13.58 -67.04
C LEU D 218 -23.21 -14.92 -67.63
N GLU D 219 -22.26 -15.66 -68.19
CA GLU D 219 -22.53 -16.96 -68.80
C GLU D 219 -22.37 -18.10 -67.78
N LEU E 19 -10.18 26.20 13.99
CA LEU E 19 -10.11 25.36 12.72
C LEU E 19 -9.15 25.99 11.71
N GLU E 20 -7.92 25.47 11.62
CA GLU E 20 -6.96 26.03 10.68
C GLU E 20 -6.74 25.03 9.53
N LEU E 21 -6.59 25.57 8.32
CA LEU E 21 -6.31 24.76 7.15
C LEU E 21 -5.03 25.26 6.48
N ASP E 22 -4.16 24.32 6.15
CA ASP E 22 -2.98 24.56 5.34
C ASP E 22 -3.34 24.11 3.94
N PRO E 23 -3.46 25.06 2.99
CA PRO E 23 -3.90 24.72 1.66
C PRO E 23 -2.96 23.75 0.96
N ALA E 24 -1.69 23.72 1.35
CA ALA E 24 -0.74 22.73 0.80
C ALA E 24 -0.97 21.28 1.28
N ARG E 25 -1.78 21.08 2.33
CA ARG E 25 -1.94 19.79 3.02
C ARG E 25 -3.41 19.34 3.10
N THR E 26 -4.27 20.04 2.34
CA THR E 26 -5.71 19.78 2.35
C THR E 26 -6.24 19.35 0.97
N ALA E 27 -7.21 18.47 0.95
CA ALA E 27 -7.97 18.16 -0.25
C ALA E 27 -9.46 18.18 0.09
N ILE E 28 -10.28 18.62 -0.85
CA ILE E 28 -11.72 18.39 -0.83
C ILE E 28 -12.04 17.09 -1.54
N VAL E 29 -12.80 16.23 -0.92
CA VAL E 29 -13.10 14.93 -1.50
C VAL E 29 -14.59 14.81 -1.59
N LEU E 30 -15.11 14.87 -2.83
CA LEU E 30 -16.57 14.86 -3.09
C LEU E 30 -16.98 13.50 -3.52
N ILE E 31 -17.81 12.87 -2.72
CA ILE E 31 -18.18 11.50 -2.98
C ILE E 31 -19.50 11.41 -3.76
N GLU E 32 -19.43 10.83 -4.96
CA GLU E 32 -20.62 10.44 -5.70
C GLU E 32 -21.64 11.54 -5.98
N TYR E 33 -21.16 12.75 -6.30
CA TYR E 33 -22.01 13.81 -6.79
C TYR E 33 -22.43 13.59 -8.24
N GLN E 34 -23.14 12.50 -8.47
CA GLN E 34 -23.54 12.09 -9.78
C GLN E 34 -25.07 12.25 -9.97
N ASN E 35 -25.49 12.48 -11.22
CA ASN E 35 -26.89 12.68 -11.55
C ASN E 35 -27.79 11.66 -10.93
N GLU E 36 -27.32 10.41 -10.88
CA GLU E 36 -28.02 9.32 -10.23
C GLU E 36 -28.54 9.66 -8.82
N PHE E 37 -27.79 10.46 -8.07
CA PHE E 37 -28.25 11.03 -6.82
C PHE E 37 -28.82 12.43 -6.95
N THR E 38 -28.15 13.27 -7.71
CA THR E 38 -28.32 14.70 -7.55
C THR E 38 -29.48 15.33 -8.33
N SER E 39 -30.00 14.61 -9.31
CA SER E 39 -30.70 15.21 -10.44
C SER E 39 -31.99 14.48 -10.70
N ASP E 40 -33.01 15.26 -11.07
CA ASP E 40 -34.30 14.72 -11.42
C ASP E 40 -34.06 13.69 -12.53
N GLY E 41 -34.60 12.50 -12.33
CA GLY E 41 -34.44 11.39 -13.27
C GLY E 41 -33.42 10.36 -12.83
N GLY E 42 -32.50 10.77 -11.93
CA GLY E 42 -31.53 9.81 -11.42
C GLY E 42 -32.32 8.71 -10.74
N VAL E 43 -31.86 7.47 -10.92
CA VAL E 43 -32.51 6.32 -10.30
C VAL E 43 -32.71 6.51 -8.79
N LEU E 44 -31.73 7.13 -8.13
CA LEU E 44 -31.76 7.24 -6.69
C LEU E 44 -32.10 8.64 -6.22
N HIS E 45 -32.44 9.53 -7.14
CA HIS E 45 -32.64 10.91 -6.74
C HIS E 45 -33.86 11.09 -5.87
N GLY E 46 -34.93 10.40 -6.23
CA GLY E 46 -36.18 10.36 -5.42
C GLY E 46 -35.93 10.04 -3.93
N ALA E 47 -34.98 9.14 -3.68
CA ALA E 47 -34.73 8.67 -2.34
C ALA E 47 -33.91 9.69 -1.53
N VAL E 48 -33.16 10.58 -2.18
CA VAL E 48 -32.36 11.54 -1.44
C VAL E 48 -32.83 12.99 -1.48
N ALA E 49 -33.87 13.26 -2.24
CA ALA E 49 -34.26 14.62 -2.57
C ALA E 49 -34.67 15.37 -1.32
N ASP E 50 -35.35 14.68 -0.42
CA ASP E 50 -35.88 15.35 0.75
C ASP E 50 -34.72 15.85 1.63
N VAL E 51 -33.73 14.99 1.85
CA VAL E 51 -32.58 15.38 2.66
C VAL E 51 -31.69 16.44 1.94
N MET E 52 -31.49 16.27 0.62
CA MET E 52 -30.84 17.27 -0.22
C MET E 52 -31.47 18.67 0.03
N GLN E 53 -32.79 18.70 -0.02
CA GLN E 53 -33.50 19.95 0.11
C GLN E 53 -33.44 20.53 1.55
N HIS E 54 -33.61 19.69 2.57
CA HIS E 54 -33.54 20.17 3.95
C HIS E 54 -32.11 20.74 4.24
N THR E 55 -31.08 20.05 3.78
CA THR E 55 -29.70 20.50 4.02
C THR E 55 -29.21 21.65 3.12
N GLY E 56 -29.77 21.74 1.91
CA GLY E 56 -29.22 22.60 0.89
C GLY E 56 -27.84 22.13 0.44
N MET E 57 -27.59 20.81 0.50
CA MET E 57 -26.22 20.29 0.38
C MET E 57 -25.57 20.61 -0.97
N LEU E 58 -26.30 20.52 -2.07
CA LEU E 58 -25.70 20.81 -3.35
C LEU E 58 -25.06 22.19 -3.39
N ALA E 59 -25.87 23.20 -3.12
CA ALA E 59 -25.45 24.61 -3.14
C ALA E 59 -24.34 24.90 -2.11
N ASN E 60 -24.42 24.25 -0.97
CA ASN E 60 -23.41 24.47 0.09
C ASN E 60 -22.07 23.89 -0.39
N THR E 61 -22.15 22.78 -1.13
CA THR E 61 -20.95 22.10 -1.65
C THR E 61 -20.35 22.97 -2.75
N VAL E 62 -21.21 23.54 -3.60
CA VAL E 62 -20.77 24.47 -4.63
C VAL E 62 -19.97 25.59 -3.96
N ALA E 63 -20.45 26.06 -2.83
CA ALA E 63 -19.81 27.18 -2.10
C ALA E 63 -18.45 26.74 -1.52
N VAL E 64 -18.40 25.53 -0.98
CA VAL E 64 -17.13 25.04 -0.41
C VAL E 64 -16.09 24.85 -1.48
N VAL E 65 -16.49 24.23 -2.59
CA VAL E 65 -15.64 24.08 -3.75
C VAL E 65 -15.16 25.39 -4.37
N ASP E 66 -16.02 26.41 -4.45
CA ASP E 66 -15.56 27.74 -4.93
C ASP E 66 -14.47 28.37 -4.03
N ALA E 67 -14.67 28.33 -2.72
CA ALA E 67 -13.66 28.90 -1.79
C ALA E 67 -12.37 28.04 -1.83
N ALA E 68 -12.52 26.72 -1.83
CA ALA E 68 -11.37 25.80 -1.92
C ALA E 68 -10.53 26.06 -3.17
N ARG E 69 -11.19 26.16 -4.31
CA ARG E 69 -10.53 26.39 -5.56
C ARG E 69 -9.79 27.72 -5.60
N GLN E 70 -10.34 28.78 -4.99
CA GLN E 70 -9.60 30.07 -4.88
C GLN E 70 -8.46 30.02 -3.87
N ALA E 71 -8.52 29.07 -2.92
CA ALA E 71 -7.40 28.92 -1.98
C ALA E 71 -6.28 28.04 -2.58
N GLY E 72 -6.46 27.51 -3.78
CA GLY E 72 -5.54 26.52 -4.35
C GLY E 72 -5.62 25.16 -3.64
N VAL E 73 -6.77 24.80 -3.10
CA VAL E 73 -6.95 23.49 -2.46
C VAL E 73 -7.51 22.55 -3.50
N PRO E 74 -6.88 21.40 -3.70
CA PRO E 74 -7.36 20.52 -4.74
C PRO E 74 -8.74 19.92 -4.42
N ILE E 75 -9.56 19.83 -5.45
CA ILE E 75 -10.86 19.23 -5.43
C ILE E 75 -10.69 17.88 -6.07
N MET E 76 -11.03 16.84 -5.35
CA MET E 76 -10.92 15.49 -5.89
C MET E 76 -12.33 14.90 -5.93
N HIS E 77 -12.79 14.48 -7.11
CA HIS E 77 -14.10 13.86 -7.21
C HIS E 77 -13.99 12.39 -7.14
N ALA E 78 -14.93 11.74 -6.48
CA ALA E 78 -14.87 10.29 -6.38
C ALA E 78 -16.23 9.77 -6.81
N PRO E 79 -16.38 9.53 -8.12
CA PRO E 79 -17.63 8.98 -8.65
C PRO E 79 -17.56 7.47 -8.57
N ILE E 80 -18.71 6.80 -8.42
CA ILE E 80 -18.82 5.36 -8.51
C ILE E 80 -19.52 4.95 -9.83
N THR E 81 -18.97 3.94 -10.51
CA THR E 81 -19.46 3.49 -11.79
C THR E 81 -19.19 2.01 -11.91
N PHE E 82 -19.91 1.34 -12.83
CA PHE E 82 -19.78 -0.10 -13.08
C PHE E 82 -19.85 -0.44 -14.54
N ALA E 83 -18.88 -1.20 -15.03
CA ALA E 83 -18.94 -1.67 -16.40
C ALA E 83 -20.32 -2.26 -16.55
N GLU E 84 -20.89 -2.12 -17.73
CA GLU E 84 -22.27 -2.44 -17.97
C GLU E 84 -22.39 -3.95 -17.88
N GLY E 85 -23.42 -4.44 -17.21
CA GLY E 85 -23.59 -5.91 -16.98
C GLY E 85 -23.11 -6.29 -15.57
N TYR E 86 -22.42 -5.38 -14.87
CA TYR E 86 -21.90 -5.65 -13.49
C TYR E 86 -21.06 -6.95 -13.35
N GLY E 87 -20.31 -7.31 -14.39
CA GLY E 87 -19.49 -8.54 -14.37
C GLY E 87 -18.21 -8.32 -13.57
N GLU E 88 -17.98 -7.09 -13.14
CA GLU E 88 -16.89 -6.79 -12.23
C GLU E 88 -17.17 -7.15 -10.77
N LEU E 89 -18.43 -7.49 -10.45
CA LEU E 89 -18.88 -7.87 -9.09
C LEU E 89 -19.33 -9.31 -9.10
N THR E 90 -19.52 -9.87 -7.91
CA THR E 90 -20.12 -11.20 -7.71
C THR E 90 -21.45 -11.27 -8.40
N ARG E 91 -21.80 -12.44 -8.91
CA ARG E 91 -23.10 -12.65 -9.54
C ARG E 91 -24.28 -12.62 -8.51
N HIS E 92 -23.98 -12.86 -7.23
CA HIS E 92 -24.98 -12.95 -6.16
C HIS E 92 -24.68 -11.93 -5.05
N PRO E 93 -24.73 -10.63 -5.36
CA PRO E 93 -24.41 -9.69 -4.30
C PRO E 93 -25.42 -9.74 -3.18
N TYR E 94 -25.01 -9.29 -1.99
CA TYR E 94 -25.88 -9.11 -0.86
C TYR E 94 -25.63 -7.71 -0.34
N GLY E 95 -26.44 -7.29 0.62
CA GLY E 95 -26.31 -5.96 1.22
C GLY E 95 -26.56 -4.78 0.28
N ILE E 96 -25.96 -3.65 0.57
CA ILE E 96 -26.25 -2.48 -0.20
C ILE E 96 -25.94 -2.62 -1.71
N LEU E 97 -24.90 -3.38 -2.11
CA LEU E 97 -24.58 -3.50 -3.54
C LEU E 97 -25.62 -4.32 -4.32
N LYS E 98 -26.35 -5.19 -3.66
CA LYS E 98 -27.52 -5.77 -4.31
C LYS E 98 -28.43 -4.68 -4.95
N GLY E 99 -28.82 -3.68 -4.19
CA GLY E 99 -29.69 -2.61 -4.70
C GLY E 99 -29.12 -1.89 -5.93
N VAL E 100 -27.82 -1.68 -5.95
CA VAL E 100 -27.18 -1.03 -7.09
C VAL E 100 -27.35 -1.91 -8.35
N VAL E 101 -27.15 -3.21 -8.21
CA VAL E 101 -27.18 -4.12 -9.36
C VAL E 101 -28.61 -4.35 -9.80
N ASP E 102 -29.49 -4.50 -8.82
CA ASP E 102 -30.90 -4.73 -9.10
C ASP E 102 -31.55 -3.47 -9.69
N GLY E 103 -31.11 -2.29 -9.29
CA GLY E 103 -31.71 -1.04 -9.77
C GLY E 103 -31.02 -0.49 -10.99
N LYS E 104 -30.10 -1.29 -11.51
CA LYS E 104 -29.15 -0.89 -12.55
C LYS E 104 -28.66 0.52 -12.43
N ALA E 105 -28.07 0.85 -11.30
CA ALA E 105 -27.57 2.21 -11.12
C ALA E 105 -26.07 2.32 -11.46
N PHE E 106 -25.64 3.55 -11.68
CA PHE E 106 -24.26 3.90 -11.89
C PHE E 106 -23.56 3.15 -13.03
N VAL E 107 -24.28 2.88 -14.12
CA VAL E 107 -23.66 2.22 -15.24
C VAL E 107 -22.72 3.17 -15.94
N LYS E 108 -21.50 2.68 -16.17
CA LYS E 108 -20.46 3.44 -16.83
C LYS E 108 -20.91 4.02 -18.17
N GLY E 109 -20.67 5.30 -18.32
CA GLY E 109 -20.95 6.02 -19.57
C GLY E 109 -22.40 6.45 -19.75
N THR E 110 -23.23 6.33 -18.72
CA THR E 110 -24.66 6.69 -18.79
C THR E 110 -24.83 8.03 -18.17
N TRP E 111 -25.94 8.69 -18.46
CA TRP E 111 -26.16 10.02 -17.85
C TRP E 111 -26.13 9.97 -16.30
N GLY E 112 -26.68 8.91 -15.74
CA GLY E 112 -26.73 8.76 -14.28
C GLY E 112 -25.36 8.66 -13.61
N ALA E 113 -24.40 8.07 -14.31
CA ALA E 113 -23.04 7.95 -13.86
C ALA E 113 -22.26 9.25 -13.87
N ALA E 114 -22.75 10.27 -14.57
CA ALA E 114 -21.94 11.48 -14.81
C ALA E 114 -22.04 12.47 -13.66
N ILE E 115 -20.96 13.21 -13.44
CA ILE E 115 -20.93 14.19 -12.36
C ILE E 115 -21.92 15.28 -12.72
N VAL E 116 -22.66 15.78 -11.72
CA VAL E 116 -23.69 16.76 -11.91
C VAL E 116 -23.08 18.01 -12.50
N ASP E 117 -23.72 18.59 -13.51
CA ASP E 117 -23.15 19.69 -14.30
C ASP E 117 -22.45 20.78 -13.48
N GLU E 118 -23.08 21.24 -12.42
CA GLU E 118 -22.62 22.40 -11.67
C GLU E 118 -21.37 22.17 -10.78
N LEU E 119 -21.01 20.92 -10.54
CA LEU E 119 -19.73 20.59 -9.94
C LEU E 119 -18.86 19.81 -10.92
N ALA E 120 -19.07 19.94 -12.22
CA ALA E 120 -18.27 19.17 -13.21
C ALA E 120 -16.78 19.51 -13.06
N PRO E 121 -15.89 18.52 -13.26
CA PRO E 121 -14.45 18.76 -13.12
C PRO E 121 -13.89 19.83 -14.05
N VAL E 122 -13.14 20.77 -13.52
CA VAL E 122 -12.55 21.79 -14.35
C VAL E 122 -11.08 21.80 -14.06
N ASN E 123 -10.35 22.56 -14.87
CA ASN E 123 -8.89 22.60 -14.90
C ASN E 123 -8.22 22.27 -13.60
N GLY E 124 -7.61 21.09 -13.53
CA GLY E 124 -6.77 20.79 -12.37
C GLY E 124 -7.49 19.91 -11.38
N ASP E 125 -8.82 19.88 -11.39
CA ASP E 125 -9.51 18.95 -10.52
C ASP E 125 -9.00 17.54 -10.84
N ILE E 126 -8.98 16.71 -9.81
CA ILE E 126 -8.59 15.31 -9.94
C ILE E 126 -9.79 14.47 -9.90
N VAL E 127 -9.89 13.47 -10.77
CA VAL E 127 -10.97 12.51 -10.68
C VAL E 127 -10.45 11.13 -10.22
N ILE E 128 -10.78 10.79 -9.00
CA ILE E 128 -10.40 9.55 -8.36
C ILE E 128 -11.02 8.41 -9.18
N GLU E 129 -10.25 7.36 -9.42
CA GLU E 129 -10.61 6.29 -10.28
C GLU E 129 -10.75 5.02 -9.45
N GLY E 130 -11.64 4.13 -9.89
CA GLY E 130 -11.74 2.77 -9.37
C GLY E 130 -12.94 2.44 -8.52
N LYS E 131 -13.63 3.43 -7.95
CA LYS E 131 -14.65 3.16 -6.89
C LYS E 131 -15.65 2.17 -7.35
N ARG E 132 -15.76 1.07 -6.62
CA ARG E 132 -16.80 0.07 -6.89
C ARG E 132 -17.60 -0.34 -5.65
N GLY E 133 -17.17 0.10 -4.48
CA GLY E 133 -17.82 -0.25 -3.26
C GLY E 133 -18.08 1.05 -2.58
N LEU E 134 -18.18 1.02 -1.26
CA LEU E 134 -18.71 2.16 -0.51
C LEU E 134 -17.63 3.07 0.04
N ASP E 135 -16.64 2.47 0.67
CA ASP E 135 -15.45 3.15 1.15
C ASP E 135 -14.56 3.58 -0.01
N THR E 136 -14.30 4.86 -0.12
CA THR E 136 -13.52 5.36 -1.22
C THR E 136 -12.09 4.87 -1.16
N PHE E 137 -11.57 4.57 0.02
CA PHE E 137 -10.21 4.02 0.16
C PHE E 137 -10.09 2.54 -0.20
N ALA E 138 -11.18 1.81 -0.42
CA ALA E 138 -11.05 0.37 -0.58
C ALA E 138 -10.88 -0.11 -2.01
N SER E 139 -11.20 0.73 -3.02
CA SER E 139 -11.02 0.34 -4.43
C SER E 139 -10.61 1.47 -5.32
N THR E 140 -9.91 2.47 -4.80
CA THR E 140 -9.51 3.59 -5.65
C THR E 140 -8.07 4.00 -5.45
N ASN E 141 -7.65 5.00 -6.23
CA ASN E 141 -6.32 5.55 -6.08
C ASN E 141 -6.30 6.75 -5.12
N LEU E 142 -7.32 6.87 -4.29
CA LEU E 142 -7.46 8.03 -3.39
C LEU E 142 -6.29 8.11 -2.41
N ASP E 143 -5.98 7.00 -1.76
CA ASP E 143 -4.92 7.03 -0.72
C ASP E 143 -3.56 7.32 -1.35
N PHE E 144 -3.29 6.62 -2.45
CA PHE E 144 -2.05 6.84 -3.19
C PHE E 144 -1.89 8.33 -3.52
N ILE E 145 -2.95 8.94 -4.08
CA ILE E 145 -2.84 10.30 -4.56
C ILE E 145 -2.70 11.31 -3.41
N LEU E 146 -3.47 11.14 -2.35
CA LEU E 146 -3.39 12.01 -1.17
C LEU E 146 -2.00 12.01 -0.60
N ARG E 147 -1.46 10.81 -0.41
CA ARG E 147 -0.15 10.66 0.16
C ARG E 147 0.95 11.20 -0.76
N SER E 148 0.85 10.93 -2.04
CA SER E 148 1.88 11.42 -2.93
C SER E 148 1.92 12.95 -2.87
N LYS E 149 0.74 13.58 -2.79
CA LYS E 149 0.66 15.04 -2.78
C LYS E 149 0.90 15.68 -1.39
N GLY E 150 1.13 14.87 -0.36
CA GLY E 150 1.42 15.37 0.98
C GLY E 150 0.20 15.93 1.66
N VAL E 151 -0.96 15.38 1.29
CA VAL E 151 -2.24 15.77 1.87
C VAL E 151 -2.44 14.99 3.15
N ASP E 152 -2.69 15.68 4.26
CA ASP E 152 -3.02 15.00 5.51
C ASP E 152 -4.32 15.41 6.14
N THR E 153 -5.03 16.36 5.54
CA THR E 153 -6.37 16.72 6.00
C THR E 153 -7.35 16.59 4.83
N ILE E 154 -8.35 15.72 4.95
CA ILE E 154 -9.41 15.66 3.98
C ILE E 154 -10.76 16.17 4.51
N VAL E 155 -11.49 16.88 3.65
CA VAL E 155 -12.78 17.44 3.93
C VAL E 155 -13.78 16.69 3.02
N LEU E 156 -14.69 15.96 3.64
CA LEU E 156 -15.61 15.05 2.97
C LEU E 156 -17.06 15.61 2.80
N GLY E 157 -17.64 15.37 1.64
CA GLY E 157 -18.99 15.76 1.33
C GLY E 157 -19.47 14.77 0.30
N GLY E 158 -20.79 14.69 0.16
CA GLY E 158 -21.38 13.81 -0.84
C GLY E 158 -22.39 12.88 -0.26
N PHE E 159 -22.51 11.72 -0.93
CA PHE E 159 -23.52 10.75 -0.67
C PHE E 159 -22.87 9.41 -0.42
N LEU E 160 -23.45 8.55 0.43
CA LEU E 160 -24.58 8.85 1.28
C LEU E 160 -24.02 9.08 2.69
N THR E 161 -24.71 9.88 3.51
CA THR E 161 -24.31 10.14 4.88
C THR E 161 -23.94 8.90 5.69
N ASN E 162 -24.88 7.97 5.83
CA ASN E 162 -24.70 6.78 6.66
C ASN E 162 -23.93 5.68 5.97
N CYS E 163 -23.63 5.83 4.69
CA CYS E 163 -23.01 4.75 3.90
C CYS E 163 -21.62 5.12 3.39
N CYS E 164 -21.51 5.63 2.18
CA CYS E 164 -20.20 5.86 1.57
C CYS E 164 -19.42 6.93 2.28
N VAL E 165 -20.10 7.97 2.74
CA VAL E 165 -19.42 9.03 3.46
C VAL E 165 -18.86 8.45 4.80
N GLU E 166 -19.70 7.72 5.54
CA GLU E 166 -19.28 7.18 6.82
C GLU E 166 -18.13 6.21 6.64
N SER E 167 -18.25 5.31 5.66
CA SER E 167 -17.19 4.36 5.37
C SER E 167 -15.85 5.02 4.99
N THR E 168 -15.92 6.09 4.20
CA THR E 168 -14.72 6.80 3.84
C THR E 168 -14.08 7.53 5.02
N MET E 169 -14.92 8.14 5.86
CA MET E 169 -14.54 8.79 7.13
C MET E 169 -13.81 7.81 8.07
N ARG E 170 -14.44 6.69 8.36
CA ARG E 170 -13.88 5.65 9.23
C ARG E 170 -12.46 5.26 8.83
N THR E 171 -12.27 4.86 7.57
CA THR E 171 -10.95 4.48 7.08
C THR E 171 -9.98 5.67 7.08
N GLY E 172 -10.43 6.85 6.68
CA GLY E 172 -9.58 8.02 6.76
C GLY E 172 -8.99 8.19 8.15
N TYR E 173 -9.83 7.99 9.16
CA TYR E 173 -9.43 8.15 10.51
C TYR E 173 -8.42 7.06 10.84
N GLU E 174 -8.71 5.84 10.39
CA GLU E 174 -7.81 4.69 10.62
C GLU E 174 -6.43 4.91 9.97
N ARG E 175 -6.41 5.63 8.86
CA ARG E 175 -5.15 5.87 8.15
C ARG E 175 -4.50 7.16 8.60
N GLY E 176 -4.98 7.74 9.68
CA GLY E 176 -4.30 8.87 10.29
C GLY E 176 -4.48 10.23 9.65
N PHE E 177 -5.47 10.35 8.77
CA PHE E 177 -5.85 11.63 8.26
C PHE E 177 -6.64 12.38 9.30
N ARG E 178 -6.49 13.69 9.31
CA ARG E 178 -7.43 14.56 9.98
C ARG E 178 -8.63 14.69 9.06
N VAL E 179 -9.75 14.10 9.47
CA VAL E 179 -10.96 14.11 8.64
C VAL E 179 -11.96 15.15 9.09
N ILE E 180 -12.26 16.11 8.22
CA ILE E 180 -13.35 17.06 8.43
C ILE E 180 -14.55 16.64 7.61
N THR E 181 -15.65 16.35 8.28
CA THR E 181 -16.88 16.01 7.60
C THR E 181 -17.75 17.28 7.54
N LEU E 182 -18.31 17.55 6.36
CA LEU E 182 -19.15 18.71 6.15
C LEU E 182 -20.61 18.32 6.47
N THR E 183 -21.11 18.76 7.61
CA THR E 183 -22.41 18.28 8.06
C THR E 183 -23.51 18.76 7.14
N ASP E 184 -23.33 19.90 6.49
CA ASP E 184 -24.38 20.44 5.59
C ASP E 184 -24.05 20.26 4.08
N CYS E 185 -23.04 19.45 3.80
CA CYS E 185 -22.75 19.02 2.43
C CYS E 185 -22.92 17.52 2.26
N VAL E 186 -23.80 16.89 3.03
CA VAL E 186 -24.00 15.42 2.92
C VAL E 186 -25.49 15.09 2.87
N ALA E 187 -25.87 13.94 2.32
CA ALA E 187 -27.26 13.52 2.17
C ALA E 187 -27.46 12.01 2.20
N ALA E 188 -28.60 11.59 2.74
CA ALA E 188 -28.95 10.18 2.91
C ALA E 188 -30.33 9.96 2.37
N THR E 189 -30.80 8.74 2.42
CA THR E 189 -32.14 8.40 1.92
C THR E 189 -33.15 8.61 3.05
N SER E 190 -32.69 9.01 4.22
CA SER E 190 -33.60 9.36 5.29
C SER E 190 -32.98 10.37 6.23
N GLN E 191 -33.81 11.33 6.66
CA GLN E 191 -33.40 12.41 7.57
C GLN E 191 -32.92 11.85 8.91
N GLU E 192 -33.58 10.78 9.29
CA GLU E 192 -33.32 10.06 10.52
C GLU E 192 -31.92 9.43 10.50
N GLU E 193 -31.63 8.67 9.44
CA GLU E 193 -30.34 7.99 9.31
C GLU E 193 -29.23 9.02 9.10
N HIS E 194 -29.49 10.05 8.30
CA HIS E 194 -28.59 11.19 8.18
C HIS E 194 -28.25 11.80 9.55
N ASN E 195 -29.26 12.12 10.36
CA ASN E 195 -29.07 12.79 11.63
C ASN E 195 -28.35 11.92 12.62
N ASN E 196 -28.73 10.65 12.65
CA ASN E 196 -28.18 9.70 13.58
C ASN E 196 -26.66 9.59 13.30
N ALA E 197 -26.30 9.38 12.03
CA ALA E 197 -24.90 9.26 11.62
C ALA E 197 -24.07 10.45 12.11
N ILE E 198 -24.55 11.66 11.82
CA ILE E 198 -23.88 12.91 12.17
C ILE E 198 -23.75 13.10 13.68
N SER E 199 -24.80 12.80 14.42
CA SER E 199 -24.75 13.08 15.84
C SER E 199 -23.95 12.00 16.61
N TYR E 200 -24.13 10.72 16.25
CA TYR E 200 -23.56 9.56 16.98
C TYR E 200 -22.19 9.05 16.44
N ASP E 201 -22.04 8.95 15.10
CA ASP E 201 -20.84 8.33 14.50
C ASP E 201 -19.79 9.37 14.08
N PHE E 202 -20.22 10.42 13.45
CA PHE E 202 -19.28 11.42 12.95
C PHE E 202 -18.29 11.98 13.97
N PRO E 203 -18.74 12.25 15.21
CA PRO E 203 -17.81 12.75 16.22
C PRO E 203 -16.71 11.75 16.62
N MET E 204 -17.00 10.44 16.53
CA MET E 204 -16.04 9.38 16.83
C MET E 204 -14.85 9.33 15.85
N PHE E 205 -15.07 9.73 14.59
CA PHE E 205 -14.07 9.55 13.49
C PHE E 205 -13.69 10.80 12.72
N SER E 206 -14.20 11.96 13.11
CA SER E 206 -13.99 13.19 12.32
C SER E 206 -14.12 14.46 13.16
N VAL E 207 -13.81 15.58 12.53
CA VAL E 207 -14.08 16.89 13.07
C VAL E 207 -15.24 17.49 12.25
N PRO E 208 -16.51 17.39 12.77
CA PRO E 208 -17.70 17.89 12.08
C PRO E 208 -17.65 19.40 11.97
N MET E 209 -17.87 19.91 10.76
CA MET E 209 -17.90 21.35 10.51
C MET E 209 -19.03 21.66 9.57
N THR E 210 -19.45 22.90 9.59
CA THR E 210 -20.39 23.36 8.57
C THR E 210 -19.53 23.88 7.41
N SER E 211 -20.20 24.12 6.28
CA SER E 211 -19.59 24.78 5.16
C SER E 211 -19.10 26.19 5.51
N ALA E 212 -19.87 26.93 6.31
CA ALA E 212 -19.43 28.26 6.75
C ALA E 212 -18.05 28.12 7.44
N ASP E 213 -17.96 27.20 8.40
CA ASP E 213 -16.70 26.95 9.18
C ASP E 213 -15.53 26.74 8.25
N VAL E 214 -15.71 25.85 7.29
CA VAL E 214 -14.64 25.47 6.38
C VAL E 214 -14.26 26.59 5.42
N ILE E 215 -15.26 27.28 4.88
CA ILE E 215 -15.02 28.44 3.99
C ILE E 215 -14.21 29.48 4.73
N ALA E 216 -14.58 29.70 5.99
CA ALA E 216 -13.86 30.66 6.85
C ALA E 216 -12.39 30.22 7.02
N ALA E 217 -12.17 28.91 7.10
CA ALA E 217 -10.83 28.41 7.38
C ALA E 217 -10.04 28.57 6.10
N LEU E 218 -10.70 28.33 4.97
CA LEU E 218 -10.09 28.45 3.62
C LEU E 218 -9.77 29.91 3.27
N GLU E 219 -10.60 30.85 3.72
CA GLU E 219 -10.35 32.28 3.43
C GLU E 219 -9.32 32.83 4.35
N GLY E 220 -9.19 32.21 5.52
CA GLY E 220 -8.21 32.59 6.51
C GLY E 220 -8.88 33.54 7.47
N HIS E 221 -8.65 33.29 8.76
CA HIS E 221 -9.17 34.10 9.87
C HIS E 221 -8.26 35.32 10.02
N HIS E 222 -8.81 36.39 10.62
CA HIS E 222 -8.15 37.72 10.62
C HIS E 222 -6.82 37.74 11.37
N LEU F 19 -29.71 -20.25 5.46
CA LEU F 19 -28.23 -20.00 5.38
C LEU F 19 -27.40 -21.20 5.87
N GLU F 20 -26.31 -21.49 5.15
CA GLU F 20 -25.45 -22.62 5.49
C GLU F 20 -23.99 -22.19 5.68
N LEU F 21 -23.27 -22.92 6.53
CA LEU F 21 -21.90 -22.62 6.88
C LEU F 21 -20.98 -23.80 6.58
N ASP F 22 -19.83 -23.53 5.95
CA ASP F 22 -18.77 -24.54 5.82
C ASP F 22 -17.69 -24.26 6.88
N PRO F 23 -17.45 -25.22 7.80
CA PRO F 23 -16.46 -25.07 8.87
C PRO F 23 -15.09 -24.71 8.36
N ALA F 24 -14.64 -25.39 7.32
CA ALA F 24 -13.32 -25.12 6.71
C ALA F 24 -13.17 -23.72 6.07
N ARG F 25 -14.28 -23.01 5.90
CA ARG F 25 -14.29 -21.71 5.25
C ARG F 25 -14.90 -20.59 6.12
N THR F 26 -15.03 -20.82 7.43
CA THR F 26 -15.71 -19.88 8.37
C THR F 26 -14.86 -19.53 9.60
N ALA F 27 -15.11 -18.39 10.22
CA ALA F 27 -14.44 -18.03 11.46
C ALA F 27 -15.29 -17.10 12.35
N ILE F 28 -15.24 -17.34 13.66
CA ILE F 28 -15.81 -16.41 14.64
C ILE F 28 -14.76 -15.35 14.98
N VAL F 29 -15.08 -14.08 14.75
CA VAL F 29 -14.21 -13.00 15.13
C VAL F 29 -14.86 -12.25 16.27
N LEU F 30 -14.20 -12.26 17.44
CA LEU F 30 -14.73 -11.70 18.68
C LEU F 30 -13.94 -10.47 19.00
N ILE F 31 -14.61 -9.32 18.98
CA ILE F 31 -13.93 -8.07 19.07
C ILE F 31 -14.05 -7.49 20.46
N GLU F 32 -12.89 -7.40 21.10
CA GLU F 32 -12.70 -6.63 22.33
C GLU F 32 -13.48 -7.15 23.52
N TYR F 33 -13.60 -8.47 23.61
CA TYR F 33 -14.15 -9.09 24.84
C TYR F 33 -13.10 -9.03 25.96
N GLN F 34 -12.75 -7.82 26.35
CA GLN F 34 -11.70 -7.55 27.31
C GLN F 34 -12.34 -7.03 28.59
N ASN F 35 -11.75 -7.32 29.74
CA ASN F 35 -12.28 -6.90 31.03
C ASN F 35 -12.64 -5.42 31.06
N GLU F 36 -11.84 -4.60 30.38
CA GLU F 36 -12.10 -3.15 30.29
C GLU F 36 -13.55 -2.85 29.89
N PHE F 37 -14.15 -3.73 29.08
CA PHE F 37 -15.56 -3.65 28.72
C PHE F 37 -16.43 -4.57 29.55
N THR F 38 -16.04 -5.84 29.62
CA THR F 38 -16.91 -6.92 30.08
C THR F 38 -17.16 -6.98 31.59
N SER F 39 -16.16 -6.57 32.37
CA SER F 39 -16.10 -6.93 33.79
C SER F 39 -16.19 -5.76 34.75
N ASP F 40 -16.80 -6.02 35.91
CA ASP F 40 -16.88 -5.04 36.99
C ASP F 40 -15.45 -4.71 37.39
N GLY F 41 -15.14 -3.41 37.36
CA GLY F 41 -13.76 -2.92 37.50
C GLY F 41 -13.19 -2.29 36.24
N GLY F 42 -13.67 -2.72 35.07
CA GLY F 42 -13.18 -2.15 33.80
C GLY F 42 -13.51 -0.67 33.59
N VAL F 43 -12.52 0.13 33.18
CA VAL F 43 -12.69 1.58 33.02
C VAL F 43 -13.93 1.95 32.20
N LEU F 44 -14.30 1.08 31.25
CA LEU F 44 -15.42 1.32 30.35
C LEU F 44 -16.60 0.39 30.59
N HIS F 45 -16.63 -0.34 31.70
CA HIS F 45 -17.74 -1.27 31.88
C HIS F 45 -19.04 -0.51 32.16
N GLY F 46 -18.95 0.57 32.94
CA GLY F 46 -20.14 1.40 33.25
C GLY F 46 -20.79 2.03 32.02
N ALA F 47 -19.99 2.31 31.01
CA ALA F 47 -20.51 2.87 29.78
C ALA F 47 -21.31 1.84 28.95
N VAL F 48 -20.94 0.55 29.07
CA VAL F 48 -21.51 -0.51 28.22
C VAL F 48 -22.36 -1.57 28.95
N ALA F 49 -22.45 -1.45 30.28
CA ALA F 49 -23.16 -2.46 31.10
C ALA F 49 -24.66 -2.50 30.77
N ASP F 50 -25.23 -1.33 30.55
CA ASP F 50 -26.66 -1.23 30.18
C ASP F 50 -26.97 -2.09 28.95
N VAL F 51 -26.24 -1.88 27.84
CA VAL F 51 -26.52 -2.70 26.65
C VAL F 51 -26.10 -4.18 26.84
N MET F 52 -25.00 -4.44 27.53
CA MET F 52 -24.60 -5.83 27.83
C MET F 52 -25.75 -6.57 28.55
N GLN F 53 -26.37 -5.90 29.50
CA GLN F 53 -27.38 -6.54 30.31
C GLN F 53 -28.62 -6.81 29.44
N HIS F 54 -29.13 -5.75 28.80
CA HIS F 54 -30.31 -5.83 27.92
C HIS F 54 -30.16 -6.92 26.87
N THR F 55 -28.99 -6.95 26.19
CA THR F 55 -28.71 -7.93 25.13
C THR F 55 -28.43 -9.37 25.60
N GLY F 56 -27.87 -9.55 26.79
CA GLY F 56 -27.44 -10.87 27.29
C GLY F 56 -26.25 -11.38 26.46
N MET F 57 -25.44 -10.43 25.98
CA MET F 57 -24.47 -10.69 24.91
C MET F 57 -23.34 -11.62 25.33
N LEU F 58 -22.85 -11.44 26.54
CA LEU F 58 -21.78 -12.26 27.08
C LEU F 58 -22.16 -13.75 26.99
N ALA F 59 -23.29 -14.10 27.62
CA ALA F 59 -23.80 -15.48 27.65
C ALA F 59 -24.08 -16.04 26.25
N ASN F 60 -24.66 -15.22 25.37
CA ASN F 60 -24.96 -15.64 24.01
C ASN F 60 -23.66 -15.95 23.26
N THR F 61 -22.70 -15.04 23.38
CA THR F 61 -21.38 -15.23 22.80
C THR F 61 -20.72 -16.54 23.29
N VAL F 62 -20.67 -16.73 24.63
CA VAL F 62 -20.21 -18.02 25.21
C VAL F 62 -20.89 -19.17 24.45
N ALA F 63 -22.22 -19.11 24.31
CA ALA F 63 -23.00 -20.18 23.63
C ALA F 63 -22.57 -20.40 22.16
N VAL F 64 -22.37 -19.30 21.43
CA VAL F 64 -21.92 -19.38 20.04
C VAL F 64 -20.53 -20.04 19.93
N VAL F 65 -19.60 -19.57 20.74
CA VAL F 65 -18.21 -20.05 20.69
C VAL F 65 -18.18 -21.59 20.98
N ASP F 66 -18.96 -22.01 21.96
CA ASP F 66 -19.02 -23.43 22.29
C ASP F 66 -19.58 -24.27 21.15
N ALA F 67 -20.48 -23.69 20.38
CA ALA F 67 -21.00 -24.36 19.20
C ALA F 67 -19.95 -24.37 18.09
N ALA F 68 -19.21 -23.28 17.96
CA ALA F 68 -18.15 -23.16 16.95
C ALA F 68 -17.10 -24.24 17.17
N ARG F 69 -16.67 -24.37 18.42
CA ARG F 69 -15.70 -25.41 18.80
C ARG F 69 -16.17 -26.79 18.36
N GLN F 70 -17.43 -27.11 18.63
CA GLN F 70 -17.98 -28.40 18.22
C GLN F 70 -17.93 -28.59 16.70
N ALA F 71 -18.22 -27.54 15.94
CA ALA F 71 -18.19 -27.62 14.47
C ALA F 71 -16.75 -27.60 13.92
N GLY F 72 -15.78 -27.25 14.76
CA GLY F 72 -14.40 -27.06 14.31
C GLY F 72 -14.25 -25.76 13.55
N VAL F 73 -15.00 -24.75 13.98
CA VAL F 73 -14.90 -23.42 13.41
C VAL F 73 -13.89 -22.63 14.28
N PRO F 74 -12.87 -22.04 13.66
CA PRO F 74 -11.85 -21.31 14.41
C PRO F 74 -12.42 -20.08 15.12
N ILE F 75 -12.04 -19.91 16.36
CA ILE F 75 -12.33 -18.71 17.13
C ILE F 75 -11.10 -17.84 17.04
N MET F 76 -11.30 -16.63 16.50
CA MET F 76 -10.30 -15.55 16.46
C MET F 76 -10.69 -14.43 17.42
N HIS F 77 -9.87 -14.20 18.45
CA HIS F 77 -10.03 -13.04 19.33
C HIS F 77 -9.27 -11.81 18.82
N ALA F 78 -9.91 -10.66 18.88
CA ALA F 78 -9.29 -9.37 18.50
C ALA F 78 -9.37 -8.38 19.63
N PRO F 79 -8.42 -8.43 20.62
CA PRO F 79 -8.31 -7.45 21.69
C PRO F 79 -7.57 -6.18 21.24
N ILE F 80 -7.86 -5.05 21.86
CA ILE F 80 -7.17 -3.80 21.54
C ILE F 80 -6.29 -3.43 22.75
N THR F 81 -5.03 -3.05 22.49
CA THR F 81 -4.08 -2.80 23.57
C THR F 81 -3.21 -1.64 23.16
N PHE F 82 -2.59 -1.00 24.13
CA PHE F 82 -1.62 0.06 23.83
C PHE F 82 -0.44 -0.01 24.82
N ALA F 83 0.77 0.16 24.31
CA ALA F 83 1.95 0.28 25.12
C ALA F 83 1.70 1.44 26.08
N GLU F 84 2.05 1.25 27.36
CA GLU F 84 1.87 2.28 28.40
C GLU F 84 2.47 3.60 27.95
N GLY F 85 1.79 4.71 28.27
CA GLY F 85 2.21 6.05 27.84
C GLY F 85 1.57 6.46 26.51
N TYR F 86 0.93 5.50 25.82
CA TYR F 86 0.29 5.75 24.52
C TYR F 86 1.26 6.34 23.46
N GLY F 87 2.55 6.01 23.55
CA GLY F 87 3.56 6.55 22.67
C GLY F 87 3.44 6.06 21.24
N GLU F 88 2.62 5.02 21.04
CA GLU F 88 2.29 4.50 19.71
C GLU F 88 1.30 5.38 18.92
N LEU F 89 0.69 6.37 19.59
CA LEU F 89 -0.27 7.27 18.94
C LEU F 89 0.23 8.68 18.97
N THR F 90 -0.47 9.53 18.22
CA THR F 90 -0.26 10.97 18.20
C THR F 90 -0.36 11.53 19.58
N ARG F 91 0.36 12.59 19.83
CA ARG F 91 0.25 13.28 21.14
C ARG F 91 -1.17 13.87 21.37
N HIS F 92 -1.81 14.32 20.29
CA HIS F 92 -3.10 15.03 20.38
C HIS F 92 -4.17 14.29 19.57
N PRO F 93 -4.55 13.09 20.03
CA PRO F 93 -5.60 12.37 19.34
C PRO F 93 -6.90 13.18 19.31
N TYR F 94 -7.74 12.91 18.31
CA TYR F 94 -9.11 13.38 18.34
C TYR F 94 -10.01 12.17 18.14
N GLY F 95 -11.32 12.42 18.29
CA GLY F 95 -12.33 11.42 18.02
C GLY F 95 -12.29 10.41 19.12
N ILE F 96 -12.81 9.23 18.86
CA ILE F 96 -12.96 8.23 19.87
C ILE F 96 -11.67 7.76 20.58
N LEU F 97 -10.52 7.80 19.91
CA LEU F 97 -9.26 7.41 20.52
C LEU F 97 -8.76 8.43 21.54
N LYS F 98 -9.23 9.67 21.46
CA LYS F 98 -9.03 10.61 22.57
C LYS F 98 -9.54 10.05 23.91
N GLY F 99 -10.65 9.33 23.86
CA GLY F 99 -11.28 8.77 25.06
C GLY F 99 -10.60 7.53 25.62
N VAL F 100 -9.93 6.78 24.75
CA VAL F 100 -9.03 5.74 25.22
C VAL F 100 -7.80 6.34 25.92
N VAL F 101 -7.09 7.24 25.27
CA VAL F 101 -5.93 7.89 25.90
C VAL F 101 -6.31 8.61 27.23
N ASP F 102 -7.26 9.53 27.21
CA ASP F 102 -7.57 10.28 28.43
C ASP F 102 -8.03 9.35 29.54
N GLY F 103 -8.76 8.31 29.19
CA GLY F 103 -9.29 7.38 30.19
C GLY F 103 -8.29 6.34 30.63
N LYS F 104 -7.16 6.23 29.93
CA LYS F 104 -6.09 5.30 30.29
C LYS F 104 -6.61 3.85 30.25
N ALA F 105 -7.24 3.53 29.14
CA ALA F 105 -7.84 2.22 28.93
C ALA F 105 -7.00 1.30 28.04
N PHE F 106 -7.19 -0.01 28.24
CA PHE F 106 -6.60 -1.03 27.44
C PHE F 106 -5.06 -0.99 27.47
N VAL F 107 -4.45 -0.59 28.59
CA VAL F 107 -2.99 -0.52 28.65
C VAL F 107 -2.41 -1.95 28.61
N LYS F 108 -1.50 -2.21 27.67
CA LYS F 108 -0.99 -3.56 27.41
C LYS F 108 -0.44 -4.25 28.66
N GLY F 109 -0.83 -5.50 28.85
CA GLY F 109 -0.38 -6.26 30.01
C GLY F 109 -1.25 -6.17 31.27
N THR F 110 -2.20 -5.22 31.32
CA THR F 110 -3.07 -5.07 32.51
C THR F 110 -4.23 -6.08 32.51
N TRP F 111 -4.90 -6.19 33.64
CA TRP F 111 -6.14 -6.99 33.70
C TRP F 111 -7.28 -6.41 32.82
N GLY F 112 -7.37 -5.07 32.72
CA GLY F 112 -8.30 -4.41 31.80
C GLY F 112 -8.10 -4.88 30.37
N ALA F 113 -6.84 -5.04 29.98
CA ALA F 113 -6.50 -5.41 28.62
C ALA F 113 -6.73 -6.91 28.37
N ALA F 114 -6.76 -7.72 29.42
CA ALA F 114 -6.92 -9.16 29.25
C ALA F 114 -8.35 -9.54 28.80
N ILE F 115 -8.43 -10.61 28.02
CA ILE F 115 -9.69 -11.18 27.59
C ILE F 115 -10.41 -11.77 28.79
N VAL F 116 -11.71 -11.55 28.84
CA VAL F 116 -12.54 -11.98 29.98
C VAL F 116 -12.47 -13.50 30.17
N ASP F 117 -12.50 -13.91 31.44
CA ASP F 117 -12.26 -15.30 31.80
C ASP F 117 -13.12 -16.34 31.03
N GLU F 118 -14.43 -16.16 31.00
CA GLU F 118 -15.31 -17.18 30.42
C GLU F 118 -15.00 -17.45 28.92
N LEU F 119 -14.30 -16.52 28.27
CA LEU F 119 -14.00 -16.60 26.85
C LEU F 119 -12.51 -16.72 26.57
N ALA F 120 -11.75 -17.07 27.61
CA ALA F 120 -10.28 -17.20 27.50
C ALA F 120 -9.93 -18.00 26.26
N PRO F 121 -8.88 -17.58 25.54
CA PRO F 121 -8.47 -18.39 24.43
C PRO F 121 -7.96 -19.72 24.95
N VAL F 122 -8.40 -20.82 24.33
CA VAL F 122 -7.86 -22.13 24.64
C VAL F 122 -7.45 -22.85 23.36
N ASN F 123 -6.80 -24.01 23.52
CA ASN F 123 -6.12 -24.75 22.42
C ASN F 123 -6.65 -24.58 20.98
N GLY F 124 -5.88 -23.88 20.16
CA GLY F 124 -6.26 -23.69 18.74
C GLY F 124 -6.83 -22.31 18.40
N ASP F 125 -7.38 -21.63 19.40
CA ASP F 125 -7.83 -20.28 19.21
C ASP F 125 -6.66 -19.39 18.71
N ILE F 126 -6.98 -18.52 17.77
CA ILE F 126 -6.04 -17.52 17.30
C ILE F 126 -6.40 -16.28 18.07
N VAL F 127 -5.35 -15.56 18.50
CA VAL F 127 -5.47 -14.22 19.02
C VAL F 127 -4.85 -13.26 18.01
N ILE F 128 -5.70 -12.47 17.36
CA ILE F 128 -5.30 -11.55 16.34
C ILE F 128 -4.44 -10.49 17.02
N GLU F 129 -3.41 -9.99 16.34
CA GLU F 129 -2.46 -9.05 16.93
C GLU F 129 -2.42 -7.73 16.18
N GLY F 130 -2.13 -6.67 16.94
CA GLY F 130 -1.84 -5.35 16.40
C GLY F 130 -2.87 -4.28 16.68
N LYS F 131 -4.10 -4.69 17.03
CA LYS F 131 -5.21 -3.72 16.98
C LYS F 131 -4.82 -2.46 17.75
N ARG F 132 -4.87 -1.33 17.06
CA ARG F 132 -4.69 -0.02 17.69
C ARG F 132 -5.79 0.96 17.34
N GLY F 133 -6.50 0.75 16.23
CA GLY F 133 -7.62 1.59 15.84
C GLY F 133 -8.87 0.79 16.02
N LEU F 134 -9.91 1.12 15.28
CA LEU F 134 -11.25 0.56 15.51
C LEU F 134 -11.62 -0.55 14.55
N ASP F 135 -11.30 -0.35 13.29
CA ASP F 135 -11.46 -1.35 12.29
C ASP F 135 -10.40 -2.45 12.55
N THR F 136 -10.84 -3.68 12.68
CA THR F 136 -9.94 -4.76 12.99
C THR F 136 -9.03 -5.02 11.82
N PHE F 137 -9.51 -4.74 10.61
CA PHE F 137 -8.73 -4.91 9.39
C PHE F 137 -7.66 -3.83 9.18
N ALA F 138 -7.77 -2.66 9.77
CA ALA F 138 -6.81 -1.57 9.46
C ALA F 138 -5.43 -1.62 10.22
N SER F 139 -5.30 -2.34 11.34
CA SER F 139 -4.03 -2.36 12.07
C SER F 139 -3.58 -3.75 12.55
N THR F 140 -4.16 -4.80 11.98
CA THR F 140 -3.94 -6.13 12.50
C THR F 140 -3.55 -7.09 11.42
N ASN F 141 -3.24 -8.33 11.83
CA ASN F 141 -2.99 -9.43 10.93
C ASN F 141 -4.24 -10.27 10.56
N LEU F 142 -5.43 -9.73 10.77
CA LEU F 142 -6.69 -10.47 10.47
C LEU F 142 -6.89 -10.88 9.00
N ASP F 143 -6.72 -9.94 8.10
CA ASP F 143 -6.91 -10.25 6.70
C ASP F 143 -5.92 -11.32 6.28
N PHE F 144 -4.65 -11.05 6.51
CA PHE F 144 -3.67 -12.03 6.18
C PHE F 144 -4.07 -13.43 6.62
N ILE F 145 -4.50 -13.59 7.88
CA ILE F 145 -4.78 -14.91 8.48
C ILE F 145 -6.03 -15.52 7.90
N LEU F 146 -7.09 -14.72 7.76
CA LEU F 146 -8.32 -15.18 7.11
C LEU F 146 -8.03 -15.63 5.68
N ARG F 147 -7.30 -14.83 4.92
CA ARG F 147 -7.04 -15.23 3.54
C ARG F 147 -6.13 -16.44 3.47
N SER F 148 -5.11 -16.50 4.33
CA SER F 148 -4.16 -17.61 4.26
C SER F 148 -4.92 -18.90 4.60
N LYS F 149 -5.85 -18.84 5.55
CA LYS F 149 -6.60 -20.02 5.99
C LYS F 149 -7.74 -20.42 5.04
N GLY F 150 -8.05 -19.57 4.05
CA GLY F 150 -9.13 -19.81 3.08
C GLY F 150 -10.54 -19.52 3.63
N VAL F 151 -10.64 -18.56 4.52
CA VAL F 151 -11.90 -18.24 5.17
C VAL F 151 -12.60 -17.17 4.34
N ASP F 152 -13.85 -17.43 3.94
CA ASP F 152 -14.62 -16.53 3.09
C ASP F 152 -15.86 -15.96 3.81
N THR F 153 -16.10 -16.45 5.02
CA THR F 153 -17.26 -16.08 5.80
C THR F 153 -16.80 -15.82 7.23
N ILE F 154 -17.08 -14.63 7.75
CA ILE F 154 -16.75 -14.28 9.14
C ILE F 154 -18.02 -13.96 9.94
N VAL F 155 -18.10 -14.50 11.16
CA VAL F 155 -19.19 -14.24 12.08
C VAL F 155 -18.69 -13.27 13.17
N LEU F 156 -19.21 -12.04 13.20
CA LEU F 156 -18.75 -11.00 14.13
C LEU F 156 -19.61 -10.84 15.37
N GLY F 157 -18.95 -10.58 16.49
CA GLY F 157 -19.61 -10.16 17.72
C GLY F 157 -18.62 -9.36 18.55
N GLY F 158 -19.11 -8.63 19.55
CA GLY F 158 -18.23 -7.84 20.41
C GLY F 158 -18.56 -6.39 20.69
N PHE F 159 -17.54 -5.61 20.97
CA PHE F 159 -17.67 -4.22 21.31
C PHE F 159 -16.96 -3.37 20.29
N LEU F 160 -17.42 -2.15 19.99
CA LEU F 160 -18.76 -1.63 20.25
C LEU F 160 -19.59 -1.80 18.96
N THR F 161 -20.91 -1.82 19.10
CA THR F 161 -21.81 -2.12 17.98
C THR F 161 -21.60 -1.18 16.84
N ASN F 162 -21.55 0.11 17.16
CA ASN F 162 -21.47 1.14 16.14
C ASN F 162 -20.07 1.71 15.99
N CYS F 163 -19.08 1.07 16.58
CA CYS F 163 -17.75 1.59 16.40
C CYS F 163 -16.89 0.50 15.77
N CYS F 164 -16.02 -0.12 16.58
CA CYS F 164 -15.23 -1.31 16.21
C CYS F 164 -15.95 -2.45 15.50
N VAL F 165 -17.16 -2.80 15.91
CA VAL F 165 -17.85 -3.90 15.21
C VAL F 165 -18.35 -3.48 13.82
N GLU F 166 -19.02 -2.33 13.78
CA GLU F 166 -19.40 -1.73 12.51
C GLU F 166 -18.24 -1.52 11.52
N SER F 167 -17.14 -0.94 11.99
CA SER F 167 -16.02 -0.61 11.11
C SER F 167 -15.42 -1.90 10.50
N THR F 168 -15.30 -2.93 11.32
CA THR F 168 -14.82 -4.22 10.86
C THR F 168 -15.75 -4.83 9.82
N MET F 169 -17.05 -4.69 10.06
CA MET F 169 -18.09 -5.19 9.19
C MET F 169 -17.95 -4.52 7.82
N ARG F 170 -17.79 -3.19 7.85
CA ARG F 170 -17.74 -2.41 6.62
C ARG F 170 -16.58 -2.82 5.76
N THR F 171 -15.45 -3.08 6.39
CA THR F 171 -14.25 -3.42 5.67
C THR F 171 -14.31 -4.87 5.25
N GLY F 172 -14.78 -5.72 6.14
CA GLY F 172 -15.06 -7.08 5.78
C GLY F 172 -15.85 -7.18 4.49
N TYR F 173 -16.89 -6.36 4.40
CA TYR F 173 -17.74 -6.32 3.22
C TYR F 173 -16.96 -5.88 1.95
N GLU F 174 -16.19 -4.80 2.09
CA GLU F 174 -15.40 -4.25 1.00
C GLU F 174 -14.38 -5.27 0.49
N ARG F 175 -13.82 -6.08 1.38
CA ARG F 175 -12.86 -7.12 1.02
C ARG F 175 -13.53 -8.41 0.58
N GLY F 176 -14.84 -8.39 0.39
CA GLY F 176 -15.52 -9.47 -0.29
C GLY F 176 -15.80 -10.69 0.57
N PHE F 177 -15.60 -10.60 1.88
CA PHE F 177 -16.09 -11.60 2.80
C PHE F 177 -17.61 -11.58 2.84
N ARG F 178 -18.20 -12.75 3.01
CA ARG F 178 -19.57 -12.82 3.50
C ARG F 178 -19.56 -12.62 5.03
N VAL F 179 -20.09 -11.51 5.49
CA VAL F 179 -20.08 -11.14 6.90
C VAL F 179 -21.42 -11.41 7.56
N ILE F 180 -21.34 -12.11 8.69
CA ILE F 180 -22.48 -12.38 9.54
C ILE F 180 -22.29 -11.64 10.85
N THR F 181 -23.24 -10.78 11.20
CA THR F 181 -23.18 -10.00 12.41
C THR F 181 -24.16 -10.61 13.36
N LEU F 182 -23.70 -10.83 14.59
CA LEU F 182 -24.51 -11.48 15.64
C LEU F 182 -25.27 -10.42 16.39
N THR F 183 -26.51 -10.17 15.97
CA THR F 183 -27.24 -9.00 16.45
C THR F 183 -27.43 -8.97 17.97
N ASP F 184 -27.30 -10.12 18.60
CA ASP F 184 -27.36 -10.22 20.07
C ASP F 184 -26.01 -10.61 20.73
N CYS F 185 -24.90 -10.51 19.99
CA CYS F 185 -23.60 -10.67 20.65
C CYS F 185 -22.74 -9.43 20.61
N VAL F 186 -23.37 -8.27 20.52
CA VAL F 186 -22.65 -7.02 20.42
C VAL F 186 -23.20 -6.06 21.47
N ALA F 187 -22.45 -5.03 21.82
CA ALA F 187 -22.93 -4.02 22.78
C ALA F 187 -22.31 -2.65 22.52
N ALA F 188 -22.97 -1.60 22.98
CA ALA F 188 -22.46 -0.23 22.82
C ALA F 188 -22.64 0.57 24.10
N THR F 189 -22.25 1.84 24.05
CA THR F 189 -22.35 2.74 25.19
C THR F 189 -23.76 3.33 25.33
N SER F 190 -24.68 2.94 24.44
CA SER F 190 -26.08 3.36 24.51
C SER F 190 -26.99 2.48 23.67
N GLN F 191 -28.23 2.37 24.11
CA GLN F 191 -29.22 1.57 23.38
C GLN F 191 -29.57 2.19 22.00
N GLU F 192 -29.55 3.52 21.90
CA GLU F 192 -29.94 4.21 20.67
C GLU F 192 -28.90 3.94 19.55
N GLU F 193 -27.64 4.23 19.84
CA GLU F 193 -26.53 3.94 18.93
C GLU F 193 -26.54 2.44 18.56
N HIS F 194 -26.68 1.59 19.57
CA HIS F 194 -26.73 0.16 19.33
C HIS F 194 -27.88 -0.18 18.38
N ASN F 195 -29.09 0.31 18.67
CA ASN F 195 -30.28 -0.11 17.91
C ASN F 195 -30.23 0.33 16.42
N ASN F 196 -29.82 1.56 16.19
CA ASN F 196 -29.77 2.09 14.85
C ASN F 196 -28.72 1.40 13.91
N ALA F 197 -27.56 1.00 14.48
CA ALA F 197 -26.55 0.20 13.80
C ALA F 197 -27.12 -1.14 13.29
N ILE F 198 -27.79 -1.89 14.19
CA ILE F 198 -28.36 -3.20 13.85
C ILE F 198 -29.51 -3.12 12.84
N SER F 199 -30.36 -2.12 13.00
CA SER F 199 -31.57 -1.99 12.20
C SER F 199 -31.30 -1.39 10.82
N TYR F 200 -30.43 -0.40 10.76
CA TYR F 200 -30.23 0.37 9.52
C TYR F 200 -28.82 0.30 8.90
N ASP F 201 -27.76 0.15 9.69
CA ASP F 201 -26.40 0.04 9.13
C ASP F 201 -26.00 -1.42 8.82
N PHE F 202 -26.21 -2.34 9.75
CA PHE F 202 -25.83 -3.75 9.59
C PHE F 202 -26.32 -4.46 8.34
N PRO F 203 -27.60 -4.28 7.97
CA PRO F 203 -28.04 -4.99 6.76
C PRO F 203 -27.42 -4.51 5.42
N MET F 204 -26.82 -3.29 5.42
CA MET F 204 -26.09 -2.76 4.25
C MET F 204 -24.80 -3.55 4.01
N PHE F 205 -24.21 -4.12 5.06
CA PHE F 205 -22.83 -4.64 5.00
C PHE F 205 -22.63 -6.05 5.56
N SER F 206 -23.73 -6.73 5.90
CA SER F 206 -23.69 -8.07 6.53
C SER F 206 -25.01 -8.78 6.34
N VAL F 207 -25.02 -10.05 6.69
CA VAL F 207 -26.23 -10.79 6.95
C VAL F 207 -26.40 -10.82 8.48
N PRO F 208 -27.32 -10.03 9.02
CA PRO F 208 -27.58 -10.08 10.46
C PRO F 208 -28.31 -11.37 10.89
N MET F 209 -27.87 -11.98 11.99
CA MET F 209 -28.47 -13.20 12.51
C MET F 209 -28.42 -13.15 14.03
N THR F 210 -29.27 -13.92 14.69
CA THR F 210 -29.17 -14.13 16.13
C THR F 210 -28.19 -15.28 16.48
N SER F 211 -27.71 -15.31 17.71
CA SER F 211 -26.90 -16.43 18.20
C SER F 211 -27.58 -17.79 18.00
N ALA F 212 -28.89 -17.86 18.27
CA ALA F 212 -29.63 -19.09 18.08
C ALA F 212 -29.56 -19.56 16.63
N ASP F 213 -29.72 -18.62 15.72
CA ASP F 213 -29.69 -18.94 14.29
C ASP F 213 -28.31 -19.46 13.90
N VAL F 214 -27.27 -18.82 14.41
CA VAL F 214 -25.90 -19.18 14.05
C VAL F 214 -25.55 -20.57 14.60
N ILE F 215 -25.95 -20.79 15.85
CA ILE F 215 -25.74 -22.07 16.48
C ILE F 215 -26.35 -23.16 15.60
N ALA F 216 -27.55 -22.93 15.09
CA ALA F 216 -28.22 -23.96 14.30
C ALA F 216 -27.50 -24.32 13.00
N ALA F 217 -26.95 -23.31 12.32
CA ALA F 217 -26.22 -23.52 11.06
C ALA F 217 -24.83 -24.12 11.31
N LEU F 218 -24.37 -24.05 12.56
CA LEU F 218 -23.13 -24.67 12.99
C LEU F 218 -23.36 -26.14 13.38
N GLU F 219 -24.54 -26.43 13.93
CA GLU F 219 -24.97 -27.79 14.18
C GLU F 219 -25.34 -28.44 12.84
N GLU G 20 -3.20 -27.13 -11.71
CA GLU G 20 -4.60 -27.21 -12.20
C GLU G 20 -5.32 -25.86 -12.05
N LEU G 21 -6.08 -25.46 -13.07
CA LEU G 21 -6.81 -24.17 -13.06
C LEU G 21 -8.33 -24.35 -13.16
N ASP G 22 -9.03 -23.67 -12.26
CA ASP G 22 -10.47 -23.63 -12.24
C ASP G 22 -10.85 -22.27 -12.84
N PRO G 23 -11.46 -22.29 -14.04
CA PRO G 23 -12.03 -21.11 -14.69
C PRO G 23 -12.78 -20.13 -13.80
N ALA G 24 -13.51 -20.65 -12.83
CA ALA G 24 -14.42 -19.82 -12.05
C ALA G 24 -13.68 -19.04 -10.98
N ARG G 25 -12.41 -19.39 -10.77
CA ARG G 25 -11.61 -18.86 -9.66
C ARG G 25 -10.27 -18.32 -10.14
N THR G 26 -10.11 -18.18 -11.46
CA THR G 26 -8.86 -17.73 -12.03
C THR G 26 -9.06 -16.41 -12.78
N ALA G 27 -8.05 -15.56 -12.79
CA ALA G 27 -8.03 -14.38 -13.65
C ALA G 27 -6.65 -14.26 -14.26
N ILE G 28 -6.57 -13.70 -15.46
CA ILE G 28 -5.34 -13.28 -16.10
C ILE G 28 -5.21 -11.80 -15.83
N VAL G 29 -4.08 -11.38 -15.27
CA VAL G 29 -3.85 -9.98 -14.97
C VAL G 29 -2.69 -9.48 -15.85
N LEU G 30 -2.99 -8.55 -16.75
CA LEU G 30 -2.01 -8.12 -17.75
C LEU G 30 -1.56 -6.77 -17.35
N ILE G 31 -0.28 -6.64 -16.98
CA ILE G 31 0.20 -5.38 -16.42
C ILE G 31 0.88 -4.53 -17.47
N GLU G 32 0.25 -3.40 -17.82
CA GLU G 32 0.90 -2.38 -18.61
C GLU G 32 1.32 -2.78 -20.05
N TYR G 33 0.55 -3.65 -20.69
CA TYR G 33 0.80 -3.90 -22.10
C TYR G 33 0.30 -2.71 -22.94
N GLN G 34 0.99 -1.58 -22.77
CA GLN G 34 0.64 -0.33 -23.42
C GLN G 34 1.76 0.10 -24.37
N ASN G 35 1.38 0.86 -25.41
CA ASN G 35 2.34 1.30 -26.43
C ASN G 35 3.63 1.94 -25.90
N GLU G 36 3.58 2.62 -24.77
CA GLU G 36 4.75 3.23 -24.17
C GLU G 36 5.86 2.16 -23.96
N PHE G 37 5.43 0.96 -23.57
CA PHE G 37 6.36 -0.18 -23.49
C PHE G 37 6.47 -0.91 -24.84
N THR G 38 5.34 -1.27 -25.44
CA THR G 38 5.28 -2.40 -26.35
C THR G 38 5.62 -2.10 -27.79
N SER G 39 5.62 -0.83 -28.20
CA SER G 39 5.67 -0.47 -29.62
C SER G 39 6.71 0.60 -29.92
N ASP G 40 7.33 0.49 -31.11
CA ASP G 40 8.23 1.48 -31.69
C ASP G 40 7.67 2.87 -31.47
N GLY G 41 8.49 3.77 -30.93
CA GLY G 41 8.06 5.16 -30.69
C GLY G 41 7.57 5.38 -29.27
N GLY G 42 7.22 4.31 -28.57
CA GLY G 42 6.88 4.43 -27.17
C GLY G 42 8.08 4.95 -26.38
N VAL G 43 7.83 5.80 -25.39
CA VAL G 43 8.92 6.39 -24.61
C VAL G 43 9.82 5.35 -23.93
N LEU G 44 9.27 4.24 -23.49
CA LEU G 44 10.03 3.24 -22.74
C LEU G 44 10.26 1.97 -23.55
N HIS G 45 9.98 2.04 -24.85
CA HIS G 45 10.09 0.84 -25.65
C HIS G 45 11.53 0.38 -25.95
N GLY G 46 12.41 1.31 -26.30
CA GLY G 46 13.79 0.96 -26.67
C GLY G 46 14.47 0.24 -25.52
N ALA G 47 14.17 0.69 -24.31
CA ALA G 47 14.74 0.13 -23.08
C ALA G 47 14.30 -1.31 -22.84
N VAL G 48 13.11 -1.69 -23.29
CA VAL G 48 12.59 -3.03 -23.01
C VAL G 48 12.58 -3.95 -24.21
N ALA G 49 12.97 -3.42 -25.38
CA ALA G 49 12.94 -4.15 -26.69
C ALA G 49 13.70 -5.46 -26.69
N ASP G 50 14.95 -5.40 -26.23
CA ASP G 50 15.78 -6.62 -26.23
C ASP G 50 15.17 -7.75 -25.41
N VAL G 51 14.62 -7.45 -24.24
CA VAL G 51 13.98 -8.50 -23.46
C VAL G 51 12.64 -8.96 -24.09
N MET G 52 11.83 -8.01 -24.54
CA MET G 52 10.67 -8.36 -25.42
C MET G 52 11.08 -9.33 -26.56
N GLN G 53 12.10 -9.00 -27.33
CA GLN G 53 12.52 -9.93 -28.40
C GLN G 53 13.02 -11.29 -27.90
N HIS G 54 13.84 -11.28 -26.87
CA HIS G 54 14.51 -12.51 -26.40
C HIS G 54 13.48 -13.44 -25.86
N THR G 55 12.50 -12.89 -25.16
CA THR G 55 11.46 -13.68 -24.53
C THR G 55 10.33 -14.13 -25.44
N GLY G 56 10.03 -13.36 -26.49
CA GLY G 56 8.79 -13.50 -27.29
C GLY G 56 7.50 -13.16 -26.53
N MET G 57 7.57 -12.22 -25.58
CA MET G 57 6.51 -12.04 -24.59
C MET G 57 5.16 -11.58 -25.19
N LEU G 58 5.23 -10.72 -26.21
CA LEU G 58 4.03 -10.23 -26.85
C LEU G 58 3.22 -11.38 -27.44
N ALA G 59 3.83 -12.18 -28.31
CA ALA G 59 3.14 -13.33 -28.92
C ALA G 59 2.77 -14.40 -27.89
N ASN G 60 3.60 -14.57 -26.89
CA ASN G 60 3.32 -15.50 -25.81
C ASN G 60 2.07 -15.10 -25.01
N THR G 61 1.97 -13.82 -24.66
CA THR G 61 0.81 -13.32 -23.93
C THR G 61 -0.48 -13.47 -24.73
N VAL G 62 -0.43 -13.14 -26.03
CA VAL G 62 -1.60 -13.29 -26.93
C VAL G 62 -2.04 -14.76 -26.96
N ALA G 63 -1.12 -15.70 -27.06
CA ALA G 63 -1.50 -17.11 -26.97
C ALA G 63 -2.08 -17.47 -25.61
N VAL G 64 -1.60 -16.86 -24.52
CA VAL G 64 -2.22 -17.13 -23.22
C VAL G 64 -3.66 -16.60 -23.14
N VAL G 65 -3.87 -15.40 -23.66
CA VAL G 65 -5.19 -14.80 -23.64
C VAL G 65 -6.22 -15.58 -24.47
N ASP G 66 -5.83 -16.04 -25.66
CA ASP G 66 -6.72 -16.82 -26.48
C ASP G 66 -7.17 -18.03 -25.69
N ALA G 67 -6.19 -18.78 -25.17
CA ALA G 67 -6.52 -19.96 -24.38
C ALA G 67 -7.47 -19.57 -23.21
N ALA G 68 -7.22 -18.41 -22.59
CA ALA G 68 -8.06 -17.95 -21.46
C ALA G 68 -9.49 -17.54 -21.88
N ARG G 69 -9.65 -16.83 -23.01
CA ARG G 69 -11.03 -16.47 -23.44
C ARG G 69 -11.85 -17.70 -23.68
N GLN G 70 -11.23 -18.69 -24.36
CA GLN G 70 -11.87 -19.95 -24.74
C GLN G 70 -12.22 -20.82 -23.53
N ALA G 71 -11.33 -20.88 -22.54
CA ALA G 71 -11.62 -21.60 -21.29
C ALA G 71 -12.58 -20.80 -20.35
N GLY G 72 -12.98 -19.61 -20.75
CA GLY G 72 -13.90 -18.80 -19.97
C GLY G 72 -13.25 -18.15 -18.75
N VAL G 73 -11.94 -17.87 -18.82
CA VAL G 73 -11.21 -17.20 -17.74
C VAL G 73 -11.20 -15.72 -18.02
N PRO G 74 -11.62 -14.92 -17.03
CA PRO G 74 -11.64 -13.47 -17.24
C PRO G 74 -10.26 -12.89 -17.51
N ILE G 75 -10.22 -11.98 -18.47
CA ILE G 75 -9.01 -11.19 -18.75
C ILE G 75 -9.09 -9.86 -18.06
N MET G 76 -8.17 -9.56 -17.15
CA MET G 76 -8.14 -8.24 -16.49
C MET G 76 -6.92 -7.43 -16.93
N HIS G 77 -7.17 -6.24 -17.49
CA HIS G 77 -6.10 -5.39 -17.96
C HIS G 77 -5.82 -4.31 -16.93
N ALA G 78 -4.54 -4.11 -16.61
CA ALA G 78 -4.13 -3.12 -15.63
C ALA G 78 -3.17 -2.08 -16.25
N PRO G 79 -3.73 -1.06 -16.93
CA PRO G 79 -2.90 -0.01 -17.53
C PRO G 79 -2.57 1.08 -16.54
N ILE G 80 -1.41 1.73 -16.69
CA ILE G 80 -1.06 2.87 -15.86
C ILE G 80 -1.17 4.11 -16.68
N THR G 81 -1.62 5.19 -16.04
CA THR G 81 -1.89 6.42 -16.75
C THR G 81 -1.86 7.54 -15.76
N PHE G 82 -1.57 8.77 -16.22
CA PHE G 82 -1.53 9.98 -15.40
C PHE G 82 -2.12 11.22 -16.16
N ALA G 83 -3.02 11.93 -15.50
CA ALA G 83 -3.52 13.20 -15.96
C ALA G 83 -2.38 14.15 -16.33
N GLU G 84 -2.52 14.83 -17.47
CA GLU G 84 -1.45 15.64 -18.01
C GLU G 84 -0.99 16.61 -16.94
N GLY G 85 0.32 16.74 -16.82
CA GLY G 85 0.88 17.60 -15.83
C GLY G 85 1.23 16.86 -14.57
N TYR G 86 0.85 15.61 -14.43
CA TYR G 86 1.22 14.82 -13.23
C TYR G 86 0.83 15.53 -11.87
N GLY G 87 -0.26 16.29 -11.87
CA GLY G 87 -0.77 16.96 -10.68
C GLY G 87 -1.29 16.05 -9.57
N GLU G 88 -1.51 14.79 -9.91
CA GLU G 88 -1.89 13.68 -9.03
C GLU G 88 -0.73 13.08 -8.19
N LEU G 89 0.50 13.43 -8.54
CA LEU G 89 1.71 13.02 -7.83
C LEU G 89 2.35 14.20 -7.15
N THR G 90 3.19 13.91 -6.17
CA THR G 90 4.17 14.86 -5.66
C THR G 90 4.85 15.65 -6.78
N ARG G 91 5.09 16.92 -6.54
CA ARG G 91 5.88 17.76 -7.45
C ARG G 91 7.39 17.46 -7.42
N HIS G 92 7.85 16.64 -6.46
CA HIS G 92 9.27 16.25 -6.31
C HIS G 92 9.41 14.73 -6.10
N PRO G 93 9.06 13.95 -7.11
CA PRO G 93 9.22 12.51 -6.93
C PRO G 93 10.67 12.05 -6.91
N TYR G 94 10.83 10.80 -6.47
CA TYR G 94 12.12 10.17 -6.40
C TYR G 94 11.82 8.76 -6.76
N GLY G 95 12.86 8.03 -7.12
CA GLY G 95 12.70 6.65 -7.53
C GLY G 95 12.27 6.55 -8.98
N ILE G 96 11.72 5.39 -9.29
CA ILE G 96 11.26 5.04 -10.59
C ILE G 96 10.18 6.01 -11.14
N LEU G 97 9.27 6.50 -10.31
CA LEU G 97 8.22 7.41 -10.85
C LEU G 97 8.82 8.75 -11.31
N LYS G 98 9.98 9.14 -10.77
CA LYS G 98 10.69 10.30 -11.32
C LYS G 98 10.98 10.16 -12.85
N GLY G 99 11.34 8.98 -13.32
CA GLY G 99 11.65 8.77 -14.74
C GLY G 99 10.38 8.85 -15.58
N VAL G 100 9.25 8.39 -15.00
CA VAL G 100 7.97 8.52 -15.67
C VAL G 100 7.61 9.98 -15.91
N VAL G 101 7.64 10.78 -14.86
CA VAL G 101 7.33 12.18 -14.94
C VAL G 101 8.29 12.80 -15.93
N ASP G 102 9.59 12.74 -15.63
CA ASP G 102 10.63 13.35 -16.48
C ASP G 102 10.52 12.85 -17.92
N GLY G 103 10.13 11.60 -18.13
CA GLY G 103 10.01 11.03 -19.48
C GLY G 103 8.73 11.39 -20.23
N LYS G 104 7.75 11.94 -19.49
CA LYS G 104 6.41 12.27 -19.99
C LYS G 104 5.74 11.04 -20.54
N ALA G 105 5.84 9.96 -19.77
CA ALA G 105 5.29 8.70 -20.13
C ALA G 105 3.88 8.51 -19.53
N PHE G 106 3.12 7.66 -20.20
CA PHE G 106 1.83 7.20 -19.73
C PHE G 106 0.83 8.33 -19.47
N VAL G 107 0.94 9.41 -20.24
CA VAL G 107 -0.01 10.50 -20.11
C VAL G 107 -1.37 10.08 -20.64
N LYS G 108 -2.41 10.32 -19.83
CA LYS G 108 -3.83 10.04 -20.23
C LYS G 108 -4.27 10.69 -21.54
N GLY G 109 -5.05 9.96 -22.34
CA GLY G 109 -5.43 10.46 -23.67
C GLY G 109 -4.30 10.53 -24.71
N THR G 110 -3.21 9.77 -24.53
CA THR G 110 -2.21 9.64 -25.61
C THR G 110 -2.11 8.24 -26.19
N TRP G 111 -1.52 8.18 -27.37
CA TRP G 111 -1.23 6.88 -27.99
C TRP G 111 -0.39 6.02 -27.05
N GLY G 112 0.57 6.65 -26.42
CA GLY G 112 1.47 5.96 -25.47
C GLY G 112 0.71 5.24 -24.35
N ALA G 113 -0.33 5.91 -23.85
CA ALA G 113 -1.19 5.38 -22.79
C ALA G 113 -2.08 4.24 -23.26
N ALA G 114 -2.28 4.07 -24.57
CA ALA G 114 -3.25 3.06 -25.04
C ALA G 114 -2.70 1.62 -24.94
N ILE G 115 -3.62 0.68 -24.69
CA ILE G 115 -3.35 -0.75 -24.72
C ILE G 115 -3.03 -1.21 -26.15
N VAL G 116 -1.94 -1.94 -26.31
CA VAL G 116 -1.44 -2.31 -27.65
C VAL G 116 -2.56 -3.05 -28.39
N ASP G 117 -2.66 -2.82 -29.70
CA ASP G 117 -3.78 -3.32 -30.49
C ASP G 117 -4.04 -4.81 -30.37
N GLU G 118 -2.99 -5.62 -30.41
CA GLU G 118 -3.18 -7.08 -30.35
C GLU G 118 -3.62 -7.60 -28.99
N LEU G 119 -3.66 -6.72 -28.01
CA LEU G 119 -4.23 -7.07 -26.73
C LEU G 119 -5.33 -6.10 -26.29
N ALA G 120 -6.03 -5.49 -27.25
CA ALA G 120 -7.14 -4.60 -26.94
C ALA G 120 -8.24 -5.30 -26.14
N PRO G 121 -8.73 -4.63 -25.09
CA PRO G 121 -9.84 -5.26 -24.35
C PRO G 121 -11.01 -5.52 -25.29
N VAL G 122 -11.55 -6.72 -25.23
CA VAL G 122 -12.76 -6.98 -25.99
C VAL G 122 -13.87 -7.36 -25.02
N ASN G 123 -15.08 -7.40 -25.56
CA ASN G 123 -16.22 -8.12 -25.00
C ASN G 123 -15.97 -8.94 -23.76
N GLY G 124 -16.32 -8.35 -22.63
CA GLY G 124 -16.25 -9.05 -21.35
C GLY G 124 -14.99 -8.73 -20.55
N ASP G 125 -13.90 -8.32 -21.20
CA ASP G 125 -12.68 -8.05 -20.46
C ASP G 125 -12.94 -6.90 -19.51
N ILE G 126 -12.26 -6.96 -18.40
CA ILE G 126 -12.31 -5.99 -17.35
C ILE G 126 -11.05 -5.12 -17.48
N VAL G 127 -11.20 -3.81 -17.32
CA VAL G 127 -10.05 -2.90 -17.39
C VAL G 127 -9.94 -2.27 -16.02
N ILE G 128 -9.05 -2.83 -15.21
CA ILE G 128 -8.78 -2.32 -13.86
C ILE G 128 -8.45 -0.82 -13.90
N GLU G 129 -8.96 -0.04 -12.94
CA GLU G 129 -8.82 1.41 -12.92
C GLU G 129 -8.02 1.90 -11.71
N GLY G 130 -7.32 3.00 -11.89
CA GLY G 130 -6.64 3.64 -10.77
C GLY G 130 -5.12 3.66 -10.80
N LYS G 131 -4.49 2.80 -11.59
CA LYS G 131 -3.07 2.55 -11.36
C LYS G 131 -2.27 3.81 -11.51
N ARG G 132 -1.53 4.17 -10.45
CA ARG G 132 -0.59 5.33 -10.49
C ARG G 132 0.84 5.00 -9.99
N GLY G 133 0.96 3.87 -9.30
CA GLY G 133 2.25 3.35 -8.84
C GLY G 133 2.59 2.03 -9.50
N LEU G 134 3.45 1.27 -8.84
CA LEU G 134 4.01 0.06 -9.45
C LEU G 134 3.18 -1.15 -9.08
N ASP G 135 2.81 -1.21 -7.82
CA ASP G 135 1.97 -2.23 -7.27
C ASP G 135 0.50 -2.03 -7.72
N THR G 136 0.03 -2.95 -8.54
CA THR G 136 -1.33 -2.95 -8.99
C THR G 136 -2.29 -2.97 -7.81
N PHE G 137 -1.97 -3.65 -6.70
CA PHE G 137 -2.91 -3.66 -5.57
C PHE G 137 -2.92 -2.33 -4.78
N ALA G 138 -1.91 -1.49 -4.90
CA ALA G 138 -1.86 -0.29 -4.02
C ALA G 138 -2.73 0.89 -4.47
N SER G 139 -3.09 0.99 -5.74
CA SER G 139 -3.89 2.14 -6.18
C SER G 139 -5.02 1.78 -7.14
N THR G 140 -5.58 0.55 -7.08
CA THR G 140 -6.57 0.13 -8.07
C THR G 140 -7.70 -0.61 -7.42
N ASN G 141 -8.68 -0.97 -8.23
CA ASN G 141 -9.82 -1.75 -7.78
C ASN G 141 -9.59 -3.26 -8.02
N LEU G 142 -8.35 -3.65 -8.26
CA LEU G 142 -8.03 -5.06 -8.52
C LEU G 142 -8.48 -5.98 -7.41
N ASP G 143 -8.05 -5.71 -6.19
CA ASP G 143 -8.38 -6.59 -5.05
C ASP G 143 -9.88 -6.70 -4.84
N PHE G 144 -10.58 -5.55 -4.86
CA PHE G 144 -12.04 -5.52 -4.72
C PHE G 144 -12.67 -6.39 -5.76
N ILE G 145 -12.22 -6.25 -7.01
CA ILE G 145 -12.84 -6.99 -8.10
C ILE G 145 -12.50 -8.50 -8.02
N LEU G 146 -11.25 -8.84 -7.70
CA LEU G 146 -10.84 -10.25 -7.60
C LEU G 146 -11.69 -10.95 -6.54
N ARG G 147 -11.79 -10.32 -5.37
CA ARG G 147 -12.53 -10.89 -4.26
C ARG G 147 -14.05 -10.91 -4.42
N SER G 148 -14.64 -9.82 -4.95
CA SER G 148 -16.08 -9.87 -5.28
C SER G 148 -16.36 -11.05 -6.24
N LYS G 149 -15.56 -11.16 -7.28
CA LYS G 149 -15.77 -12.18 -8.30
C LYS G 149 -15.36 -13.58 -7.82
N GLY G 150 -14.73 -13.68 -6.66
CA GLY G 150 -14.36 -14.98 -6.05
C GLY G 150 -13.12 -15.61 -6.65
N VAL G 151 -12.21 -14.79 -7.17
CA VAL G 151 -11.00 -15.30 -7.78
C VAL G 151 -9.93 -15.50 -6.72
N ASP G 152 -9.33 -16.69 -6.68
CA ASP G 152 -8.23 -16.92 -5.75
C ASP G 152 -6.87 -17.21 -6.42
N THR G 153 -6.86 -17.33 -7.74
CA THR G 153 -5.65 -17.56 -8.52
C THR G 153 -5.49 -16.47 -9.60
N ILE G 154 -4.37 -15.73 -9.53
CA ILE G 154 -4.04 -14.70 -10.52
C ILE G 154 -2.83 -15.11 -11.36
N VAL G 155 -2.94 -14.93 -12.69
CA VAL G 155 -1.87 -15.24 -13.61
C VAL G 155 -1.38 -13.93 -14.15
N LEU G 156 -0.12 -13.59 -13.85
CA LEU G 156 0.47 -12.30 -14.12
C LEU G 156 1.36 -12.32 -15.35
N GLY G 157 1.27 -11.26 -16.13
CA GLY G 157 2.16 -11.01 -17.24
C GLY G 157 2.28 -9.52 -17.34
N GLY G 158 3.33 -9.04 -17.99
CA GLY G 158 3.43 -7.61 -18.25
C GLY G 158 4.78 -6.95 -17.95
N PHE G 159 4.73 -5.64 -17.78
CA PHE G 159 5.95 -4.89 -17.53
C PHE G 159 5.89 -4.26 -16.16
N LEU G 160 7.00 -4.07 -15.46
CA LEU G 160 8.35 -4.59 -15.76
C LEU G 160 8.59 -5.75 -14.81
N THR G 161 9.30 -6.78 -15.26
CA THR G 161 9.61 -7.98 -14.42
C THR G 161 10.01 -7.67 -12.95
N ASN G 162 11.05 -6.89 -12.76
CA ASN G 162 11.58 -6.57 -11.42
C ASN G 162 10.90 -5.37 -10.78
N CYS G 163 9.93 -4.77 -11.48
CA CYS G 163 9.28 -3.56 -10.96
C CYS G 163 7.80 -3.78 -10.67
N CYS G 164 6.91 -3.44 -11.59
CA CYS G 164 5.48 -3.59 -11.38
C CYS G 164 5.08 -5.04 -11.24
N VAL G 165 5.67 -5.97 -11.99
CA VAL G 165 5.25 -7.37 -11.86
C VAL G 165 5.64 -7.92 -10.49
N GLU G 166 6.92 -7.85 -10.12
CA GLU G 166 7.30 -8.22 -8.74
C GLU G 166 6.43 -7.60 -7.65
N SER G 167 6.18 -6.28 -7.72
CA SER G 167 5.41 -5.58 -6.66
C SER G 167 4.00 -6.14 -6.57
N THR G 168 3.35 -6.38 -7.70
CA THR G 168 2.02 -6.95 -7.70
C THR G 168 2.01 -8.40 -7.21
N MET G 169 3.03 -9.15 -7.57
CA MET G 169 3.14 -10.58 -7.16
C MET G 169 3.30 -10.69 -5.64
N ARG G 170 4.13 -9.80 -5.09
CA ARG G 170 4.50 -9.81 -3.68
C ARG G 170 3.25 -9.52 -2.86
N THR G 171 2.56 -8.43 -3.24
CA THR G 171 1.32 -8.09 -2.59
C THR G 171 0.24 -9.14 -2.85
N GLY G 172 0.13 -9.66 -4.06
CA GLY G 172 -0.79 -10.81 -4.29
C GLY G 172 -0.58 -11.96 -3.33
N TYR G 173 0.70 -12.25 -3.05
CA TYR G 173 1.07 -13.35 -2.13
C TYR G 173 0.61 -13.09 -0.72
N GLU G 174 0.86 -11.89 -0.24
CA GLU G 174 0.56 -11.46 1.10
C GLU G 174 -0.89 -11.49 1.33
N ARG G 175 -1.65 -11.28 0.28
CA ARG G 175 -3.09 -11.25 0.41
C ARG G 175 -3.68 -12.59 0.14
N GLY G 176 -2.84 -13.62 0.07
CA GLY G 176 -3.32 -15.01 -0.04
C GLY G 176 -3.82 -15.48 -1.41
N PHE G 177 -3.56 -14.74 -2.47
CA PHE G 177 -3.87 -15.29 -3.77
C PHE G 177 -2.86 -16.33 -4.08
N ARG G 178 -3.22 -17.24 -4.98
CA ARG G 178 -2.26 -18.13 -5.57
C ARG G 178 -1.76 -17.40 -6.81
N VAL G 179 -0.50 -17.03 -6.78
CA VAL G 179 0.04 -16.18 -7.82
C VAL G 179 0.85 -17.03 -8.74
N ILE G 180 0.52 -16.97 -10.02
CA ILE G 180 1.24 -17.69 -11.03
C ILE G 180 1.86 -16.63 -11.88
N THR G 181 3.15 -16.69 -12.11
CA THR G 181 3.82 -15.68 -12.95
C THR G 181 4.32 -16.32 -14.23
N LEU G 182 4.02 -15.64 -15.32
CA LEU G 182 4.32 -16.12 -16.63
C LEU G 182 5.74 -15.72 -16.94
N THR G 183 6.70 -16.62 -16.70
CA THR G 183 8.12 -16.28 -16.79
C THR G 183 8.53 -15.91 -18.20
N ASP G 184 7.77 -16.34 -19.21
CA ASP G 184 8.02 -15.87 -20.58
C ASP G 184 6.98 -14.85 -21.14
N CYS G 185 6.18 -14.23 -20.28
CA CYS G 185 5.30 -13.14 -20.69
C CYS G 185 5.60 -11.85 -19.95
N VAL G 186 6.82 -11.69 -19.48
CA VAL G 186 7.16 -10.50 -18.70
C VAL G 186 8.42 -9.95 -19.32
N ALA G 187 8.60 -8.65 -19.25
CA ALA G 187 9.76 -8.03 -19.86
C ALA G 187 10.30 -6.96 -18.93
N ALA G 188 11.59 -6.66 -19.02
CA ALA G 188 12.24 -5.62 -18.19
C ALA G 188 13.24 -4.89 -19.03
N THR G 189 13.87 -3.87 -18.47
CA THR G 189 14.87 -3.06 -19.19
C THR G 189 16.26 -3.67 -19.27
N SER G 190 16.46 -4.80 -18.62
CA SER G 190 17.78 -5.42 -18.53
C SER G 190 17.57 -6.92 -18.43
N GLN G 191 18.22 -7.65 -19.32
CA GLN G 191 18.07 -9.09 -19.38
C GLN G 191 18.60 -9.68 -18.04
N GLU G 192 19.64 -9.05 -17.49
CA GLU G 192 20.23 -9.52 -16.24
C GLU G 192 19.28 -9.38 -15.03
N GLU G 193 18.63 -8.22 -14.88
CA GLU G 193 17.63 -7.97 -13.82
C GLU G 193 16.43 -8.90 -13.99
N HIS G 194 15.97 -9.01 -15.23
CA HIS G 194 14.85 -9.86 -15.58
C HIS G 194 15.10 -11.28 -15.13
N ASN G 195 16.19 -11.87 -15.60
CA ASN G 195 16.65 -13.20 -15.16
C ASN G 195 16.81 -13.39 -13.67
N ASN G 196 17.49 -12.45 -13.02
CA ASN G 196 17.62 -12.54 -11.56
C ASN G 196 16.29 -12.58 -10.82
N ALA G 197 15.30 -11.84 -11.35
CA ALA G 197 14.01 -11.62 -10.68
C ALA G 197 13.28 -12.91 -10.68
N ILE G 198 13.30 -13.51 -11.87
CA ILE G 198 12.65 -14.74 -12.14
C ILE G 198 13.24 -15.94 -11.38
N SER G 199 14.56 -15.93 -11.15
CA SER G 199 15.28 -17.08 -10.58
C SER G 199 15.29 -17.01 -9.09
N TYR G 200 15.46 -15.82 -8.54
CA TYR G 200 15.59 -15.62 -7.10
C TYR G 200 14.28 -15.19 -6.43
N ASP G 201 13.62 -14.17 -7.00
CA ASP G 201 12.52 -13.48 -6.33
C ASP G 201 11.20 -14.16 -6.60
N PHE G 202 10.93 -14.47 -7.85
CA PHE G 202 9.66 -15.04 -8.21
C PHE G 202 9.32 -16.35 -7.44
N PRO G 203 10.29 -17.25 -7.22
CA PRO G 203 9.90 -18.46 -6.42
C PRO G 203 9.49 -18.21 -4.96
N MET G 204 9.91 -17.10 -4.37
CA MET G 204 9.60 -16.77 -2.98
C MET G 204 8.11 -16.40 -2.86
N PHE G 205 7.53 -15.86 -3.95
CA PHE G 205 6.23 -15.20 -3.90
C PHE G 205 5.17 -15.68 -4.91
N SER G 206 5.48 -16.75 -5.65
CA SER G 206 4.62 -17.23 -6.75
C SER G 206 4.99 -18.64 -7.25
N VAL G 207 4.18 -19.18 -8.16
CA VAL G 207 4.48 -20.43 -8.85
C VAL G 207 4.86 -20.10 -10.31
N PRO G 208 6.15 -19.97 -10.59
CA PRO G 208 6.50 -19.56 -11.95
C PRO G 208 6.17 -20.61 -13.03
N MET G 209 5.52 -20.18 -14.10
CA MET G 209 5.12 -21.07 -15.19
C MET G 209 5.45 -20.43 -16.53
N THR G 210 5.54 -21.26 -17.56
CA THR G 210 5.62 -20.75 -18.94
C THR G 210 4.20 -20.61 -19.48
N SER G 211 4.06 -19.85 -20.57
CA SER G 211 2.78 -19.78 -21.30
C SER G 211 2.29 -21.16 -21.74
N ALA G 212 3.21 -21.98 -22.21
CA ALA G 212 2.88 -23.33 -22.66
C ALA G 212 2.25 -24.14 -21.50
N ASP G 213 2.79 -23.98 -20.29
CA ASP G 213 2.28 -24.69 -19.12
C ASP G 213 0.90 -24.18 -18.81
N VAL G 214 0.71 -22.86 -18.88
CA VAL G 214 -0.56 -22.24 -18.45
C VAL G 214 -1.69 -22.60 -19.44
N ILE G 215 -1.38 -22.46 -20.73
CA ILE G 215 -2.27 -22.86 -21.82
C ILE G 215 -2.73 -24.29 -21.63
N ALA G 216 -1.82 -25.20 -21.36
CA ALA G 216 -2.18 -26.60 -21.25
C ALA G 216 -3.14 -26.77 -20.09
N ALA G 217 -2.94 -25.97 -19.05
CA ALA G 217 -3.80 -26.00 -17.88
C ALA G 217 -5.20 -25.42 -18.19
N LEU G 218 -5.23 -24.30 -18.92
CA LEU G 218 -6.49 -23.68 -19.37
C LEU G 218 -7.29 -24.60 -20.29
N GLU G 219 -6.57 -25.27 -21.19
CA GLU G 219 -7.10 -26.39 -21.98
C GLU G 219 -7.17 -27.66 -21.12
N LEU H 19 20.81 15.82 1.67
CA LEU H 19 19.67 15.11 2.36
C LEU H 19 19.65 15.27 3.90
N GLU H 20 18.54 15.82 4.40
CA GLU H 20 18.38 16.20 5.81
C GLU H 20 17.21 15.44 6.43
N LEU H 21 17.32 15.15 7.74
CA LEU H 21 16.28 14.41 8.47
C LEU H 21 15.57 15.29 9.52
N ASP H 22 14.23 15.28 9.53
CA ASP H 22 13.45 15.83 10.65
C ASP H 22 13.24 14.67 11.61
N PRO H 23 13.77 14.82 12.85
CA PRO H 23 13.64 13.85 13.94
C PRO H 23 12.19 13.54 14.34
N ALA H 24 11.37 14.57 14.40
CA ALA H 24 9.95 14.40 14.69
C ALA H 24 9.17 13.68 13.55
N ARG H 25 9.79 13.48 12.39
CA ARG H 25 9.06 12.92 11.26
C ARG H 25 9.71 11.70 10.67
N THR H 26 10.65 11.10 11.42
CA THR H 26 11.39 9.93 10.96
C THR H 26 11.13 8.74 11.89
N ALA H 27 11.33 7.54 11.40
CA ALA H 27 11.36 6.37 12.26
C ALA H 27 12.40 5.41 11.69
N ILE H 28 13.06 4.65 12.57
CA ILE H 28 13.95 3.61 12.17
C ILE H 28 13.11 2.35 12.29
N VAL H 29 12.98 1.63 11.19
CA VAL H 29 12.19 0.40 11.21
C VAL H 29 13.15 -0.75 11.05
N LEU H 30 13.18 -1.60 12.06
CA LEU H 30 14.10 -2.72 12.12
C LEU H 30 13.38 -4.06 11.90
N ILE H 31 13.63 -4.70 10.77
CA ILE H 31 12.87 -5.87 10.41
C ILE H 31 13.59 -7.14 10.85
N GLU H 32 12.92 -7.92 11.68
CA GLU H 32 13.39 -9.24 12.07
C GLU H 32 14.81 -9.34 12.65
N TYR H 33 15.18 -8.46 13.58
CA TYR H 33 16.47 -8.63 14.27
C TYR H 33 16.33 -9.64 15.39
N GLN H 34 16.19 -10.89 15.01
CA GLN H 34 15.76 -11.94 15.90
C GLN H 34 16.77 -13.10 15.89
N ASN H 35 16.82 -13.78 17.04
CA ASN H 35 17.83 -14.78 17.25
C ASN H 35 17.82 -15.78 16.11
N GLU H 36 16.63 -16.12 15.61
CA GLU H 36 16.46 -17.11 14.52
C GLU H 36 17.40 -16.78 13.36
N PHE H 37 17.63 -15.50 13.16
CA PHE H 37 18.51 -15.01 12.15
C PHE H 37 19.89 -14.66 12.70
N THR H 38 19.91 -13.89 13.79
CA THR H 38 21.13 -13.24 14.25
C THR H 38 22.10 -14.13 15.04
N SER H 39 21.67 -15.26 15.57
CA SER H 39 22.44 -15.88 16.66
C SER H 39 22.72 -17.34 16.45
N ASP H 40 23.90 -17.73 16.90
CA ASP H 40 24.35 -19.10 16.71
C ASP H 40 23.31 -19.98 17.34
N GLY H 41 22.79 -20.93 16.56
CA GLY H 41 21.65 -21.76 16.98
C GLY H 41 20.26 -21.32 16.42
N GLY H 42 20.16 -20.08 15.97
CA GLY H 42 18.96 -19.71 15.21
C GLY H 42 18.77 -20.71 14.08
N VAL H 43 17.55 -21.20 13.88
CA VAL H 43 17.28 -22.07 12.73
C VAL H 43 17.79 -21.47 11.37
N LEU H 44 17.78 -20.15 11.18
CA LEU H 44 18.12 -19.58 9.87
C LEU H 44 19.47 -18.87 9.86
N HIS H 45 20.18 -18.91 11.00
CA HIS H 45 21.43 -18.16 11.15
C HIS H 45 22.52 -18.59 10.20
N GLY H 46 22.66 -19.89 9.96
CA GLY H 46 23.63 -20.40 9.00
C GLY H 46 23.39 -19.85 7.61
N ALA H 47 22.14 -19.55 7.30
CA ALA H 47 21.75 -19.09 5.97
C ALA H 47 22.17 -17.66 5.70
N VAL H 48 22.20 -16.84 6.73
CA VAL H 48 22.45 -15.42 6.56
C VAL H 48 23.76 -14.97 7.16
N ALA H 49 24.55 -15.90 7.69
CA ALA H 49 25.76 -15.59 8.47
C ALA H 49 26.88 -15.00 7.63
N ASP H 50 27.06 -15.53 6.42
CA ASP H 50 28.10 -15.03 5.51
C ASP H 50 27.82 -13.54 5.15
N VAL H 51 26.58 -13.23 4.82
CA VAL H 51 26.28 -11.86 4.42
C VAL H 51 26.33 -10.96 5.65
N MET H 52 25.89 -11.49 6.81
CA MET H 52 25.97 -10.77 8.10
C MET H 52 27.42 -10.30 8.37
N GLN H 53 28.38 -11.19 8.14
CA GLN H 53 29.78 -10.87 8.35
C GLN H 53 30.39 -9.95 7.28
N HIS H 54 30.06 -10.19 5.99
CA HIS H 54 30.53 -9.32 4.92
C HIS H 54 30.12 -7.87 5.24
N THR H 55 28.85 -7.68 5.58
CA THR H 55 28.31 -6.33 5.79
C THR H 55 28.65 -5.68 7.13
N GLY H 56 28.87 -6.50 8.15
CA GLY H 56 28.93 -6.06 9.53
C GLY H 56 27.58 -5.50 10.01
N MET H 57 26.49 -6.09 9.57
CA MET H 57 25.19 -5.41 9.68
C MET H 57 24.73 -5.22 11.13
N LEU H 58 25.00 -6.19 11.98
CA LEU H 58 24.59 -6.04 13.38
C LEU H 58 25.20 -4.77 14.01
N ALA H 59 26.53 -4.62 13.93
CA ALA H 59 27.21 -3.51 14.58
C ALA H 59 26.85 -2.18 13.92
N ASN H 60 26.70 -2.17 12.58
CA ASN H 60 26.26 -0.92 11.89
C ASN H 60 24.86 -0.45 12.38
N THR H 61 23.95 -1.42 12.50
CA THR H 61 22.64 -1.24 13.05
C THR H 61 22.68 -0.71 14.47
N VAL H 62 23.35 -1.41 15.38
CA VAL H 62 23.52 -0.90 16.76
C VAL H 62 23.97 0.58 16.69
N ALA H 63 24.97 0.91 15.86
CA ALA H 63 25.45 2.29 15.78
C ALA H 63 24.37 3.31 15.33
N VAL H 64 23.51 2.93 14.37
CA VAL H 64 22.45 3.82 13.86
C VAL H 64 21.31 4.02 14.85
N VAL H 65 20.93 2.92 15.51
CA VAL H 65 19.89 2.98 16.52
C VAL H 65 20.31 3.89 17.68
N ASP H 66 21.53 3.72 18.17
CA ASP H 66 22.06 4.57 19.25
C ASP H 66 22.02 6.05 18.86
N ALA H 67 22.48 6.35 17.64
CA ALA H 67 22.51 7.72 17.15
C ALA H 67 21.09 8.27 16.97
N ALA H 68 20.18 7.41 16.52
CA ALA H 68 18.83 7.86 16.17
C ALA H 68 18.08 8.12 17.45
N ARG H 69 18.10 7.14 18.33
CA ARG H 69 17.53 7.34 19.64
C ARG H 69 18.05 8.63 20.28
N GLN H 70 19.37 8.81 20.31
CA GLN H 70 19.99 10.07 20.81
C GLN H 70 19.39 11.34 20.20
N ALA H 71 19.07 11.29 18.91
CA ALA H 71 18.50 12.42 18.19
C ALA H 71 16.99 12.64 18.45
N GLY H 72 16.32 11.66 19.06
CA GLY H 72 14.86 11.71 19.21
C GLY H 72 14.06 10.91 18.17
N VAL H 73 14.72 10.22 17.26
CA VAL H 73 14.02 9.37 16.28
C VAL H 73 13.44 8.10 16.96
N PRO H 74 12.13 7.84 16.84
CA PRO H 74 11.60 6.59 17.35
C PRO H 74 12.18 5.34 16.70
N ILE H 75 12.41 4.32 17.50
CA ILE H 75 12.90 3.05 17.05
C ILE H 75 11.74 2.10 17.07
N MET H 76 11.49 1.45 15.91
CA MET H 76 10.42 0.45 15.75
C MET H 76 11.01 -0.89 15.29
N HIS H 77 10.73 -1.94 16.08
CA HIS H 77 11.06 -3.32 15.75
C HIS H 77 9.85 -4.05 15.22
N ALA H 78 10.10 -4.90 14.23
CA ALA H 78 9.07 -5.58 13.49
C ALA H 78 9.50 -7.05 13.42
N PRO H 79 9.27 -7.79 14.52
CA PRO H 79 9.66 -9.20 14.51
C PRO H 79 8.56 -10.02 13.86
N ILE H 80 8.93 -11.11 13.22
CA ILE H 80 7.93 -12.07 12.73
C ILE H 80 7.84 -13.23 13.67
N THR H 81 6.62 -13.61 14.02
CA THR H 81 6.33 -14.73 14.94
C THR H 81 5.13 -15.51 14.41
N PHE H 82 4.96 -16.73 14.89
CA PHE H 82 3.80 -17.54 14.53
C PHE H 82 3.43 -18.39 15.74
N ALA H 83 2.13 -18.47 16.06
CA ALA H 83 1.67 -19.37 17.12
C ALA H 83 2.07 -20.81 16.81
N GLU H 84 2.47 -21.56 17.84
CA GLU H 84 2.98 -22.92 17.63
C GLU H 84 1.91 -23.76 16.93
N GLY H 85 2.34 -24.49 15.90
CA GLY H 85 1.45 -25.25 15.02
C GLY H 85 1.30 -24.56 13.65
N TYR H 86 1.64 -23.28 13.58
CA TYR H 86 1.37 -22.53 12.30
C TYR H 86 -0.14 -22.59 11.85
N GLY H 87 -1.08 -22.71 12.80
CA GLY H 87 -2.52 -22.77 12.53
C GLY H 87 -3.13 -21.43 12.09
N GLU H 88 -2.32 -20.39 12.11
CA GLU H 88 -2.65 -19.10 11.53
C GLU H 88 -2.44 -19.04 10.01
N LEU H 89 -1.86 -20.08 9.41
CA LEU H 89 -1.54 -20.08 7.99
C LEU H 89 -2.25 -21.23 7.35
N THR H 90 -2.34 -21.16 6.02
CA THR H 90 -2.80 -22.28 5.24
C THR H 90 -2.06 -23.52 5.66
N ARG H 91 -2.74 -24.63 5.60
CA ARG H 91 -2.06 -25.88 5.84
C ARG H 91 -1.16 -26.31 4.65
N HIS H 92 -1.33 -25.72 3.48
CA HIS H 92 -0.47 -26.00 2.33
C HIS H 92 0.25 -24.74 1.79
N PRO H 93 1.19 -24.17 2.56
CA PRO H 93 1.97 -23.02 2.12
C PRO H 93 2.86 -23.25 0.89
N TYR H 94 3.09 -22.19 0.15
CA TYR H 94 3.94 -22.23 -1.02
C TYR H 94 4.87 -21.02 -0.94
N GLY H 95 5.96 -21.04 -1.71
CA GLY H 95 6.96 -19.95 -1.70
C GLY H 95 7.67 -19.85 -0.38
N ILE H 96 8.15 -18.65 -0.06
CA ILE H 96 9.03 -18.46 1.07
C ILE H 96 8.44 -18.91 2.43
N LEU H 97 7.14 -18.78 2.64
CA LEU H 97 6.59 -19.14 3.95
C LEU H 97 6.57 -20.66 4.21
N LYS H 98 6.63 -21.45 3.16
CA LYS H 98 6.82 -22.90 3.30
C LYS H 98 8.10 -23.20 4.11
N GLY H 99 9.16 -22.42 3.89
CA GLY H 99 10.47 -22.67 4.52
C GLY H 99 10.43 -22.35 6.00
N VAL H 100 9.61 -21.36 6.32
CA VAL H 100 9.32 -21.03 7.69
C VAL H 100 8.59 -22.18 8.38
N VAL H 101 7.57 -22.72 7.72
CA VAL H 101 6.79 -23.80 8.34
C VAL H 101 7.62 -25.08 8.44
N ASP H 102 8.23 -25.52 7.35
CA ASP H 102 9.00 -26.77 7.33
C ASP H 102 10.25 -26.76 8.21
N GLY H 103 10.85 -25.58 8.39
CA GLY H 103 11.94 -25.40 9.36
C GLY H 103 11.52 -24.97 10.78
N LYS H 104 10.21 -24.95 11.08
CA LYS H 104 9.75 -24.63 12.44
C LYS H 104 10.44 -23.40 13.00
N ALA H 105 10.58 -22.38 12.16
CA ALA H 105 11.21 -21.13 12.55
C ALA H 105 10.17 -20.15 13.10
N PHE H 106 10.67 -19.21 13.90
CA PHE H 106 9.92 -18.08 14.42
C PHE H 106 8.71 -18.45 15.30
N VAL H 107 8.79 -19.51 16.09
CA VAL H 107 7.65 -19.87 16.93
C VAL H 107 7.44 -18.87 18.06
N LYS H 108 6.24 -18.33 18.16
CA LYS H 108 5.91 -17.38 19.22
C LYS H 108 6.29 -17.86 20.64
N GLY H 109 7.06 -17.00 21.35
CA GLY H 109 7.54 -17.35 22.68
C GLY H 109 8.86 -18.14 22.76
N THR H 110 9.54 -18.32 21.63
CA THR H 110 10.82 -19.03 21.66
C THR H 110 11.96 -18.06 21.64
N TRP H 111 13.08 -18.52 22.14
CA TRP H 111 14.33 -17.78 22.00
C TRP H 111 14.52 -17.31 20.56
N GLY H 112 14.26 -18.20 19.62
CA GLY H 112 14.38 -17.91 18.20
C GLY H 112 13.61 -16.67 17.84
N ALA H 113 12.40 -16.59 18.37
CA ALA H 113 11.52 -15.44 18.09
C ALA H 113 11.98 -14.16 18.76
N ALA H 114 12.78 -14.23 19.81
CA ALA H 114 13.07 -13.04 20.60
C ALA H 114 14.02 -12.12 19.84
N ILE H 115 13.90 -10.83 20.11
CA ILE H 115 14.82 -9.84 19.59
C ILE H 115 16.20 -10.10 20.16
N VAL H 116 17.23 -10.02 19.33
CA VAL H 116 18.62 -10.18 19.82
C VAL H 116 18.98 -9.22 20.96
N ASP H 117 19.74 -9.71 21.93
CA ASP H 117 19.91 -9.03 23.20
C ASP H 117 20.36 -7.62 23.09
N GLU H 118 21.30 -7.36 22.21
CA GLU H 118 21.89 -6.04 22.15
C GLU H 118 21.01 -4.99 21.41
N LEU H 119 19.92 -5.42 20.77
CA LEU H 119 18.93 -4.49 20.21
C LEU H 119 17.62 -4.64 20.96
N ALA H 120 17.66 -5.15 22.17
CA ALA H 120 16.48 -5.21 23.00
C ALA H 120 15.85 -3.81 23.09
N PRO H 121 14.51 -3.75 23.12
CA PRO H 121 13.83 -2.46 23.17
C PRO H 121 14.15 -1.68 24.46
N VAL H 122 14.54 -0.40 24.33
CA VAL H 122 14.78 0.48 25.49
C VAL H 122 13.88 1.71 25.42
N ASN H 123 13.74 2.44 26.52
CA ASN H 123 13.10 3.77 26.52
C ASN H 123 12.00 4.03 25.52
N GLY H 124 10.87 3.32 25.61
CA GLY H 124 9.79 3.64 24.61
C GLY H 124 10.07 3.36 23.10
N ASP H 125 11.09 2.56 22.81
CA ASP H 125 11.13 1.88 21.54
C ASP H 125 9.75 1.26 21.34
N ILE H 126 9.31 1.13 20.09
CA ILE H 126 8.00 0.54 19.79
C ILE H 126 8.22 -0.87 19.27
N VAL H 127 7.46 -1.84 19.70
CA VAL H 127 7.51 -3.14 19.07
C VAL H 127 6.21 -3.33 18.24
N ILE H 128 6.36 -3.26 16.91
CA ILE H 128 5.28 -3.41 15.93
C ILE H 128 4.77 -4.82 16.04
N GLU H 129 3.48 -5.00 15.94
CA GLU H 129 2.82 -6.26 16.21
C GLU H 129 2.10 -6.72 14.95
N GLY H 130 1.97 -8.05 14.82
CA GLY H 130 1.15 -8.74 13.83
C GLY H 130 1.91 -9.56 12.78
N LYS H 131 3.17 -9.22 12.55
CA LYS H 131 3.83 -9.64 11.29
C LYS H 131 3.72 -11.15 11.08
N ARG H 132 3.14 -11.55 9.97
CA ARG H 132 2.99 -12.96 9.60
C ARG H 132 3.48 -13.24 8.18
N GLY H 133 3.77 -12.16 7.47
CA GLY H 133 4.11 -12.18 6.04
C GLY H 133 5.48 -11.53 5.87
N LEU H 134 5.81 -11.17 4.65
CA LEU H 134 7.12 -10.62 4.37
C LEU H 134 7.10 -9.09 4.47
N ASP H 135 6.04 -8.51 3.85
CA ASP H 135 5.81 -7.10 3.85
C ASP H 135 5.36 -6.61 5.25
N THR H 136 6.15 -5.79 5.92
CA THR H 136 5.73 -5.31 7.26
C THR H 136 4.35 -4.63 7.19
N PHE H 137 4.06 -3.91 6.11
CA PHE H 137 2.77 -3.23 5.94
C PHE H 137 1.58 -4.17 5.72
N ALA H 138 1.82 -5.41 5.32
CA ALA H 138 0.69 -6.32 4.99
C ALA H 138 -0.05 -6.90 6.17
N SER H 139 0.62 -7.13 7.29
CA SER H 139 -0.05 -7.85 8.40
C SER H 139 0.24 -7.26 9.78
N THR H 140 0.56 -5.96 9.84
CA THR H 140 0.92 -5.34 11.09
C THR H 140 0.19 -4.01 11.30
N ASN H 141 0.47 -3.41 12.46
CA ASN H 141 0.01 -2.09 12.80
C ASN H 141 1.03 -1.03 12.40
N LEU H 142 1.94 -1.35 11.49
CA LEU H 142 3.01 -0.37 11.18
C LEU H 142 2.46 0.93 10.58
N ASP H 143 1.60 0.81 9.59
CA ASP H 143 1.06 2.00 8.93
C ASP H 143 0.32 2.86 9.91
N PHE H 144 -0.51 2.24 10.75
CA PHE H 144 -1.36 2.98 11.70
C PHE H 144 -0.47 3.77 12.63
N ILE H 145 0.57 3.11 13.13
CA ILE H 145 1.43 3.76 14.10
C ILE H 145 2.26 4.89 13.47
N LEU H 146 2.82 4.62 12.29
CA LEU H 146 3.62 5.65 11.57
C LEU H 146 2.77 6.88 11.29
N ARG H 147 1.58 6.66 10.74
CA ARG H 147 0.67 7.78 10.47
C ARG H 147 0.18 8.48 11.70
N SER H 148 -0.18 7.72 12.74
CA SER H 148 -0.67 8.40 13.94
C SER H 148 0.43 9.31 14.49
N LYS H 149 1.67 8.83 14.50
CA LYS H 149 2.80 9.62 15.05
C LYS H 149 3.27 10.76 14.14
N GLY H 150 2.85 10.77 12.88
CA GLY H 150 3.21 11.86 11.92
C GLY H 150 4.57 11.62 11.25
N VAL H 151 4.93 10.35 11.05
CA VAL H 151 6.18 10.03 10.39
C VAL H 151 6.01 10.02 8.86
N ASP H 152 6.89 10.70 8.14
CA ASP H 152 6.86 10.63 6.71
C ASP H 152 8.13 10.05 6.07
N THR H 153 9.12 9.75 6.90
CA THR H 153 10.39 9.19 6.42
C THR H 153 10.71 7.95 7.26
N ILE H 154 10.91 6.83 6.59
CA ILE H 154 11.28 5.62 7.28
C ILE H 154 12.65 5.14 6.79
N VAL H 155 13.45 4.64 7.74
CA VAL H 155 14.78 4.18 7.52
C VAL H 155 14.74 2.69 7.86
N LEU H 156 15.04 1.83 6.88
CA LEU H 156 14.88 0.37 6.99
C LEU H 156 16.19 -0.37 7.10
N GLY H 157 16.20 -1.39 7.97
CA GLY H 157 17.30 -2.33 8.09
C GLY H 157 16.74 -3.68 8.49
N GLY H 158 17.58 -4.71 8.39
CA GLY H 158 17.20 -6.03 8.87
C GLY H 158 17.26 -7.10 7.81
N PHE H 159 16.34 -8.03 7.88
CA PHE H 159 16.32 -9.24 7.09
C PHE H 159 14.96 -9.44 6.46
N LEU H 160 14.88 -9.99 5.24
CA LEU H 160 16.00 -10.37 4.38
C LEU H 160 16.07 -9.27 3.29
N THR H 161 17.28 -8.93 2.87
CA THR H 161 17.46 -7.86 1.92
C THR H 161 16.44 -7.90 0.76
N ASN H 162 16.32 -9.02 0.07
CA ASN H 162 15.45 -9.08 -1.15
C ASN H 162 14.08 -9.71 -0.87
N CYS H 163 13.77 -9.91 0.40
CA CYS H 163 12.48 -10.46 0.74
C CYS H 163 11.69 -9.44 1.52
N CYS H 164 11.75 -9.52 2.84
CA CYS H 164 11.02 -8.67 3.74
C CYS H 164 11.53 -7.22 3.64
N VAL H 165 12.83 -7.00 3.52
CA VAL H 165 13.30 -5.62 3.39
C VAL H 165 12.73 -5.04 2.09
N GLU H 166 12.99 -5.68 0.98
CA GLU H 166 12.39 -5.23 -0.26
C GLU H 166 10.83 -5.06 -0.25
N SER H 167 10.07 -6.05 0.24
CA SER H 167 8.61 -5.94 0.24
C SER H 167 8.13 -4.67 0.98
N THR H 168 8.75 -4.38 2.12
CA THR H 168 8.39 -3.25 2.95
C THR H 168 8.81 -1.91 2.32
N MET H 169 9.98 -1.91 1.68
CA MET H 169 10.42 -0.77 0.90
C MET H 169 9.35 -0.49 -0.18
N ARG H 170 9.01 -1.52 -0.95
CA ARG H 170 8.12 -1.37 -2.08
C ARG H 170 6.82 -0.73 -1.64
N THR H 171 6.23 -1.25 -0.56
CA THR H 171 4.98 -0.72 -0.05
C THR H 171 5.16 0.65 0.62
N GLY H 172 6.31 0.88 1.21
CA GLY H 172 6.57 2.16 1.81
C GLY H 172 6.52 3.24 0.76
N TYR H 173 7.19 2.99 -0.34
CA TYR H 173 7.14 3.86 -1.51
C TYR H 173 5.72 4.13 -2.02
N GLU H 174 4.87 3.11 -2.11
CA GLU H 174 3.56 3.26 -2.70
C GLU H 174 2.72 4.12 -1.79
N ARG H 175 3.02 4.04 -0.49
CA ARG H 175 2.24 4.75 0.46
C ARG H 175 2.79 6.15 0.71
N GLY H 176 3.70 6.65 -0.13
CA GLY H 176 4.10 8.07 -0.02
C GLY H 176 5.16 8.36 1.06
N PHE H 177 5.69 7.34 1.71
CA PHE H 177 6.76 7.58 2.66
C PHE H 177 8.05 7.90 1.93
N ARG H 178 8.91 8.69 2.54
CA ARG H 178 10.24 8.78 2.01
C ARG H 178 10.99 7.63 2.67
N VAL H 179 11.42 6.70 1.84
CA VAL H 179 12.09 5.51 2.28
C VAL H 179 13.59 5.61 2.05
N ILE H 180 14.34 5.50 3.14
CA ILE H 180 15.78 5.39 3.12
C ILE H 180 16.09 3.94 3.46
N THR H 181 16.93 3.30 2.65
CA THR H 181 17.36 1.94 2.86
C THR H 181 18.84 1.97 3.31
N LEU H 182 19.12 1.29 4.43
CA LEU H 182 20.47 1.17 5.01
C LEU H 182 21.19 0.00 4.36
N THR H 183 21.99 0.33 3.36
CA THR H 183 22.67 -0.69 2.53
C THR H 183 23.69 -1.52 3.27
N ASP H 184 24.19 -1.00 4.39
CA ASP H 184 25.10 -1.77 5.22
C ASP H 184 24.44 -2.15 6.54
N CYS H 185 23.10 -2.15 6.59
CA CYS H 185 22.40 -2.74 7.72
C CYS H 185 21.32 -3.71 7.34
N VAL H 186 21.51 -4.40 6.21
CA VAL H 186 20.63 -5.45 5.82
C VAL H 186 21.47 -6.74 5.51
N ALA H 187 20.84 -7.91 5.61
CA ALA H 187 21.48 -9.12 5.15
C ALA H 187 20.47 -10.07 4.53
N ALA H 188 20.95 -11.03 3.74
CA ALA H 188 20.15 -11.99 3.01
C ALA H 188 20.80 -13.35 3.09
N THR H 189 20.17 -14.37 2.52
CA THR H 189 20.74 -15.71 2.56
C THR H 189 21.78 -15.93 1.43
N SER H 190 22.01 -14.90 0.62
CA SER H 190 22.91 -15.00 -0.53
C SER H 190 23.50 -13.62 -0.78
N GLN H 191 24.79 -13.59 -1.11
CA GLN H 191 25.47 -12.33 -1.36
C GLN H 191 25.00 -11.82 -2.75
N GLU H 192 24.79 -12.77 -3.65
CA GLU H 192 24.31 -12.47 -4.97
C GLU H 192 22.95 -11.69 -4.88
N GLU H 193 21.98 -12.29 -4.22
CA GLU H 193 20.64 -11.72 -4.18
C GLU H 193 20.64 -10.43 -3.37
N HIS H 194 21.42 -10.38 -2.31
CA HIS H 194 21.73 -9.13 -1.60
C HIS H 194 22.27 -8.00 -2.51
N ASN H 195 23.37 -8.28 -3.21
CA ASN H 195 24.01 -7.28 -4.05
C ASN H 195 23.06 -6.70 -5.11
N ASN H 196 22.27 -7.58 -5.69
CA ASN H 196 21.45 -7.24 -6.81
C ASN H 196 20.17 -6.49 -6.42
N ALA H 197 19.60 -6.83 -5.27
CA ALA H 197 18.54 -6.06 -4.68
C ALA H 197 19.03 -4.66 -4.42
N ILE H 198 20.21 -4.56 -3.82
CA ILE H 198 20.78 -3.25 -3.46
C ILE H 198 21.10 -2.40 -4.68
N SER H 199 21.60 -3.03 -5.75
CA SER H 199 22.02 -2.28 -6.92
C SER H 199 20.88 -1.98 -7.88
N TYR H 200 20.01 -2.95 -8.10
CA TYR H 200 18.97 -2.85 -9.12
C TYR H 200 17.59 -2.35 -8.58
N ASP H 201 17.20 -2.80 -7.39
CA ASP H 201 15.84 -2.59 -6.89
C ASP H 201 15.77 -1.44 -5.87
N PHE H 202 16.72 -1.31 -4.98
CA PHE H 202 16.64 -0.28 -3.96
C PHE H 202 16.64 1.14 -4.56
N PRO H 203 17.40 1.39 -5.64
CA PRO H 203 17.28 2.75 -6.23
C PRO H 203 15.89 3.11 -6.81
N MET H 204 15.04 2.10 -7.06
CA MET H 204 13.74 2.31 -7.67
C MET H 204 12.71 2.80 -6.63
N PHE H 205 12.89 2.36 -5.38
CA PHE H 205 11.88 2.51 -4.32
C PHE H 205 12.41 3.18 -3.08
N SER H 206 13.65 3.68 -3.10
CA SER H 206 14.22 4.28 -1.89
C SER H 206 15.40 5.16 -2.17
N VAL H 207 15.88 5.85 -1.14
CA VAL H 207 17.19 6.50 -1.18
C VAL H 207 18.16 5.60 -0.42
N PRO H 208 19.01 4.82 -1.14
CA PRO H 208 19.96 3.98 -0.43
C PRO H 208 21.08 4.78 0.22
N MET H 209 21.31 4.50 1.50
CA MET H 209 22.35 5.19 2.28
C MET H 209 23.06 4.21 3.23
N THR H 210 24.27 4.59 3.62
CA THR H 210 25.02 3.84 4.63
C THR H 210 24.64 4.34 6.00
N SER H 211 25.02 3.55 7.01
CA SER H 211 24.78 3.90 8.40
C SER H 211 25.51 5.19 8.73
N ALA H 212 26.77 5.30 8.32
CA ALA H 212 27.54 6.53 8.48
C ALA H 212 26.80 7.77 7.98
N ASP H 213 26.14 7.65 6.83
CA ASP H 213 25.43 8.80 6.26
C ASP H 213 24.18 9.15 7.05
N VAL H 214 23.40 8.15 7.44
CA VAL H 214 22.25 8.40 8.28
C VAL H 214 22.68 9.03 9.62
N ILE H 215 23.69 8.44 10.25
CA ILE H 215 24.27 8.97 11.48
C ILE H 215 24.71 10.44 11.31
N ALA H 216 25.41 10.73 10.21
CA ALA H 216 25.77 12.10 9.85
C ALA H 216 24.52 12.99 9.71
N ALA H 217 23.48 12.49 9.04
CA ALA H 217 22.24 13.24 8.88
C ALA H 217 21.51 13.38 10.22
N LEU H 218 21.47 12.31 11.01
CA LEU H 218 20.90 12.41 12.36
C LEU H 218 21.86 13.20 13.23
N GLU I 20 60.03 -2.59 32.61
CA GLU I 20 59.79 -3.97 32.03
C GLU I 20 58.33 -4.48 32.11
N LEU I 21 57.80 -4.98 30.99
CA LEU I 21 56.49 -5.64 30.91
C LEU I 21 56.59 -7.08 30.36
N ASP I 22 55.88 -8.00 30.99
CA ASP I 22 55.74 -9.35 30.44
C ASP I 22 54.36 -9.37 29.79
N PRO I 23 54.32 -9.54 28.45
CA PRO I 23 53.08 -9.44 27.71
C PRO I 23 52.02 -10.43 28.18
N ALA I 24 52.45 -11.66 28.50
CA ALA I 24 51.56 -12.69 29.05
C ALA I 24 51.12 -12.49 30.52
N ARG I 25 51.56 -11.43 31.18
CA ARG I 25 51.16 -11.15 32.57
C ARG I 25 50.69 -9.70 32.76
N THR I 26 50.42 -9.01 31.67
CA THR I 26 49.98 -7.64 31.69
C THR I 26 48.59 -7.53 31.07
N ALA I 27 47.86 -6.47 31.46
CA ALA I 27 46.66 -6.06 30.78
C ALA I 27 46.50 -4.55 30.78
N ILE I 28 45.85 -4.06 29.74
CA ILE I 28 45.39 -2.70 29.70
C ILE I 28 43.93 -2.67 30.19
N VAL I 29 43.66 -1.96 31.28
CA VAL I 29 42.30 -1.82 31.75
C VAL I 29 41.85 -0.37 31.51
N LEU I 30 40.87 -0.22 30.61
CA LEU I 30 40.34 1.06 30.15
C LEU I 30 38.98 1.31 30.81
N ILE I 31 38.93 2.32 31.66
CA ILE I 31 37.77 2.56 32.51
C ILE I 31 36.88 3.61 31.88
N GLU I 32 35.67 3.19 31.53
CA GLU I 32 34.59 4.10 31.13
C GLU I 32 34.87 5.03 29.94
N TYR I 33 35.54 4.52 28.91
CA TYR I 33 35.68 5.25 27.65
C TYR I 33 34.37 5.22 26.83
N GLN I 34 33.38 5.91 27.36
CA GLN I 34 32.01 5.89 26.88
C GLN I 34 31.60 7.30 26.49
N ASN I 35 30.63 7.36 25.57
CA ASN I 35 30.23 8.62 24.95
C ASN I 35 29.75 9.62 25.97
N GLU I 36 29.09 9.17 27.02
CA GLU I 36 28.69 10.06 28.13
C GLU I 36 29.80 11.01 28.65
N PHE I 37 31.06 10.53 28.59
CA PHE I 37 32.23 11.35 28.98
C PHE I 37 32.91 11.95 27.75
N THR I 38 33.18 11.11 26.78
CA THR I 38 34.08 11.44 25.69
C THR I 38 33.56 12.30 24.57
N SER I 39 32.26 12.28 24.31
CA SER I 39 31.75 12.75 23.02
C SER I 39 30.81 13.92 23.24
N ASP I 40 30.99 14.95 22.40
CA ASP I 40 30.02 16.01 22.27
C ASP I 40 28.62 15.45 22.44
N GLY I 41 27.85 16.02 23.36
CA GLY I 41 26.47 15.62 23.61
C GLY I 41 26.28 14.65 24.78
N GLY I 42 27.31 13.91 25.16
CA GLY I 42 27.26 13.12 26.40
C GLY I 42 26.92 13.98 27.62
N VAL I 43 26.10 13.44 28.51
CA VAL I 43 25.64 14.21 29.67
C VAL I 43 26.80 14.78 30.52
N LEU I 44 27.89 14.03 30.60
CA LEU I 44 29.04 14.39 31.45
C LEU I 44 30.24 14.90 30.65
N HIS I 45 30.07 15.17 29.37
CA HIS I 45 31.21 15.52 28.56
C HIS I 45 31.73 16.90 28.85
N GLY I 46 30.81 17.86 28.99
CA GLY I 46 31.18 19.24 29.29
C GLY I 46 32.07 19.28 30.51
N ALA I 47 31.59 18.68 31.59
CA ALA I 47 32.34 18.56 32.84
C ALA I 47 33.83 18.16 32.68
N VAL I 48 34.10 17.19 31.82
CA VAL I 48 35.45 16.61 31.73
C VAL I 48 36.16 17.04 30.48
N ALA I 49 35.60 18.06 29.80
CA ALA I 49 36.07 18.47 28.47
C ALA I 49 37.41 19.18 28.53
N ASP I 50 37.62 19.98 29.59
CA ASP I 50 38.85 20.78 29.70
C ASP I 50 40.04 19.89 29.97
N VAL I 51 39.90 18.91 30.86
CA VAL I 51 41.00 17.99 31.14
C VAL I 51 41.34 17.12 29.92
N MET I 52 40.31 16.47 29.35
CA MET I 52 40.47 15.71 28.11
C MET I 52 41.28 16.56 27.14
N GLN I 53 40.91 17.83 27.02
CA GLN I 53 41.55 18.69 26.06
C GLN I 53 43.02 18.92 26.45
N HIS I 54 43.26 19.23 27.72
CA HIS I 54 44.63 19.52 28.24
C HIS I 54 45.60 18.35 28.10
N THR I 55 45.14 17.14 28.40
CA THR I 55 45.97 15.94 28.42
C THR I 55 46.15 15.30 27.02
N GLY I 56 45.24 15.59 26.09
CA GLY I 56 45.11 14.78 24.85
C GLY I 56 44.81 13.30 25.14
N MET I 57 44.07 13.03 26.22
CA MET I 57 43.95 11.63 26.72
C MET I 57 43.42 10.62 25.71
N LEU I 58 42.49 11.05 24.87
CA LEU I 58 41.85 10.12 23.95
C LEU I 58 42.85 9.61 22.91
N ALA I 59 43.54 10.56 22.29
CA ALA I 59 44.58 10.27 21.30
C ALA I 59 45.73 9.46 21.92
N ASN I 60 46.14 9.81 23.13
CA ASN I 60 47.20 9.06 23.80
C ASN I 60 46.78 7.59 24.11
N THR I 61 45.53 7.41 24.53
CA THR I 61 45.02 6.07 24.81
C THR I 61 44.96 5.22 23.56
N VAL I 62 44.49 5.78 22.45
CA VAL I 62 44.48 5.07 21.16
C VAL I 62 45.88 4.53 20.82
N ALA I 63 46.90 5.37 20.99
CA ALA I 63 48.27 4.97 20.72
C ALA I 63 48.69 3.88 21.70
N VAL I 64 48.40 4.09 22.98
CA VAL I 64 48.72 3.09 23.97
C VAL I 64 48.13 1.72 23.57
N VAL I 65 46.90 1.74 23.06
CA VAL I 65 46.17 0.51 22.72
C VAL I 65 46.71 -0.08 21.43
N ASP I 66 46.94 0.78 20.44
CA ASP I 66 47.70 0.42 19.24
C ASP I 66 48.87 -0.46 19.64
N ALA I 67 49.73 0.10 20.49
CA ALA I 67 50.97 -0.56 20.90
C ALA I 67 50.73 -1.82 21.73
N ALA I 68 49.68 -1.84 22.54
CA ALA I 68 49.35 -3.02 23.35
C ALA I 68 48.90 -4.23 22.50
N ARG I 69 48.16 -3.94 21.42
CA ARG I 69 47.77 -5.01 20.46
C ARG I 69 48.95 -5.49 19.61
N GLN I 70 49.84 -4.59 19.20
CA GLN I 70 51.07 -5.00 18.51
C GLN I 70 51.75 -6.08 19.39
N ALA I 71 51.97 -5.74 20.66
CA ALA I 71 52.68 -6.63 21.58
C ALA I 71 51.88 -7.81 22.13
N GLY I 72 50.62 -7.99 21.77
CA GLY I 72 49.83 -9.15 22.21
C GLY I 72 49.31 -9.08 23.65
N VAL I 73 49.22 -7.86 24.17
CA VAL I 73 48.71 -7.65 25.52
C VAL I 73 47.17 -7.49 25.49
N PRO I 74 46.45 -8.30 26.23
CA PRO I 74 44.98 -8.17 26.19
C PRO I 74 44.48 -6.77 26.60
N ILE I 75 43.52 -6.26 25.84
CA ILE I 75 42.81 -5.03 26.15
C ILE I 75 41.51 -5.34 26.91
N MET I 76 41.34 -4.69 28.07
CA MET I 76 40.15 -4.88 28.88
C MET I 76 39.38 -3.58 29.02
N HIS I 77 38.13 -3.60 28.53
CA HIS I 77 37.22 -2.46 28.63
C HIS I 77 36.28 -2.67 29.81
N ALA I 78 36.20 -1.64 30.65
CA ALA I 78 35.33 -1.63 31.84
C ALA I 78 34.40 -0.41 31.75
N PRO I 79 33.26 -0.56 31.04
CA PRO I 79 32.25 0.48 30.96
C PRO I 79 31.26 0.40 32.12
N ILE I 80 30.70 1.53 32.49
CA ILE I 80 29.63 1.57 33.51
C ILE I 80 28.26 1.72 32.82
N THR I 81 27.28 0.94 33.28
CA THR I 81 25.96 0.89 32.68
C THR I 81 24.92 0.57 33.72
N PHE I 82 23.74 1.14 33.60
CA PHE I 82 22.62 0.86 34.51
C PHE I 82 21.39 0.52 33.71
N ALA I 83 20.71 -0.58 34.08
CA ALA I 83 19.34 -0.87 33.66
C ALA I 83 18.45 0.34 33.88
N GLU I 84 17.60 0.60 32.91
CA GLU I 84 16.80 1.80 32.86
C GLU I 84 15.88 2.00 34.03
N GLY I 85 15.80 3.22 34.54
CA GLY I 85 15.06 3.51 35.78
C GLY I 85 15.87 3.28 37.07
N TYR I 86 17.13 2.86 36.94
CA TYR I 86 18.06 2.70 38.07
C TYR I 86 17.58 1.84 39.25
N GLY I 87 16.71 0.86 38.96
CA GLY I 87 16.19 -0.06 39.95
C GLY I 87 17.24 -1.01 40.56
N GLU I 88 18.42 -1.07 39.96
CA GLU I 88 19.49 -1.88 40.52
C GLU I 88 20.21 -1.12 41.64
N LEU I 89 19.80 0.12 41.91
CA LEU I 89 20.34 0.93 42.99
C LEU I 89 19.29 1.28 44.03
N THR I 90 19.76 1.75 45.18
CA THR I 90 18.88 2.40 46.14
C THR I 90 18.03 3.53 45.49
N ARG I 91 16.80 3.67 45.96
CA ARG I 91 15.93 4.81 45.56
C ARG I 91 16.50 6.16 46.03
N HIS I 92 17.34 6.14 47.08
CA HIS I 92 17.90 7.36 47.70
C HIS I 92 19.43 7.42 47.68
N PRO I 93 20.04 7.42 46.50
CA PRO I 93 21.48 7.43 46.42
C PRO I 93 22.08 8.71 46.99
N TYR I 94 23.25 8.58 47.61
CA TYR I 94 24.04 9.74 48.00
C TYR I 94 25.42 9.72 47.33
N GLY I 95 26.15 10.83 47.46
CA GLY I 95 27.47 10.93 46.86
C GLY I 95 27.43 10.82 45.35
N ILE I 96 28.52 10.33 44.77
CA ILE I 96 28.75 10.50 43.35
C ILE I 96 27.60 9.94 42.54
N LEU I 97 27.14 8.71 42.88
CA LEU I 97 26.06 8.04 42.14
C LEU I 97 24.74 8.82 42.04
N LYS I 98 24.48 9.70 43.00
CA LYS I 98 23.28 10.51 42.99
C LYS I 98 23.29 11.38 41.75
N GLY I 99 24.47 11.83 41.34
CA GLY I 99 24.66 12.64 40.14
C GLY I 99 24.44 11.85 38.86
N VAL I 100 24.72 10.54 38.95
CA VAL I 100 24.52 9.64 37.84
C VAL I 100 23.03 9.41 37.62
N VAL I 101 22.30 9.28 38.73
CA VAL I 101 20.89 8.98 38.67
C VAL I 101 20.13 10.21 38.24
N ASP I 102 20.38 11.32 38.92
CA ASP I 102 19.76 12.55 38.58
C ASP I 102 20.09 13.00 37.15
N GLY I 103 21.28 12.72 36.64
CA GLY I 103 21.65 13.11 35.27
C GLY I 103 21.18 12.13 34.16
N LYS I 104 20.51 11.06 34.54
CA LYS I 104 20.24 9.95 33.63
C LYS I 104 21.49 9.61 32.83
N ALA I 105 22.56 9.23 33.51
CA ALA I 105 23.81 8.95 32.81
C ALA I 105 23.98 7.46 32.69
N PHE I 106 24.63 7.04 31.61
CA PHE I 106 25.02 5.65 31.41
C PHE I 106 23.87 4.71 31.36
N VAL I 107 22.75 5.14 30.79
CA VAL I 107 21.63 4.21 30.63
C VAL I 107 21.97 3.07 29.64
N LYS I 108 21.79 1.85 30.13
CA LYS I 108 22.15 0.65 29.41
C LYS I 108 21.47 0.62 28.03
N GLY I 109 22.22 0.26 26.99
CA GLY I 109 21.67 0.22 25.64
C GLY I 109 21.69 1.55 24.89
N THR I 110 22.00 2.64 25.58
CA THR I 110 21.94 3.95 24.92
C THR I 110 23.28 4.32 24.36
N TRP I 111 23.27 5.37 23.54
CA TRP I 111 24.47 5.91 22.92
C TRP I 111 25.47 6.40 23.97
N GLY I 112 24.97 7.11 24.98
CA GLY I 112 25.79 7.55 26.14
C GLY I 112 26.59 6.42 26.76
N ALA I 113 25.98 5.24 26.90
CA ALA I 113 26.66 4.06 27.50
C ALA I 113 27.61 3.36 26.56
N ALA I 114 27.57 3.65 25.27
CA ALA I 114 28.37 2.92 24.26
C ALA I 114 29.81 3.39 24.30
N ILE I 115 30.75 2.52 23.96
CA ILE I 115 32.17 2.87 24.04
C ILE I 115 32.43 3.90 22.97
N VAL I 116 33.35 4.82 23.18
CA VAL I 116 33.58 5.83 22.12
C VAL I 116 34.13 5.11 20.88
N ASP I 117 33.70 5.57 19.70
CA ASP I 117 34.01 4.89 18.42
C ASP I 117 35.48 4.50 18.24
N GLU I 118 36.38 5.46 18.46
CA GLU I 118 37.84 5.26 18.30
C GLU I 118 38.44 4.10 19.13
N LEU I 119 37.73 3.68 20.18
CA LEU I 119 38.15 2.61 21.05
C LEU I 119 37.13 1.44 21.08
N ALA I 120 36.32 1.34 20.03
CA ALA I 120 35.48 0.17 19.87
C ALA I 120 36.31 -1.08 20.11
N PRO I 121 35.79 -2.02 20.92
CA PRO I 121 36.39 -3.34 21.09
C PRO I 121 36.42 -4.08 19.80
N VAL I 122 37.58 -4.60 19.49
CA VAL I 122 37.82 -5.42 18.33
C VAL I 122 38.23 -6.83 18.80
N ASN I 123 38.34 -7.78 17.87
CA ASN I 123 38.41 -9.23 18.21
C ASN I 123 39.51 -9.59 19.16
N GLY I 124 39.15 -10.31 20.22
CA GLY I 124 40.15 -10.68 21.24
C GLY I 124 40.04 -9.80 22.47
N ASP I 125 39.62 -8.55 22.28
CA ASP I 125 39.36 -7.67 23.41
C ASP I 125 38.34 -8.28 24.39
N ILE I 126 38.53 -7.96 25.66
CA ILE I 126 37.65 -8.39 26.70
C ILE I 126 36.79 -7.23 27.16
N VAL I 127 35.54 -7.52 27.43
CA VAL I 127 34.64 -6.50 27.95
C VAL I 127 34.16 -6.94 29.31
N ILE I 128 34.71 -6.30 30.32
CA ILE I 128 34.39 -6.56 31.71
C ILE I 128 32.95 -6.14 31.99
N GLU I 129 32.25 -7.00 32.71
CA GLU I 129 30.82 -6.88 32.97
C GLU I 129 30.56 -6.69 34.45
N GLY I 130 29.52 -5.94 34.74
CA GLY I 130 28.97 -5.85 36.05
C GLY I 130 28.97 -4.41 36.51
N LYS I 131 29.90 -3.62 36.00
CA LYS I 131 30.21 -2.37 36.69
C LYS I 131 28.99 -1.54 37.00
N ARG I 132 28.86 -1.21 38.29
CA ARG I 132 27.79 -0.36 38.82
C ARG I 132 28.28 0.71 39.80
N GLY I 133 29.42 0.47 40.45
CA GLY I 133 30.02 1.48 41.31
C GLY I 133 31.24 2.10 40.64
N LEU I 134 32.04 2.74 41.48
CA LEU I 134 33.21 3.49 41.00
C LEU I 134 34.44 2.62 40.82
N ASP I 135 34.58 1.67 41.75
CA ASP I 135 35.69 0.75 41.80
C ASP I 135 35.43 -0.43 40.88
N THR I 136 36.23 -0.58 39.83
CA THR I 136 36.05 -1.70 38.91
C THR I 136 36.12 -3.07 39.60
N PHE I 137 36.87 -3.21 40.71
CA PHE I 137 36.93 -4.52 41.38
C PHE I 137 35.69 -4.80 42.23
N ALA I 138 34.95 -3.76 42.59
CA ALA I 138 33.80 -3.93 43.52
C ALA I 138 32.58 -4.66 42.93
N SER I 139 32.38 -4.60 41.63
CA SER I 139 31.13 -5.07 41.05
C SER I 139 31.28 -5.71 39.70
N THR I 140 32.43 -6.31 39.43
CA THR I 140 32.70 -6.78 38.08
C THR I 140 33.46 -8.04 38.12
N ASN I 141 33.66 -8.63 36.98
CA ASN I 141 34.41 -9.87 36.90
C ASN I 141 35.91 -9.63 36.64
N LEU I 142 36.39 -8.40 36.84
CA LEU I 142 37.78 -8.07 36.55
C LEU I 142 38.78 -8.97 37.27
N ASP I 143 38.65 -9.07 38.57
CA ASP I 143 39.57 -9.89 39.38
C ASP I 143 39.54 -11.32 38.90
N PHE I 144 38.37 -11.89 38.73
CA PHE I 144 38.30 -13.27 38.36
C PHE I 144 39.05 -13.48 37.08
N ILE I 145 38.89 -12.53 36.16
CA ILE I 145 39.43 -12.66 34.82
C ILE I 145 40.93 -12.43 34.84
N LEU I 146 41.39 -11.34 35.45
CA LEU I 146 42.84 -11.14 35.61
C LEU I 146 43.55 -12.34 36.26
N ARG I 147 42.97 -12.86 37.33
CA ARG I 147 43.63 -13.94 38.03
C ARG I 147 43.63 -15.19 37.21
N SER I 148 42.51 -15.56 36.60
CA SER I 148 42.41 -16.79 35.82
C SER I 148 43.39 -16.79 34.65
N LYS I 149 43.59 -15.62 34.05
CA LYS I 149 44.47 -15.48 32.90
C LYS I 149 45.95 -15.42 33.31
N GLY I 150 46.24 -15.23 34.59
CA GLY I 150 47.63 -15.13 35.09
C GLY I 150 48.26 -13.73 34.98
N VAL I 151 47.42 -12.70 35.01
CA VAL I 151 47.87 -11.33 34.85
C VAL I 151 48.23 -10.74 36.21
N ASP I 152 49.44 -10.20 36.34
CA ASP I 152 49.81 -9.58 37.60
C ASP I 152 50.13 -8.09 37.47
N THR I 153 50.01 -7.56 36.25
CA THR I 153 50.32 -6.16 36.01
C THR I 153 49.20 -5.56 35.21
N ILE I 154 48.64 -4.44 35.69
CA ILE I 154 47.52 -3.79 35.02
C ILE I 154 47.80 -2.31 34.76
N VAL I 155 47.54 -1.88 33.52
CA VAL I 155 47.75 -0.49 33.10
C VAL I 155 46.39 0.22 33.03
N LEU I 156 46.20 1.21 33.91
CA LEU I 156 44.93 1.91 34.04
C LEU I 156 44.90 3.20 33.25
N GLY I 157 43.83 3.38 32.46
CA GLY I 157 43.46 4.65 31.86
C GLY I 157 41.94 4.85 32.01
N GLY I 158 41.50 6.09 31.82
CA GLY I 158 40.07 6.40 31.71
C GLY I 158 39.58 7.47 32.66
N PHE I 159 38.31 7.37 33.03
CA PHE I 159 37.64 8.37 33.84
C PHE I 159 37.10 7.70 35.08
N LEU I 160 36.98 8.43 36.19
CA LEU I 160 37.59 9.76 36.39
C LEU I 160 38.86 9.57 37.21
N THR I 161 39.81 10.47 36.98
CA THR I 161 41.09 10.45 37.63
C THR I 161 40.95 10.20 39.11
N ASN I 162 40.20 11.07 39.80
CA ASN I 162 40.09 10.99 41.24
C ASN I 162 38.93 10.14 41.75
N CYS I 163 38.09 9.66 40.85
CA CYS I 163 36.99 8.87 41.28
C CYS I 163 37.23 7.41 40.85
N CYS I 164 36.85 7.06 39.64
CA CYS I 164 36.85 5.68 39.21
C CYS I 164 38.25 5.11 39.03
N VAL I 165 39.14 5.93 38.49
CA VAL I 165 40.53 5.52 38.31
C VAL I 165 41.25 5.36 39.65
N GLU I 166 41.10 6.33 40.54
CA GLU I 166 41.71 6.21 41.87
C GLU I 166 41.24 4.96 42.60
N SER I 167 39.93 4.72 42.58
CA SER I 167 39.33 3.59 43.34
C SER I 167 39.82 2.24 42.84
N THR I 168 39.99 2.13 41.52
CA THR I 168 40.43 0.88 40.88
C THR I 168 41.93 0.64 41.19
N MET I 169 42.70 1.72 41.12
CA MET I 169 44.09 1.74 41.53
C MET I 169 44.25 1.23 42.97
N ARG I 170 43.49 1.79 43.89
CA ARG I 170 43.65 1.46 45.31
C ARG I 170 43.34 0.01 45.60
N THR I 171 42.28 -0.51 44.97
CA THR I 171 41.97 -1.91 45.19
C THR I 171 42.97 -2.79 44.47
N GLY I 172 43.44 -2.33 43.30
CA GLY I 172 44.52 -3.03 42.57
C GLY I 172 45.76 -3.28 43.44
N TYR I 173 46.21 -2.23 44.10
CA TYR I 173 47.32 -2.29 45.03
C TYR I 173 47.05 -3.28 46.18
N GLU I 174 45.88 -3.19 46.82
CA GLU I 174 45.55 -4.13 47.91
C GLU I 174 45.57 -5.61 47.49
N ARG I 175 45.28 -5.87 46.23
CA ARG I 175 45.11 -7.22 45.77
C ARG I 175 46.36 -7.81 45.14
N GLY I 176 47.48 -7.11 45.28
CA GLY I 176 48.75 -7.65 44.89
C GLY I 176 49.29 -7.14 43.58
N PHE I 177 48.43 -6.59 42.73
CA PHE I 177 48.79 -6.29 41.36
C PHE I 177 49.87 -5.24 41.31
N ARG I 178 50.69 -5.33 40.28
CA ARG I 178 51.51 -4.20 39.96
C ARG I 178 50.64 -3.26 39.13
N VAL I 179 50.24 -2.16 39.77
CA VAL I 179 49.41 -1.16 39.12
C VAL I 179 50.25 -0.03 38.55
N ILE I 180 50.10 0.16 37.25
CA ILE I 180 50.68 1.25 36.54
C ILE I 180 49.56 2.15 36.12
N THR I 181 49.74 3.46 36.24
CA THR I 181 48.72 4.43 35.93
C THR I 181 49.22 5.40 34.90
N LEU I 182 48.41 5.60 33.86
CA LEU I 182 48.75 6.44 32.73
C LEU I 182 48.36 7.91 32.98
N THR I 183 49.31 8.74 33.44
CA THR I 183 49.00 10.12 33.88
C THR I 183 48.47 11.07 32.78
N ASP I 184 48.70 10.70 31.53
CA ASP I 184 48.14 11.45 30.40
C ASP I 184 47.04 10.64 29.61
N CYS I 185 46.52 9.56 30.21
CA CYS I 185 45.38 8.83 29.68
C CYS I 185 44.26 8.76 30.71
N VAL I 186 44.08 9.86 31.43
CA VAL I 186 43.02 10.02 32.38
C VAL I 186 42.48 11.45 32.37
N ALA I 187 41.17 11.60 32.59
CA ALA I 187 40.54 12.88 32.60
C ALA I 187 39.71 13.02 33.85
N ALA I 188 39.42 14.25 34.28
CA ALA I 188 38.59 14.49 35.47
C ALA I 188 37.67 15.66 35.22
N THR I 189 36.79 15.95 36.19
CA THR I 189 35.83 17.04 36.08
C THR I 189 36.53 18.40 36.28
N SER I 190 37.71 18.40 36.89
CA SER I 190 38.52 19.62 37.00
C SER I 190 40.00 19.34 36.84
N GLN I 191 40.76 20.39 36.56
CA GLN I 191 42.21 20.30 36.44
C GLN I 191 42.89 20.20 37.83
N GLU I 192 42.37 20.98 38.79
CA GLU I 192 42.83 20.92 40.18
C GLU I 192 42.67 19.49 40.75
N GLU I 193 41.44 18.96 40.83
CA GLU I 193 41.17 17.53 41.22
C GLU I 193 42.07 16.48 40.55
N HIS I 194 42.12 16.52 39.22
CA HIS I 194 43.07 15.74 38.37
C HIS I 194 44.53 15.89 38.82
N ASN I 195 45.01 17.12 38.89
CA ASN I 195 46.42 17.38 39.21
C ASN I 195 46.79 16.89 40.59
N ASN I 196 45.95 17.18 41.57
CA ASN I 196 46.25 16.88 42.97
C ASN I 196 46.20 15.41 43.29
N ALA I 197 45.41 14.67 42.51
CA ALA I 197 45.32 13.20 42.61
C ALA I 197 46.55 12.54 41.98
N ILE I 198 46.87 12.91 40.74
CA ILE I 198 48.06 12.39 40.07
C ILE I 198 49.32 12.69 40.88
N SER I 199 49.41 13.90 41.44
CA SER I 199 50.64 14.28 42.18
C SER I 199 50.80 13.50 43.49
N TYR I 200 49.79 13.59 44.36
CA TYR I 200 49.90 13.17 45.75
C TYR I 200 49.34 11.77 46.02
N ASP I 201 48.39 11.32 45.20
CA ASP I 201 47.75 10.02 45.44
C ASP I 201 48.29 8.83 44.61
N PHE I 202 48.52 9.04 43.32
CA PHE I 202 48.90 7.94 42.44
C PHE I 202 50.20 7.24 42.87
N PRO I 203 51.18 8.01 43.40
CA PRO I 203 52.41 7.34 43.82
C PRO I 203 52.25 6.43 45.02
N MET I 204 51.24 6.67 45.84
CA MET I 204 51.03 5.81 47.00
C MET I 204 50.54 4.40 46.57
N PHE I 205 49.95 4.28 45.39
CA PHE I 205 49.29 3.02 44.98
C PHE I 205 49.68 2.53 43.60
N SER I 206 50.55 3.20 42.89
CA SER I 206 50.84 2.77 41.53
C SER I 206 52.25 3.18 41.13
N VAL I 207 52.64 2.78 39.94
CA VAL I 207 53.78 3.33 39.27
C VAL I 207 53.25 4.26 38.18
N PRO I 208 53.19 5.56 38.45
CA PRO I 208 52.70 6.48 37.42
C PRO I 208 53.65 6.60 36.23
N MET I 209 53.13 6.35 35.03
CA MET I 209 53.89 6.52 33.80
C MET I 209 53.09 7.38 32.80
N THR I 210 53.78 7.86 31.77
CA THR I 210 53.14 8.52 30.65
C THR I 210 52.97 7.50 29.52
N SER I 211 52.11 7.83 28.56
CA SER I 211 51.80 6.92 27.45
C SER I 211 53.04 6.55 26.65
N ALA I 212 53.98 7.48 26.49
CA ALA I 212 55.24 7.19 25.78
C ALA I 212 56.10 6.18 26.54
N ASP I 213 56.13 6.29 27.87
CA ASP I 213 56.92 5.37 28.70
C ASP I 213 56.40 3.93 28.57
N VAL I 214 55.09 3.77 28.64
CA VAL I 214 54.50 2.44 28.54
C VAL I 214 54.63 1.91 27.12
N ILE I 215 54.36 2.75 26.13
CA ILE I 215 54.51 2.37 24.72
C ILE I 215 55.91 1.85 24.43
N ALA I 216 56.93 2.54 24.92
CA ALA I 216 58.31 2.09 24.71
C ALA I 216 58.53 0.72 25.35
N ALA I 217 57.99 0.54 26.55
CA ALA I 217 58.11 -0.73 27.25
C ALA I 217 57.41 -1.88 26.50
N LEU I 218 56.47 -1.55 25.62
CA LEU I 218 55.94 -2.52 24.63
C LEU I 218 56.65 -2.35 23.26
N LEU J 19 20.19 14.76 59.85
CA LEU J 19 21.24 13.73 60.16
C LEU J 19 20.80 12.77 61.28
N GLU J 20 20.27 11.58 60.96
CA GLU J 20 19.70 10.70 62.02
C GLU J 20 20.47 9.39 62.16
N LEU J 21 20.98 9.12 63.36
CA LEU J 21 21.72 7.89 63.62
C LEU J 21 20.87 6.98 64.47
N ASP J 22 20.90 5.70 64.11
CA ASP J 22 20.23 4.65 64.83
C ASP J 22 21.33 3.86 65.55
N PRO J 23 21.26 3.80 66.89
CA PRO J 23 22.29 3.12 67.69
C PRO J 23 22.46 1.63 67.36
N ALA J 24 21.38 0.93 67.07
CA ALA J 24 21.46 -0.50 66.83
C ALA J 24 22.02 -0.83 65.45
N ARG J 25 22.31 0.19 64.62
CA ARG J 25 22.82 -0.04 63.27
C ARG J 25 23.94 0.94 62.83
N THR J 26 24.63 1.53 63.82
CA THR J 26 25.74 2.43 63.59
C THR J 26 27.02 1.88 64.25
N ALA J 27 28.18 2.30 63.75
CA ALA J 27 29.47 1.97 64.39
C ALA J 27 30.47 3.10 64.17
N ILE J 28 31.32 3.32 65.18
CA ILE J 28 32.44 4.24 65.01
C ILE J 28 33.65 3.34 64.65
N VAL J 29 34.24 3.57 63.50
CA VAL J 29 35.41 2.84 63.05
C VAL J 29 36.60 3.81 63.12
N LEU J 30 37.48 3.56 64.09
CA LEU J 30 38.64 4.41 64.32
C LEU J 30 39.86 3.80 63.62
N ILE J 31 40.36 4.48 62.60
CA ILE J 31 41.41 3.88 61.79
C ILE J 31 42.77 4.31 62.29
N GLU J 32 43.54 3.35 62.78
CA GLU J 32 44.97 3.50 63.10
C GLU J 32 45.34 4.62 64.08
N TYR J 33 44.62 4.70 65.20
CA TYR J 33 44.97 5.65 66.27
C TYR J 33 46.03 5.01 67.11
N GLN J 34 47.22 4.89 66.50
CA GLN J 34 48.32 4.15 67.06
C GLN J 34 49.43 5.12 67.37
N ASN J 35 50.20 4.81 68.42
CA ASN J 35 51.28 5.68 68.93
C ASN J 35 52.23 6.14 67.82
N GLU J 36 52.49 5.27 66.84
CA GLU J 36 53.33 5.58 65.66
C GLU J 36 52.92 6.83 64.90
N PHE J 37 51.62 7.15 65.00
CA PHE J 37 50.99 8.39 64.50
C PHE J 37 50.68 9.35 65.64
N THR J 38 50.17 8.79 66.74
CA THR J 38 49.51 9.57 67.77
C THR J 38 50.37 10.33 68.79
N SER J 39 51.54 9.77 69.13
CA SER J 39 52.33 10.27 70.27
C SER J 39 53.77 10.63 69.89
N ASP J 40 54.34 11.59 70.61
CA ASP J 40 55.75 11.98 70.42
C ASP J 40 56.69 10.77 70.59
N GLY J 41 57.49 10.50 69.55
CA GLY J 41 58.30 9.30 69.47
C GLY J 41 57.99 8.42 68.27
N GLY J 42 56.72 8.42 67.82
CA GLY J 42 56.33 7.59 66.69
C GLY J 42 57.07 7.90 65.39
N VAL J 43 57.37 6.86 64.63
CA VAL J 43 58.09 7.00 63.37
C VAL J 43 57.42 8.02 62.44
N LEU J 44 56.09 8.07 62.48
CA LEU J 44 55.33 8.94 61.62
C LEU J 44 54.58 10.04 62.37
N HIS J 45 54.92 10.31 63.63
CA HIS J 45 54.20 11.37 64.36
C HIS J 45 54.64 12.74 63.85
N GLY J 46 55.94 12.87 63.59
CA GLY J 46 56.50 14.08 62.96
C GLY J 46 55.81 14.41 61.66
N ALA J 47 55.45 13.39 60.89
CA ALA J 47 54.83 13.57 59.59
C ALA J 47 53.41 14.12 59.70
N VAL J 48 52.61 13.57 60.61
CA VAL J 48 51.21 13.97 60.72
C VAL J 48 51.08 15.25 61.56
N ALA J 49 52.10 15.51 62.37
CA ALA J 49 52.15 16.58 63.40
C ALA J 49 51.44 17.92 63.13
N ASP J 50 51.67 18.53 61.97
CA ASP J 50 51.12 19.89 61.72
C ASP J 50 49.60 19.88 61.48
N VAL J 51 49.06 18.74 61.04
CA VAL J 51 47.63 18.56 60.79
C VAL J 51 46.86 17.98 61.99
N MET J 52 47.55 17.22 62.84
CA MET J 52 46.97 16.79 64.12
C MET J 52 46.71 18.03 65.00
N GLN J 53 47.57 19.04 64.87
CA GLN J 53 47.51 20.22 65.77
C GLN J 53 46.39 21.17 65.30
N HIS J 54 46.32 21.42 64.00
CA HIS J 54 45.35 22.39 63.46
C HIS J 54 43.91 21.88 63.57
N THR J 55 43.70 20.56 63.53
CA THR J 55 42.32 20.01 63.59
C THR J 55 41.85 19.73 64.99
N GLY J 56 42.76 19.39 65.88
CA GLY J 56 42.39 18.91 67.20
C GLY J 56 41.81 17.51 67.17
N MET J 57 42.10 16.75 66.10
CA MET J 57 41.44 15.46 65.85
C MET J 57 41.42 14.48 67.03
N LEU J 58 42.47 14.43 67.81
CA LEU J 58 42.52 13.54 68.96
C LEU J 58 41.42 13.85 69.99
N ALA J 59 41.38 15.08 70.51
CA ALA J 59 40.29 15.53 71.44
C ALA J 59 38.87 15.37 70.86
N ASN J 60 38.71 15.74 69.59
CA ASN J 60 37.44 15.53 68.89
C ASN J 60 37.03 14.05 68.85
N THR J 61 38.02 13.17 68.69
CA THR J 61 37.72 11.75 68.60
C THR J 61 37.32 11.23 69.99
N VAL J 62 38.03 11.65 71.02
CA VAL J 62 37.70 11.28 72.40
C VAL J 62 36.28 11.74 72.75
N ALA J 63 35.89 12.91 72.25
CA ALA J 63 34.54 13.41 72.47
C ALA J 63 33.50 12.60 71.69
N VAL J 64 33.72 12.39 70.39
CA VAL J 64 32.84 11.53 69.58
C VAL J 64 32.70 10.16 70.25
N VAL J 65 33.83 9.57 70.59
CA VAL J 65 33.85 8.26 71.23
C VAL J 65 33.06 8.24 72.55
N ASP J 66 33.25 9.24 73.41
CA ASP J 66 32.54 9.29 74.69
C ASP J 66 31.05 9.36 74.44
N ALA J 67 30.65 10.13 73.44
CA ALA J 67 29.23 10.21 73.09
C ALA J 67 28.69 8.86 72.53
N ALA J 68 29.50 8.19 71.72
CA ALA J 68 29.06 6.93 71.16
C ALA J 68 28.74 5.90 72.24
N ARG J 69 29.59 5.79 73.25
CA ARG J 69 29.37 4.85 74.35
C ARG J 69 28.10 5.16 75.11
N GLN J 70 27.92 6.42 75.52
CA GLN J 70 26.68 6.81 76.20
C GLN J 70 25.47 6.37 75.39
N ALA J 71 25.53 6.56 74.06
CA ALA J 71 24.46 6.14 73.15
C ALA J 71 24.44 4.62 72.84
N GLY J 72 25.48 3.89 73.27
CA GLY J 72 25.60 2.43 73.05
C GLY J 72 25.94 2.02 71.62
N VAL J 73 26.49 2.94 70.83
CA VAL J 73 27.00 2.62 69.51
C VAL J 73 28.38 1.98 69.67
N PRO J 74 28.56 0.79 69.07
CA PRO J 74 29.88 0.15 69.28
C PRO J 74 31.05 0.93 68.64
N ILE J 75 32.18 0.91 69.33
CA ILE J 75 33.42 1.55 68.88
C ILE J 75 34.27 0.43 68.33
N MET J 76 34.72 0.62 67.10
CA MET J 76 35.57 -0.38 66.45
C MET J 76 36.91 0.25 66.11
N HIS J 77 37.97 -0.26 66.71
CA HIS J 77 39.34 0.20 66.39
C HIS J 77 39.92 -0.66 65.32
N ALA J 78 40.53 -0.05 64.31
CA ALA J 78 41.21 -0.80 63.26
C ALA J 78 42.68 -0.41 63.21
N PRO J 79 43.53 -1.12 63.96
CA PRO J 79 44.95 -0.83 63.92
C PRO J 79 45.70 -1.58 62.81
N ILE J 80 46.82 -1.03 62.35
CA ILE J 80 47.65 -1.70 61.36
C ILE J 80 48.91 -2.20 62.02
N THR J 81 49.27 -3.44 61.75
CA THR J 81 50.38 -4.08 62.41
C THR J 81 51.05 -5.12 61.49
N PHE J 82 52.35 -5.40 61.68
CA PHE J 82 53.06 -6.42 60.91
C PHE J 82 53.92 -7.34 61.78
N ALA J 83 53.94 -8.63 61.51
CA ALA J 83 54.89 -9.51 62.18
C ALA J 83 56.31 -8.99 61.95
N GLU J 84 57.13 -9.11 62.99
CA GLU J 84 58.47 -8.58 63.00
C GLU J 84 59.18 -9.10 61.75
N GLY J 85 59.75 -8.21 60.95
CA GLY J 85 60.54 -8.65 59.80
C GLY J 85 59.83 -8.58 58.46
N TYR J 86 58.55 -8.24 58.48
CA TYR J 86 57.77 -7.96 57.27
C TYR J 86 57.74 -9.11 56.27
N GLY J 87 57.78 -10.35 56.79
CA GLY J 87 57.70 -11.56 55.96
C GLY J 87 56.31 -11.95 55.51
N GLU J 88 55.30 -11.20 55.96
CA GLU J 88 53.90 -11.33 55.47
C GLU J 88 53.69 -10.47 54.24
N LEU J 89 54.67 -9.62 53.89
CA LEU J 89 54.59 -8.80 52.66
C LEU J 89 55.59 -9.28 51.65
N THR J 90 55.42 -8.79 50.43
CA THR J 90 56.43 -9.00 49.39
C THR J 90 57.80 -8.49 49.87
N ARG J 91 58.85 -9.15 49.38
CA ARG J 91 60.22 -8.72 49.65
C ARG J 91 60.57 -7.38 48.98
N HIS J 92 59.80 -6.99 47.94
CA HIS J 92 60.09 -5.81 47.11
C HIS J 92 58.89 -4.84 46.99
N PRO J 93 58.37 -4.36 48.13
CA PRO J 93 57.23 -3.47 48.06
C PRO J 93 57.48 -2.18 47.28
N TYR J 94 56.43 -1.70 46.61
CA TYR J 94 56.42 -0.38 46.01
C TYR J 94 55.29 0.41 46.66
N GLY J 95 55.13 1.66 46.26
CA GLY J 95 54.13 2.54 46.87
C GLY J 95 54.20 2.75 48.37
N ILE J 96 53.12 3.26 48.96
CA ILE J 96 53.12 3.68 50.36
C ILE J 96 53.65 2.65 51.35
N LEU J 97 53.45 1.36 51.09
CA LEU J 97 53.86 0.32 52.02
C LEU J 97 55.37 0.15 52.09
N LYS J 98 56.09 0.54 51.03
CA LYS J 98 57.55 0.59 51.06
C LYS J 98 57.98 1.44 52.25
N GLY J 99 57.38 2.61 52.41
CA GLY J 99 57.79 3.54 53.48
C GLY J 99 57.51 3.01 54.88
N VAL J 100 56.64 2.01 54.94
CA VAL J 100 56.29 1.34 56.18
C VAL J 100 57.35 0.30 56.52
N VAL J 101 57.78 -0.44 55.52
CA VAL J 101 58.82 -1.42 55.70
C VAL J 101 60.16 -0.72 56.02
N ASP J 102 60.53 0.25 55.19
CA ASP J 102 61.81 0.96 55.29
C ASP J 102 62.02 1.72 56.59
N GLY J 103 60.96 2.40 57.07
CA GLY J 103 60.99 3.10 58.36
C GLY J 103 60.54 2.22 59.53
N LYS J 104 60.53 0.90 59.31
CA LYS J 104 60.21 -0.09 60.35
C LYS J 104 59.09 0.31 61.34
N ALA J 105 57.91 0.65 60.80
CA ALA J 105 56.79 1.12 61.61
C ALA J 105 55.75 0.04 61.83
N PHE J 106 54.95 0.17 62.88
CA PHE J 106 53.79 -0.69 63.07
C PHE J 106 54.19 -2.16 63.22
N VAL J 107 55.35 -2.44 63.84
CA VAL J 107 55.69 -3.82 64.10
C VAL J 107 54.82 -4.34 65.27
N LYS J 108 54.20 -5.51 65.03
CA LYS J 108 53.32 -6.18 66.00
C LYS J 108 53.93 -6.25 67.40
N GLY J 109 53.12 -5.95 68.43
CA GLY J 109 53.54 -6.11 69.84
C GLY J 109 54.28 -4.92 70.40
N THR J 110 54.81 -4.08 69.52
CA THR J 110 55.56 -2.91 69.94
C THR J 110 54.62 -1.80 70.39
N TRP J 111 55.22 -0.79 71.02
CA TRP J 111 54.52 0.38 71.54
C TRP J 111 53.96 1.24 70.44
N GLY J 112 54.75 1.40 69.39
CA GLY J 112 54.35 2.12 68.21
C GLY J 112 53.02 1.60 67.66
N ALA J 113 52.82 0.28 67.74
CA ALA J 113 51.62 -0.39 67.22
C ALA J 113 50.50 -0.44 68.22
N ALA J 114 50.74 0.06 69.42
CA ALA J 114 49.72 0.08 70.45
C ALA J 114 48.78 1.25 70.21
N ILE J 115 47.50 1.03 70.48
CA ILE J 115 46.52 2.11 70.43
C ILE J 115 46.78 3.11 71.53
N VAL J 116 46.66 4.39 71.17
CA VAL J 116 46.96 5.49 72.10
C VAL J 116 46.07 5.41 73.33
N ASP J 117 46.63 5.76 74.48
CA ASP J 117 45.99 5.42 75.75
C ASP J 117 44.69 6.16 75.94
N GLU J 118 44.63 7.39 75.45
CA GLU J 118 43.39 8.16 75.47
C GLU J 118 42.23 7.37 74.82
N LEU J 119 42.54 6.54 73.84
CA LEU J 119 41.52 5.79 73.07
C LEU J 119 41.63 4.28 73.28
N ALA J 120 42.14 3.86 74.45
CA ALA J 120 42.43 2.45 74.68
C ALA J 120 41.14 1.66 74.64
N PRO J 121 41.15 0.46 74.04
CA PRO J 121 39.91 -0.29 73.99
C PRO J 121 39.41 -0.74 75.35
N VAL J 122 38.22 -0.25 75.72
CA VAL J 122 37.53 -0.62 76.97
C VAL J 122 36.50 -1.68 76.65
N ASN J 123 36.09 -2.44 77.66
CA ASN J 123 35.15 -3.56 77.49
C ASN J 123 33.93 -3.16 76.68
N GLY J 124 33.58 -4.00 75.73
CA GLY J 124 32.60 -3.62 74.71
C GLY J 124 33.26 -3.36 73.36
N ASP J 125 34.36 -2.59 73.36
CA ASP J 125 35.03 -2.19 72.12
C ASP J 125 35.50 -3.39 71.33
N ILE J 126 35.47 -3.22 70.00
CA ILE J 126 35.93 -4.25 69.07
C ILE J 126 37.23 -3.83 68.43
N VAL J 127 38.19 -4.72 68.41
CA VAL J 127 39.47 -4.46 67.75
C VAL J 127 39.50 -5.30 66.47
N ILE J 128 39.23 -4.67 65.35
CA ILE J 128 39.27 -5.32 64.05
C ILE J 128 40.64 -5.92 63.77
N GLU J 129 40.67 -7.14 63.23
CA GLU J 129 41.90 -7.87 63.08
C GLU J 129 42.31 -8.03 61.63
N GLY J 130 43.62 -7.93 61.37
CA GLY J 130 44.18 -8.40 60.09
C GLY J 130 44.81 -7.34 59.24
N LYS J 131 44.59 -6.07 59.55
CA LYS J 131 44.94 -5.01 58.62
C LYS J 131 46.41 -5.08 58.31
N ARG J 132 46.71 -5.28 57.03
CA ARG J 132 48.06 -5.17 56.51
C ARG J 132 48.19 -4.17 55.36
N GLY J 133 47.07 -3.65 54.86
CA GLY J 133 47.10 -2.65 53.80
C GLY J 133 46.33 -1.42 54.20
N LEU J 134 45.98 -0.62 53.21
CA LEU J 134 45.46 0.71 53.47
C LEU J 134 43.96 0.69 53.73
N ASP J 135 43.27 -0.17 52.98
CA ASP J 135 41.81 -0.37 53.01
C ASP J 135 41.40 -1.34 54.10
N THR J 136 40.76 -0.82 55.14
CA THR J 136 40.34 -1.69 56.22
C THR J 136 39.48 -2.84 55.74
N PHE J 137 38.75 -2.66 54.65
CA PHE J 137 37.95 -3.76 54.11
C PHE J 137 38.79 -4.80 53.38
N ALA J 138 40.01 -4.46 52.97
CA ALA J 138 40.72 -5.35 52.05
C ALA J 138 41.44 -6.51 52.72
N SER J 139 41.73 -6.40 54.02
CA SER J 139 42.46 -7.46 54.71
C SER J 139 42.06 -7.66 56.15
N THR J 140 40.80 -7.45 56.50
CA THR J 140 40.37 -7.51 57.88
C THR J 140 39.02 -8.17 58.00
N ASN J 141 38.58 -8.32 59.22
CA ASN J 141 37.29 -8.91 59.50
C ASN J 141 36.17 -7.85 59.66
N LEU J 142 36.47 -6.62 59.27
CA LEU J 142 35.51 -5.53 59.40
C LEU J 142 34.18 -5.77 58.69
N ASP J 143 34.23 -6.28 57.47
CA ASP J 143 32.98 -6.44 56.74
C ASP J 143 32.17 -7.56 57.39
N PHE J 144 32.80 -8.70 57.64
CA PHE J 144 32.10 -9.78 58.31
C PHE J 144 31.41 -9.24 59.54
N ILE J 145 32.12 -8.52 60.38
CA ILE J 145 31.58 -8.06 61.67
C ILE J 145 30.50 -7.02 61.50
N LEU J 146 30.75 -6.00 60.71
CA LEU J 146 29.68 -5.03 60.39
C LEU J 146 28.38 -5.70 59.95
N ARG J 147 28.46 -6.64 59.01
CA ARG J 147 27.27 -7.28 58.49
C ARG J 147 26.65 -8.17 59.51
N SER J 148 27.43 -8.98 60.22
CA SER J 148 26.84 -9.85 61.23
C SER J 148 26.09 -9.00 62.24
N LYS J 149 26.62 -7.81 62.54
CA LYS J 149 25.99 -7.05 63.59
C LYS J 149 24.74 -6.32 63.07
N GLY J 150 24.59 -6.26 61.76
CA GLY J 150 23.48 -5.54 61.18
C GLY J 150 23.73 -4.04 61.18
N VAL J 151 25.00 -3.60 61.14
CA VAL J 151 25.34 -2.18 61.11
C VAL J 151 25.31 -1.72 59.68
N ASP J 152 24.72 -0.54 59.40
CA ASP J 152 24.64 0.00 58.04
C ASP J 152 25.19 1.40 57.87
N THR J 153 25.54 2.05 58.99
CA THR J 153 26.20 3.35 58.98
C THR J 153 27.52 3.26 59.73
N ILE J 154 28.58 3.74 59.10
CA ILE J 154 29.89 3.78 59.76
C ILE J 154 30.40 5.19 59.84
N VAL J 155 30.89 5.53 61.04
CA VAL J 155 31.50 6.83 61.26
C VAL J 155 33.02 6.66 61.29
N LEU J 156 33.70 7.19 60.27
CA LEU J 156 35.14 6.99 60.11
C LEU J 156 35.95 8.18 60.54
N GLY J 157 36.96 7.90 61.34
CA GLY J 157 38.02 8.85 61.63
C GLY J 157 39.36 8.15 61.63
N GLY J 158 40.43 8.94 61.72
CA GLY J 158 41.75 8.40 61.92
C GLY J 158 42.77 8.87 60.93
N PHE J 159 43.70 7.96 60.61
CA PHE J 159 44.81 8.24 59.71
C PHE J 159 44.84 7.17 58.63
N LEU J 160 45.27 7.54 57.42
CA LEU J 160 45.54 8.92 57.07
C LEU J 160 44.39 9.39 56.20
N THR J 161 44.09 10.68 56.26
CA THR J 161 43.01 11.29 55.48
C THR J 161 42.94 10.83 54.00
N ASN J 162 44.03 10.95 53.25
CA ASN J 162 44.00 10.64 51.82
C ASN J 162 44.48 9.24 51.50
N CYS J 163 44.59 8.43 52.53
CA CYS J 163 45.16 7.14 52.34
C CYS J 163 44.23 6.10 52.87
N CYS J 164 44.35 5.75 54.15
CA CYS J 164 43.60 4.65 54.73
C CYS J 164 42.16 5.08 55.00
N VAL J 165 41.97 6.35 55.30
CA VAL J 165 40.62 6.84 55.53
C VAL J 165 39.86 6.93 54.20
N GLU J 166 40.47 7.50 53.17
CA GLU J 166 39.87 7.59 51.85
C GLU J 166 39.59 6.21 51.31
N SER J 167 40.52 5.27 51.44
CA SER J 167 40.28 3.90 50.88
C SER J 167 39.17 3.17 51.60
N THR J 168 39.16 3.29 52.93
CA THR J 168 38.11 2.62 53.72
C THR J 168 36.73 3.23 53.38
N MET J 169 36.71 4.54 53.16
CA MET J 169 35.54 5.30 52.76
C MET J 169 35.01 4.84 51.43
N ARG J 170 35.89 4.82 50.43
CA ARG J 170 35.57 4.33 49.09
C ARG J 170 35.04 2.89 49.10
N THR J 171 35.73 1.93 49.69
CA THR J 171 35.18 0.55 49.70
C THR J 171 33.85 0.49 50.45
N GLY J 172 33.75 1.14 51.61
CA GLY J 172 32.46 1.34 52.30
C GLY J 172 31.26 1.84 51.46
N TYR J 173 31.47 2.87 50.65
CA TYR J 173 30.44 3.29 49.72
C TYR J 173 30.05 2.12 48.81
N GLU J 174 31.05 1.45 48.25
CA GLU J 174 30.80 0.40 47.27
C GLU J 174 30.00 -0.78 47.84
N ARG J 175 30.21 -1.07 49.10
CA ARG J 175 29.53 -2.16 49.75
C ARG J 175 28.20 -1.77 50.42
N GLY J 176 27.72 -0.55 50.19
CA GLY J 176 26.35 -0.17 50.54
C GLY J 176 26.17 0.45 51.93
N PHE J 177 27.27 0.80 52.61
CA PHE J 177 27.15 1.46 53.88
C PHE J 177 26.87 2.95 53.68
N ARG J 178 26.16 3.50 54.65
CA ARG J 178 26.06 4.90 54.75
C ARG J 178 27.31 5.26 55.52
N VAL J 179 28.25 5.91 54.83
CA VAL J 179 29.52 6.32 55.38
C VAL J 179 29.50 7.80 55.75
N ILE J 180 29.75 8.07 57.02
CA ILE J 180 29.89 9.41 57.53
C ILE J 180 31.36 9.58 57.87
N THR J 181 32.03 10.59 57.27
CA THR J 181 33.45 10.83 57.55
C THR J 181 33.63 12.03 58.46
N LEU J 182 34.35 11.87 59.57
CA LEU J 182 34.50 12.97 60.53
C LEU J 182 35.62 13.92 60.09
N THR J 183 35.24 15.09 59.55
CA THR J 183 36.20 15.92 58.83
C THR J 183 37.20 16.58 59.76
N ASP J 184 36.86 16.69 61.03
CA ASP J 184 37.80 17.22 62.00
C ASP J 184 38.31 16.13 62.94
N CYS J 185 38.16 14.87 62.55
CA CYS J 185 38.73 13.76 63.28
C CYS J 185 39.66 12.93 62.40
N VAL J 186 40.31 13.56 61.43
CA VAL J 186 41.31 12.87 60.63
C VAL J 186 42.53 13.71 60.41
N ALA J 187 43.59 13.04 59.97
CA ALA J 187 44.87 13.71 59.75
C ALA J 187 45.74 13.06 58.66
N ALA J 188 46.65 13.84 58.10
CA ALA J 188 47.56 13.36 57.05
C ALA J 188 48.97 13.99 57.15
N THR J 189 49.82 13.58 56.24
CA THR J 189 51.17 14.08 56.11
C THR J 189 51.17 15.59 55.86
N SER J 190 50.34 16.05 54.91
CA SER J 190 50.31 17.48 54.60
C SER J 190 48.94 18.12 54.86
N GLN J 191 48.94 19.44 54.93
CA GLN J 191 47.72 20.21 55.12
C GLN J 191 47.01 20.31 53.78
N GLU J 192 47.81 20.21 52.71
CA GLU J 192 47.36 20.36 51.33
C GLU J 192 46.77 19.05 50.77
N GLU J 193 47.21 17.92 51.30
CA GLU J 193 46.65 16.62 50.90
C GLU J 193 45.31 16.38 51.62
N HIS J 194 45.22 16.91 52.84
CA HIS J 194 44.10 16.72 53.75
C HIS J 194 42.95 17.64 53.39
N ASN J 195 43.25 18.90 53.09
CA ASN J 195 42.21 19.81 52.60
C ASN J 195 41.68 19.32 51.25
N ASN J 196 42.57 19.19 50.27
CA ASN J 196 42.22 18.83 48.89
C ASN J 196 41.59 17.45 48.72
N ALA J 197 41.63 16.63 49.76
CA ALA J 197 40.90 15.37 49.75
C ALA J 197 39.56 15.58 50.42
N ILE J 198 39.55 16.35 51.52
CA ILE J 198 38.28 16.61 52.23
C ILE J 198 37.29 17.40 51.39
N SER J 199 37.80 18.17 50.43
CA SER J 199 36.95 19.04 49.63
C SER J 199 36.53 18.40 48.31
N TYR J 200 37.44 17.71 47.63
CA TYR J 200 37.14 17.07 46.35
C TYR J 200 36.61 15.64 46.50
N ASP J 201 37.19 14.82 47.38
CA ASP J 201 36.89 13.38 47.41
C ASP J 201 35.80 12.93 48.40
N PHE J 202 35.87 13.37 49.64
CA PHE J 202 34.96 12.85 50.69
C PHE J 202 33.46 12.95 50.33
N PRO J 203 33.02 14.05 49.69
CA PRO J 203 31.61 14.12 49.32
C PRO J 203 31.13 13.15 48.21
N MET J 204 32.05 12.59 47.41
CA MET J 204 31.69 11.63 46.39
C MET J 204 31.30 10.35 47.06
N PHE J 205 31.92 10.07 48.21
CA PHE J 205 31.86 8.76 48.83
C PHE J 205 31.31 8.73 50.23
N SER J 206 30.89 9.86 50.78
CA SER J 206 30.47 9.85 52.18
C SER J 206 29.59 11.03 52.46
N VAL J 207 29.05 11.10 53.66
CA VAL J 207 28.43 12.31 54.15
C VAL J 207 29.43 12.89 55.11
N PRO J 208 30.10 14.00 54.74
CA PRO J 208 31.07 14.54 55.67
C PRO J 208 30.43 15.42 56.70
N MET J 209 30.76 15.19 57.96
CA MET J 209 30.22 15.96 59.06
C MET J 209 31.35 16.30 60.02
N THR J 210 31.02 17.15 60.99
CA THR J 210 31.89 17.49 62.07
C THR J 210 31.55 16.59 63.26
N SER J 211 32.48 16.50 64.18
CA SER J 211 32.25 15.82 65.45
C SER J 211 31.13 16.50 66.26
N ALA J 212 31.03 17.84 66.18
CA ALA J 212 29.89 18.53 66.77
C ALA J 212 28.59 17.91 66.21
N ASP J 213 28.41 17.98 64.88
CA ASP J 213 27.23 17.43 64.22
C ASP J 213 27.00 15.97 64.66
N VAL J 214 28.02 15.13 64.58
CA VAL J 214 27.84 13.71 64.92
C VAL J 214 27.48 13.53 66.40
N ILE J 215 28.16 14.26 67.29
CA ILE J 215 27.78 14.27 68.70
C ILE J 215 26.30 14.64 68.86
N ALA J 216 25.90 15.76 68.26
CA ALA J 216 24.49 16.12 68.24
C ALA J 216 23.62 14.92 67.78
N ALA J 217 23.93 14.34 66.62
CA ALA J 217 23.17 13.22 66.06
C ALA J 217 23.21 12.04 67.03
N LEU J 218 24.35 11.87 67.69
CA LEU J 218 24.47 10.91 68.76
C LEU J 218 23.66 11.39 69.96
N GLU K 20 8.93 -15.85 58.07
CA GLU K 20 8.66 -14.36 57.85
C GLU K 20 9.59 -13.53 56.91
N LEU K 21 9.06 -13.18 55.74
CA LEU K 21 9.74 -12.35 54.72
C LEU K 21 9.22 -10.94 54.63
N ASP K 22 10.12 -9.96 54.52
CA ASP K 22 9.79 -8.57 54.17
C ASP K 22 10.22 -8.23 52.72
N PRO K 23 9.25 -7.88 51.85
CA PRO K 23 9.52 -7.74 50.43
C PRO K 23 10.40 -6.54 50.05
N ALA K 24 10.54 -5.56 50.95
CA ALA K 24 11.49 -4.46 50.73
C ALA K 24 12.97 -4.91 51.00
N ARG K 25 13.14 -6.09 51.61
CA ARG K 25 14.47 -6.55 52.08
C ARG K 25 14.81 -7.99 51.61
N THR K 26 14.14 -8.44 50.56
CA THR K 26 14.18 -9.81 50.07
C THR K 26 14.46 -9.78 48.57
N ALA K 27 15.17 -10.79 48.04
CA ALA K 27 15.34 -11.01 46.60
C ALA K 27 15.37 -12.51 46.30
N ILE K 28 14.86 -12.91 45.16
CA ILE K 28 14.98 -14.24 44.68
C ILE K 28 16.17 -14.26 43.76
N VAL K 29 17.09 -15.20 43.95
CA VAL K 29 18.28 -15.23 43.14
C VAL K 29 18.30 -16.54 42.44
N LEU K 30 18.22 -16.45 41.12
CA LEU K 30 18.00 -17.60 40.28
C LEU K 30 19.30 -17.83 39.53
N ILE K 31 19.93 -18.96 39.81
CA ILE K 31 21.25 -19.26 39.38
C ILE K 31 21.20 -20.18 38.20
N GLU K 32 21.65 -19.67 37.05
CA GLU K 32 21.84 -20.46 35.86
C GLU K 32 20.67 -21.27 35.36
N TYR K 33 19.50 -20.68 35.35
CA TYR K 33 18.35 -21.31 34.69
C TYR K 33 18.44 -21.12 33.17
N GLN K 34 19.47 -21.66 32.55
CA GLN K 34 19.78 -21.43 31.19
C GLN K 34 19.52 -22.69 30.41
N ASN K 35 19.30 -22.55 29.10
CA ASN K 35 18.95 -23.72 28.32
C ASN K 35 20.01 -24.84 28.42
N GLU K 36 21.28 -24.46 28.59
CA GLU K 36 22.34 -25.48 28.72
C GLU K 36 22.02 -26.55 29.74
N PHE K 37 21.38 -26.14 30.84
CA PHE K 37 20.88 -27.07 31.87
C PHE K 37 19.45 -27.49 31.64
N THR K 38 18.59 -26.50 31.43
CA THR K 38 17.16 -26.75 31.55
C THR K 38 16.55 -27.49 30.41
N SER K 39 17.11 -27.44 29.21
CA SER K 39 16.34 -27.89 28.06
C SER K 39 17.02 -28.97 27.21
N ASP K 40 16.20 -29.84 26.62
CA ASP K 40 16.64 -30.83 25.64
C ASP K 40 17.50 -30.16 24.56
N GLY K 41 18.63 -30.78 24.23
CA GLY K 41 19.60 -30.21 23.33
C GLY K 41 20.66 -29.40 24.05
N GLY K 42 20.39 -29.01 25.30
CA GLY K 42 21.39 -28.39 26.14
C GLY K 42 22.53 -29.33 26.47
N VAL K 43 23.76 -28.80 26.49
CA VAL K 43 24.95 -29.64 26.70
C VAL K 43 24.93 -30.37 28.08
N LEU K 44 24.38 -29.76 29.10
CA LEU K 44 24.39 -30.32 30.46
C LEU K 44 23.01 -30.85 30.88
N HIS K 45 22.04 -30.81 29.98
CA HIS K 45 20.70 -31.16 30.36
C HIS K 45 20.57 -32.62 30.70
N GLY K 46 21.20 -33.49 29.91
CA GLY K 46 21.21 -34.93 30.15
C GLY K 46 21.70 -35.29 31.55
N ALA K 47 22.72 -34.58 32.02
CA ALA K 47 23.30 -34.82 33.31
C ALA K 47 22.39 -34.37 34.47
N VAL K 48 21.52 -33.37 34.27
CA VAL K 48 20.69 -32.92 35.39
C VAL K 48 19.23 -33.28 35.29
N ALA K 49 18.86 -33.99 34.23
CA ALA K 49 17.45 -34.30 33.94
C ALA K 49 16.77 -35.09 35.05
N ASP K 50 17.46 -36.12 35.55
CA ASP K 50 16.90 -37.04 36.55
C ASP K 50 16.53 -36.25 37.80
N VAL K 51 17.40 -35.32 38.24
CA VAL K 51 17.10 -34.59 39.46
C VAL K 51 16.02 -33.55 39.14
N MET K 52 16.11 -32.90 37.97
CA MET K 52 15.05 -31.94 37.58
C MET K 52 13.72 -32.70 37.66
N GLN K 53 13.67 -33.89 37.07
CA GLN K 53 12.46 -34.68 37.11
C GLN K 53 11.97 -35.04 38.52
N HIS K 54 12.84 -35.50 39.39
CA HIS K 54 12.37 -35.97 40.70
C HIS K 54 11.88 -34.88 41.60
N THR K 55 12.50 -33.71 41.51
CA THR K 55 12.18 -32.58 42.37
C THR K 55 11.09 -31.62 41.81
N GLY K 56 10.93 -31.64 40.49
CA GLY K 56 9.99 -30.75 39.82
C GLY K 56 10.45 -29.32 39.92
N MET K 57 11.77 -29.15 39.89
CA MET K 57 12.40 -27.86 40.23
C MET K 57 11.96 -26.78 39.33
N LEU K 58 11.69 -27.11 38.09
CA LEU K 58 11.46 -26.02 37.11
C LEU K 58 10.10 -25.36 37.42
N ALA K 59 9.04 -26.17 37.52
CA ALA K 59 7.70 -25.69 37.87
C ALA K 59 7.64 -25.12 39.29
N ASN K 60 8.36 -25.71 40.25
CA ASN K 60 8.39 -25.13 41.60
C ASN K 60 9.05 -23.73 41.57
N THR K 61 10.09 -23.55 40.78
CA THR K 61 10.71 -22.24 40.63
C THR K 61 9.75 -21.18 40.08
N VAL K 62 9.08 -21.51 38.97
CA VAL K 62 8.08 -20.62 38.33
C VAL K 62 7.00 -20.26 39.36
N ALA K 63 6.57 -21.23 40.16
CA ALA K 63 5.55 -20.94 41.19
C ALA K 63 6.08 -19.96 42.22
N VAL K 64 7.32 -20.13 42.64
CA VAL K 64 7.93 -19.20 43.61
C VAL K 64 8.07 -17.80 43.03
N VAL K 65 8.53 -17.76 41.78
CA VAL K 65 8.71 -16.51 41.04
C VAL K 65 7.45 -15.72 40.83
N ASP K 66 6.37 -16.41 40.42
CA ASP K 66 5.07 -15.81 40.35
C ASP K 66 4.64 -15.27 41.69
N ALA K 67 4.81 -16.03 42.77
CA ALA K 67 4.40 -15.52 44.08
C ALA K 67 5.24 -14.32 44.43
N ALA K 68 6.51 -14.37 44.07
CA ALA K 68 7.41 -13.24 44.38
C ALA K 68 7.05 -11.95 43.64
N ARG K 69 6.66 -12.07 42.38
CA ARG K 69 6.18 -10.90 41.61
C ARG K 69 4.92 -10.29 42.17
N GLN K 70 3.95 -11.13 42.50
CA GLN K 70 2.72 -10.66 43.21
C GLN K 70 3.09 -9.87 44.45
N ALA K 71 4.14 -10.30 45.14
CA ALA K 71 4.50 -9.69 46.41
C ALA K 71 5.39 -8.44 46.25
N GLY K 72 5.87 -8.16 45.05
CA GLY K 72 6.78 -7.02 44.84
C GLY K 72 8.27 -7.30 45.21
N VAL K 73 8.61 -8.57 45.28
CA VAL K 73 9.94 -9.03 45.66
C VAL K 73 10.78 -9.16 44.39
N PRO K 74 11.96 -8.56 44.36
CA PRO K 74 12.79 -8.53 43.16
C PRO K 74 13.27 -9.91 42.77
N ILE K 75 13.31 -10.15 41.46
CA ILE K 75 13.76 -11.40 40.90
C ILE K 75 15.07 -11.03 40.24
N MET K 76 16.12 -11.79 40.59
CA MET K 76 17.46 -11.56 40.06
C MET K 76 17.94 -12.82 39.42
N HIS K 77 18.16 -12.77 38.12
CA HIS K 77 18.73 -13.88 37.38
C HIS K 77 20.23 -13.72 37.33
N ALA K 78 20.96 -14.81 37.57
CA ALA K 78 22.42 -14.84 37.55
C ALA K 78 22.81 -15.95 36.62
N PRO K 79 22.88 -15.65 35.30
CA PRO K 79 23.33 -16.67 34.35
C PRO K 79 24.85 -16.58 34.17
N ILE K 80 25.45 -17.71 33.80
CA ILE K 80 26.84 -17.81 33.48
C ILE K 80 27.04 -17.87 31.96
N THR K 81 27.94 -17.02 31.46
CA THR K 81 28.30 -17.00 30.05
C THR K 81 29.79 -16.72 29.91
N PHE K 82 30.33 -17.09 28.76
CA PHE K 82 31.75 -16.89 28.42
C PHE K 82 31.85 -16.33 27.00
N ALA K 83 32.65 -15.28 26.78
CA ALA K 83 32.97 -14.88 25.43
C ALA K 83 33.48 -16.10 24.66
N GLU K 84 32.98 -16.25 23.43
CA GLU K 84 33.36 -17.35 22.54
C GLU K 84 34.87 -17.53 22.51
N GLY K 85 35.35 -18.77 22.63
CA GLY K 85 36.79 -19.07 22.58
C GLY K 85 37.46 -19.21 23.95
N TYR K 86 36.74 -18.82 25.00
CA TYR K 86 37.19 -18.87 26.40
C TYR K 86 38.48 -18.11 26.76
N GLY K 87 38.73 -17.02 26.05
CA GLY K 87 39.89 -16.17 26.29
C GLY K 87 39.80 -15.35 27.57
N GLU K 88 38.67 -15.36 28.24
CA GLU K 88 38.58 -14.80 29.59
C GLU K 88 39.12 -15.76 30.70
N LEU K 89 39.41 -17.01 30.35
CA LEU K 89 39.90 -17.97 31.29
C LEU K 89 41.30 -18.34 30.99
N THR K 90 41.95 -18.95 31.99
CA THR K 90 43.20 -19.66 31.74
C THR K 90 42.98 -20.62 30.60
N ARG K 91 44.01 -20.80 29.80
CA ARG K 91 44.03 -21.83 28.76
C ARG K 91 44.16 -23.25 29.34
N HIS K 92 44.50 -23.37 30.62
CA HIS K 92 44.71 -24.66 31.28
C HIS K 92 43.88 -24.76 32.55
N PRO K 93 42.56 -24.76 32.41
CA PRO K 93 41.69 -24.83 33.57
C PRO K 93 41.69 -26.24 34.18
N TYR K 94 41.53 -26.29 35.49
CA TYR K 94 41.36 -27.55 36.21
C TYR K 94 40.00 -27.44 36.87
N GLY K 95 39.61 -28.49 37.57
CA GLY K 95 38.31 -28.54 38.23
C GLY K 95 37.15 -28.40 37.26
N ILE K 96 36.07 -27.87 37.79
CA ILE K 96 34.76 -27.92 37.21
C ILE K 96 34.73 -27.13 35.88
N LEU K 97 35.32 -25.95 35.87
CA LEU K 97 35.42 -25.11 34.69
C LEU K 97 36.20 -25.73 33.52
N LYS K 98 36.96 -26.78 33.78
CA LYS K 98 37.53 -27.53 32.66
C LYS K 98 36.45 -28.22 31.82
N GLY K 99 35.47 -28.83 32.45
CA GLY K 99 34.34 -29.47 31.72
C GLY K 99 33.52 -28.44 30.95
N VAL K 100 33.46 -27.21 31.44
CA VAL K 100 32.75 -26.15 30.74
C VAL K 100 33.41 -25.76 29.43
N VAL K 101 34.70 -25.47 29.50
CA VAL K 101 35.50 -25.20 28.29
C VAL K 101 35.44 -26.42 27.30
N ASP K 102 35.70 -27.62 27.81
CA ASP K 102 35.84 -28.81 26.96
C ASP K 102 34.49 -29.20 26.37
N GLY K 103 33.42 -29.04 27.14
CA GLY K 103 32.04 -29.24 26.60
C GLY K 103 31.51 -28.08 25.73
N LYS K 104 32.25 -26.97 25.66
CA LYS K 104 31.83 -25.74 24.98
C LYS K 104 30.48 -25.24 25.46
N ALA K 105 30.37 -25.03 26.76
CA ALA K 105 29.09 -24.71 27.39
C ALA K 105 28.98 -23.22 27.65
N PHE K 106 27.76 -22.74 27.73
CA PHE K 106 27.44 -21.33 28.05
C PHE K 106 28.14 -20.27 27.22
N VAL K 107 28.33 -20.52 25.93
CA VAL K 107 28.94 -19.48 25.12
C VAL K 107 28.00 -18.26 25.00
N LYS K 108 28.55 -17.08 25.20
CA LYS K 108 27.76 -15.86 25.21
C LYS K 108 26.95 -15.69 23.93
N GLY K 109 25.67 -15.33 24.07
CA GLY K 109 24.80 -15.01 22.94
C GLY K 109 24.29 -16.20 22.15
N THR K 110 24.43 -17.42 22.69
CA THR K 110 23.92 -18.65 22.08
C THR K 110 22.62 -19.10 22.78
N TRP K 111 21.85 -19.99 22.15
CA TRP K 111 20.66 -20.54 22.80
C TRP K 111 20.99 -21.15 24.19
N GLY K 112 22.07 -21.93 24.21
CA GLY K 112 22.49 -22.60 25.47
C GLY K 112 22.68 -21.57 26.58
N ALA K 113 23.29 -20.42 26.27
CA ALA K 113 23.50 -19.37 27.26
C ALA K 113 22.21 -18.64 27.70
N ALA K 114 21.16 -18.71 26.89
CA ALA K 114 19.93 -18.00 27.18
C ALA K 114 19.14 -18.58 28.36
N ILE K 115 18.49 -17.71 29.10
CA ILE K 115 17.63 -18.12 30.19
C ILE K 115 16.43 -18.88 29.65
N VAL K 116 16.06 -19.98 30.30
CA VAL K 116 14.93 -20.76 29.81
C VAL K 116 13.66 -19.89 29.59
N ASP K 117 12.95 -20.17 28.50
CA ASP K 117 11.71 -19.45 28.11
C ASP K 117 10.73 -19.19 29.28
N GLU K 118 10.38 -20.21 30.02
CA GLU K 118 9.40 -20.02 31.15
C GLU K 118 9.87 -19.06 32.26
N LEU K 119 11.18 -18.79 32.31
CA LEU K 119 11.71 -17.95 33.38
C LEU K 119 12.24 -16.67 32.81
N ALA K 120 11.89 -16.34 31.58
CA ALA K 120 12.51 -15.20 30.93
C ALA K 120 12.29 -13.95 31.79
N PRO K 121 13.31 -13.09 31.86
CA PRO K 121 13.23 -11.81 32.57
C PRO K 121 12.19 -10.88 31.98
N VAL K 122 11.27 -10.42 32.81
CA VAL K 122 10.27 -9.51 32.31
C VAL K 122 10.32 -8.24 33.12
N ASN K 123 9.80 -7.17 32.52
CA ASN K 123 10.13 -5.81 32.89
C ASN K 123 10.13 -5.68 34.41
N GLY K 124 11.22 -5.14 34.92
CA GLY K 124 11.43 -4.98 36.36
C GLY K 124 12.53 -5.90 36.88
N ASP K 125 12.62 -7.11 36.32
CA ASP K 125 13.63 -8.04 36.76
C ASP K 125 15.04 -7.46 36.51
N ILE K 126 15.99 -8.04 37.24
CA ILE K 126 17.39 -7.64 37.24
C ILE K 126 18.14 -8.85 36.78
N VAL K 127 19.07 -8.65 35.86
CA VAL K 127 19.89 -9.77 35.41
C VAL K 127 21.27 -9.41 35.87
N ILE K 128 21.79 -10.13 36.87
CA ILE K 128 23.15 -9.88 37.39
C ILE K 128 24.15 -10.23 36.29
N GLU K 129 25.20 -9.47 36.23
CA GLU K 129 26.14 -9.49 35.13
C GLU K 129 27.50 -9.96 35.62
N GLY K 130 28.13 -10.79 34.81
CA GLY K 130 29.49 -11.06 34.96
C GLY K 130 29.90 -12.43 35.34
N LYS K 131 28.93 -13.27 35.71
CA LYS K 131 29.29 -14.52 36.28
C LYS K 131 30.23 -15.26 35.31
N ARG K 132 31.44 -15.58 35.81
CA ARG K 132 32.38 -16.47 35.12
C ARG K 132 32.80 -17.73 35.95
N GLY K 133 32.61 -17.68 37.26
CA GLY K 133 32.92 -18.80 38.15
C GLY K 133 31.67 -19.42 38.76
N LEU K 134 31.82 -20.14 39.86
CA LEU K 134 30.75 -20.91 40.45
C LEU K 134 29.99 -20.14 41.50
N ASP K 135 30.70 -19.42 42.33
CA ASP K 135 30.09 -18.56 43.34
C ASP K 135 29.59 -17.25 42.66
N THR K 136 28.30 -17.01 42.73
CA THR K 136 27.71 -15.80 42.18
C THR K 136 28.33 -14.55 42.78
N PHE K 137 28.71 -14.58 44.04
CA PHE K 137 29.37 -13.38 44.61
C PHE K 137 30.77 -13.06 44.12
N ALA K 138 31.47 -14.00 43.50
CA ALA K 138 32.92 -13.78 43.23
C ALA K 138 33.19 -12.97 41.97
N SER K 139 32.25 -12.99 41.03
CA SER K 139 32.53 -12.39 39.72
C SER K 139 31.38 -11.56 39.16
N THR K 140 30.46 -11.12 40.01
CA THR K 140 29.29 -10.45 39.50
C THR K 140 29.03 -9.18 40.28
N ASN K 141 27.99 -8.45 39.89
CA ASN K 141 27.58 -7.24 40.61
C ASN K 141 26.50 -7.50 41.69
N LEU K 142 26.29 -8.79 42.03
CA LEU K 142 25.25 -9.21 42.96
C LEU K 142 25.33 -8.51 44.30
N ASP K 143 26.50 -8.55 44.91
CA ASP K 143 26.68 -7.98 46.21
C ASP K 143 26.41 -6.47 46.17
N PHE K 144 26.95 -5.79 45.16
CA PHE K 144 26.74 -4.34 45.02
C PHE K 144 25.24 -4.01 44.98
N ILE K 145 24.49 -4.79 44.20
CA ILE K 145 23.09 -4.51 43.99
C ILE K 145 22.27 -4.88 45.24
N LEU K 146 22.42 -6.08 45.77
CA LEU K 146 21.70 -6.41 46.98
C LEU K 146 21.85 -5.31 48.03
N ARG K 147 23.07 -4.88 48.27
CA ARG K 147 23.33 -3.91 49.33
C ARG K 147 22.88 -2.52 48.97
N SER K 148 23.00 -2.15 47.69
CA SER K 148 22.47 -0.87 47.32
C SER K 148 20.99 -0.83 47.59
N LYS K 149 20.30 -1.89 47.27
CA LYS K 149 18.86 -1.93 47.40
C LYS K 149 18.36 -2.21 48.83
N GLY K 150 19.25 -2.47 49.78
CA GLY K 150 18.88 -2.81 51.15
C GLY K 150 18.40 -4.25 51.33
N VAL K 151 18.73 -5.12 50.41
CA VAL K 151 18.23 -6.52 50.56
C VAL K 151 19.08 -7.32 51.54
N ASP K 152 18.44 -7.83 52.58
CA ASP K 152 19.17 -8.56 53.57
C ASP K 152 18.83 -10.03 53.64
N THR K 153 17.90 -10.48 52.79
CA THR K 153 17.47 -11.89 52.75
C THR K 153 17.40 -12.34 51.27
N ILE K 154 18.03 -13.47 50.93
CA ILE K 154 18.07 -13.95 49.57
C ILE K 154 17.56 -15.37 49.55
N VAL K 155 16.72 -15.67 48.58
CA VAL K 155 16.13 -16.94 48.43
C VAL K 155 16.78 -17.52 47.18
N LEU K 156 17.46 -18.66 47.33
CA LEU K 156 18.24 -19.21 46.25
C LEU K 156 17.61 -20.45 45.63
N GLY K 157 17.65 -20.50 44.29
CA GLY K 157 17.32 -21.71 43.53
C GLY K 157 18.25 -21.84 42.35
N GLY K 158 18.26 -23.01 41.73
CA GLY K 158 19.06 -23.18 40.53
C GLY K 158 19.96 -24.38 40.42
N PHE K 159 21.02 -24.19 39.64
CA PHE K 159 21.97 -25.25 39.31
C PHE K 159 23.36 -24.79 39.71
N LEU K 160 24.25 -25.65 40.14
CA LEU K 160 23.97 -27.02 40.54
C LEU K 160 23.97 -27.01 42.04
N THR K 161 23.17 -27.87 42.64
CA THR K 161 22.96 -27.94 44.07
C THR K 161 24.23 -27.87 44.93
N ASN K 162 25.27 -28.63 44.54
CA ASN K 162 26.46 -28.79 45.39
C ASN K 162 27.65 -28.01 44.88
N CYS K 163 27.40 -27.17 43.89
CA CYS K 163 28.46 -26.42 43.26
C CYS K 163 28.05 -24.95 43.34
N CYS K 164 27.38 -24.42 42.32
CA CYS K 164 27.14 -22.99 42.26
C CYS K 164 26.14 -22.48 43.29
N VAL K 165 25.14 -23.32 43.60
CA VAL K 165 24.16 -22.99 44.63
C VAL K 165 24.86 -22.96 45.98
N GLU K 166 25.60 -24.02 46.29
CA GLU K 166 26.33 -24.15 47.55
C GLU K 166 27.33 -23.05 47.76
N SER K 167 28.11 -22.75 46.72
CA SER K 167 29.12 -21.74 46.78
C SER K 167 28.50 -20.39 47.01
N THR K 168 27.41 -20.11 46.31
CA THR K 168 26.79 -18.80 46.43
C THR K 168 26.19 -18.70 47.85
N MET K 169 25.55 -19.79 48.28
CA MET K 169 25.02 -19.94 49.65
C MET K 169 26.10 -19.70 50.71
N ARG K 170 27.24 -20.33 50.56
CA ARG K 170 28.31 -20.19 51.55
C ARG K 170 28.76 -18.75 51.71
N THR K 171 28.98 -18.06 50.59
CA THR K 171 29.47 -16.66 50.67
C THR K 171 28.35 -15.76 51.12
N GLY K 172 27.11 -16.02 50.67
CA GLY K 172 25.91 -15.35 51.21
C GLY K 172 25.94 -15.32 52.73
N TYR K 173 26.25 -16.46 53.32
CA TYR K 173 26.29 -16.59 54.76
C TYR K 173 27.42 -15.72 55.34
N GLU K 174 28.59 -15.76 54.70
CA GLU K 174 29.76 -15.04 55.14
C GLU K 174 29.55 -13.55 55.05
N ARG K 175 28.68 -13.11 54.14
CA ARG K 175 28.49 -11.69 53.96
C ARG K 175 27.30 -11.15 54.72
N GLY K 176 26.68 -11.97 55.57
CA GLY K 176 25.67 -11.48 56.51
C GLY K 176 24.23 -11.60 56.10
N PHE K 177 23.99 -12.03 54.87
CA PHE K 177 22.65 -12.27 54.40
C PHE K 177 21.95 -13.39 55.15
N ARG K 178 20.65 -13.29 55.30
CA ARG K 178 19.90 -14.43 55.73
C ARG K 178 19.61 -15.22 54.49
N VAL K 179 20.30 -16.34 54.30
CA VAL K 179 20.12 -17.13 53.09
C VAL K 179 19.09 -18.21 53.29
N ILE K 180 18.17 -18.27 52.32
CA ILE K 180 17.15 -19.28 52.25
C ILE K 180 17.37 -20.04 50.95
N THR K 181 17.47 -21.35 51.09
CA THR K 181 17.68 -22.28 49.99
C THR K 181 16.43 -23.11 49.70
N LEU K 182 16.03 -23.13 48.44
CA LEU K 182 14.80 -23.77 48.01
C LEU K 182 15.13 -25.22 47.72
N THR K 183 14.85 -26.08 48.69
CA THR K 183 15.36 -27.45 48.62
C THR K 183 14.77 -28.18 47.41
N ASP K 184 13.58 -27.80 46.96
CA ASP K 184 12.93 -28.42 45.80
C ASP K 184 12.92 -27.51 44.53
N CYS K 185 13.75 -26.48 44.54
CA CYS K 185 14.01 -25.66 43.34
C CYS K 185 15.50 -25.64 42.95
N VAL K 186 16.18 -26.75 43.23
CA VAL K 186 17.57 -26.86 42.88
C VAL K 186 17.81 -28.22 42.27
N ALA K 187 18.85 -28.35 41.46
CA ALA K 187 19.11 -29.63 40.77
C ALA K 187 20.61 -29.88 40.63
N ALA K 188 20.99 -31.16 40.49
CA ALA K 188 22.38 -31.63 40.46
C ALA K 188 22.55 -32.71 39.46
N THR K 189 23.80 -33.11 39.21
CA THR K 189 24.08 -34.18 38.28
C THR K 189 23.77 -35.54 38.90
N SER K 190 23.62 -35.59 40.21
CA SER K 190 23.26 -36.87 40.80
C SER K 190 22.34 -36.64 41.98
N GLN K 191 21.43 -37.57 42.15
CA GLN K 191 20.48 -37.48 43.22
C GLN K 191 21.20 -37.56 44.58
N GLU K 192 22.23 -38.41 44.66
CA GLU K 192 23.00 -38.63 45.89
C GLU K 192 23.79 -37.35 46.29
N GLU K 193 24.56 -36.79 45.36
CA GLU K 193 25.21 -35.48 45.57
C GLU K 193 24.17 -34.46 46.00
N HIS K 194 23.05 -34.43 45.29
CA HIS K 194 21.94 -33.54 45.59
C HIS K 194 21.41 -33.77 47.02
N ASN K 195 21.03 -34.99 47.37
CA ASN K 195 20.48 -35.21 48.69
C ASN K 195 21.47 -34.91 49.81
N ASN K 196 22.69 -35.43 49.65
CA ASN K 196 23.77 -35.17 50.58
C ASN K 196 24.02 -33.69 50.79
N ALA K 197 24.10 -32.94 49.71
CA ALA K 197 24.27 -31.48 49.84
C ALA K 197 23.16 -30.83 50.69
N ILE K 198 21.93 -31.24 50.44
CA ILE K 198 20.79 -30.69 51.14
C ILE K 198 20.78 -31.03 52.61
N SER K 199 21.14 -32.26 52.93
CA SER K 199 21.02 -32.77 54.27
C SER K 199 22.10 -32.26 55.18
N TYR K 200 23.35 -32.31 54.70
CA TYR K 200 24.51 -31.99 55.54
C TYR K 200 25.01 -30.56 55.46
N ASP K 201 25.03 -29.98 54.26
CA ASP K 201 25.69 -28.67 54.04
C ASP K 201 24.70 -27.49 54.14
N PHE K 202 23.50 -27.63 53.62
CA PHE K 202 22.60 -26.47 53.58
C PHE K 202 22.25 -25.96 54.98
N PRO K 203 21.93 -26.85 55.92
CA PRO K 203 21.61 -26.29 57.25
C PRO K 203 22.78 -25.57 57.92
N MET K 204 24.01 -25.86 57.51
CA MET K 204 25.17 -25.11 58.03
C MET K 204 25.13 -23.64 57.59
N PHE K 205 24.55 -23.38 56.42
CA PHE K 205 24.73 -22.09 55.71
C PHE K 205 23.50 -21.38 55.31
N SER K 206 22.32 -21.96 55.57
CA SER K 206 21.06 -21.42 55.09
C SER K 206 19.93 -21.85 55.94
N VAL K 207 18.76 -21.30 55.66
CA VAL K 207 17.52 -21.85 56.19
C VAL K 207 16.90 -22.60 55.01
N PRO K 208 16.99 -23.92 55.04
CA PRO K 208 16.37 -24.65 53.95
C PRO K 208 14.81 -24.62 54.02
N MET K 209 14.15 -24.31 52.90
CA MET K 209 12.67 -24.23 52.84
C MET K 209 12.18 -24.86 51.57
N THR K 210 10.94 -25.37 51.58
CA THR K 210 10.31 -25.88 50.37
C THR K 210 9.71 -24.70 49.62
N SER K 211 9.47 -24.86 48.32
CA SER K 211 8.78 -23.79 47.57
C SER K 211 7.42 -23.40 48.18
N ALA K 212 6.65 -24.38 48.62
CA ALA K 212 5.35 -24.10 49.23
C ALA K 212 5.45 -23.15 50.46
N ASP K 213 6.41 -23.37 51.34
CA ASP K 213 6.52 -22.57 52.54
C ASP K 213 7.04 -21.19 52.24
N VAL K 214 7.80 -21.07 51.17
CA VAL K 214 8.29 -19.79 50.77
C VAL K 214 7.20 -19.01 50.07
N ILE K 215 6.40 -19.70 49.24
CA ILE K 215 5.22 -19.09 48.67
C ILE K 215 4.34 -18.59 49.84
N ALA K 216 4.03 -19.44 50.80
CA ALA K 216 3.21 -19.02 51.94
C ALA K 216 3.78 -17.76 52.60
N ALA K 217 5.09 -17.71 52.77
CA ALA K 217 5.72 -16.55 53.41
C ALA K 217 5.70 -15.31 52.51
N LEU K 218 5.69 -15.51 51.19
CA LEU K 218 5.62 -14.38 50.24
C LEU K 218 4.22 -13.78 50.24
N GLU K 219 3.22 -14.65 50.25
CA GLU K 219 1.83 -14.20 50.27
C GLU K 219 1.51 -13.55 51.59
N GLU L 20 54.35 -31.07 40.46
CA GLU L 20 55.47 -30.08 40.63
C GLU L 20 55.06 -28.83 41.44
N LEU L 21 55.81 -28.56 42.53
CA LEU L 21 55.58 -27.44 43.42
C LEU L 21 56.80 -26.51 43.58
N ASP L 22 56.64 -25.26 43.17
CA ASP L 22 57.68 -24.23 43.27
C ASP L 22 57.59 -23.61 44.66
N PRO L 23 58.63 -23.79 45.49
CA PRO L 23 58.56 -23.34 46.88
C PRO L 23 58.39 -21.85 47.07
N ALA L 24 58.94 -21.03 46.19
CA ALA L 24 58.72 -19.57 46.26
C ALA L 24 57.28 -19.15 45.90
N ARG L 25 56.45 -20.10 45.48
CA ARG L 25 55.12 -19.83 44.96
C ARG L 25 54.02 -20.64 45.68
N THR L 26 54.40 -21.27 46.80
CA THR L 26 53.55 -22.22 47.48
C THR L 26 53.36 -21.87 48.95
N ALA L 27 52.27 -22.33 49.52
CA ALA L 27 52.05 -22.12 50.93
C ALA L 27 51.18 -23.25 51.39
N ILE L 28 51.43 -23.71 52.61
CA ILE L 28 50.59 -24.67 53.30
C ILE L 28 49.67 -23.85 54.15
N VAL L 29 48.38 -24.09 54.11
CA VAL L 29 47.44 -23.30 54.92
C VAL L 29 46.74 -24.25 55.84
N LEU L 30 46.91 -24.06 57.14
CA LEU L 30 46.41 -25.02 58.15
C LEU L 30 45.22 -24.41 58.80
N ILE L 31 44.07 -25.01 58.55
CA ILE L 31 42.83 -24.44 59.01
C ILE L 31 42.43 -25.03 60.34
N GLU L 32 42.47 -24.19 61.34
CA GLU L 32 41.86 -24.44 62.64
C GLU L 32 42.37 -25.66 63.42
N TYR L 33 43.68 -25.89 63.35
CA TYR L 33 44.28 -26.97 64.15
C TYR L 33 44.41 -26.46 65.57
N GLN L 34 43.27 -26.41 66.24
CA GLN L 34 43.16 -25.79 67.52
C GLN L 34 42.60 -26.83 68.45
N ASN L 35 42.92 -26.67 69.74
CA ASN L 35 42.59 -27.63 70.78
C ASN L 35 41.13 -27.86 70.85
N GLU L 36 40.35 -26.82 70.57
CA GLU L 36 38.88 -26.98 70.52
C GLU L 36 38.44 -28.19 69.65
N PHE L 37 39.16 -28.44 68.55
CA PHE L 37 38.90 -29.61 67.66
C PHE L 37 39.81 -30.81 67.98
N THR L 38 41.09 -30.53 68.15
CA THR L 38 42.14 -31.57 68.20
C THR L 38 42.32 -32.32 69.51
N SER L 39 42.04 -31.70 70.66
CA SER L 39 42.47 -32.23 71.94
C SER L 39 41.34 -32.52 72.94
N ASP L 40 41.50 -33.60 73.71
CA ASP L 40 40.61 -33.89 74.84
C ASP L 40 40.49 -32.64 75.69
N GLY L 41 39.26 -32.32 76.09
CA GLY L 41 38.89 -31.03 76.71
C GLY L 41 38.18 -30.07 75.73
N GLY L 42 38.60 -30.11 74.47
CA GLY L 42 38.00 -29.35 73.39
C GLY L 42 36.51 -29.56 73.32
N VAL L 43 35.83 -28.45 73.17
CA VAL L 43 34.40 -28.43 73.17
C VAL L 43 33.89 -29.21 71.96
N LEU L 44 34.67 -29.22 70.88
CA LEU L 44 34.29 -29.91 69.65
C LEU L 44 35.14 -31.13 69.33
N HIS L 45 35.95 -31.56 70.27
CA HIS L 45 36.82 -32.67 70.01
C HIS L 45 36.01 -33.95 69.85
N GLY L 46 35.01 -34.13 70.72
CA GLY L 46 34.11 -35.27 70.69
C GLY L 46 33.47 -35.51 69.33
N ALA L 47 32.94 -34.46 68.74
CA ALA L 47 32.32 -34.54 67.43
C ALA L 47 33.29 -34.96 66.28
N VAL L 48 34.57 -34.61 66.39
CA VAL L 48 35.51 -34.93 65.31
C VAL L 48 36.50 -36.06 65.58
N ALA L 49 36.37 -36.72 66.72
CA ALA L 49 37.37 -37.69 67.12
C ALA L 49 37.39 -38.89 66.19
N ASP L 50 36.22 -39.32 65.71
CA ASP L 50 36.15 -40.52 64.88
C ASP L 50 36.99 -40.35 63.61
N VAL L 51 36.84 -39.22 62.93
CA VAL L 51 37.47 -39.02 61.66
C VAL L 51 38.97 -38.71 61.84
N MET L 52 39.30 -37.85 62.79
CA MET L 52 40.71 -37.63 63.18
C MET L 52 41.42 -38.97 63.29
N GLN L 53 40.80 -39.84 64.07
CA GLN L 53 41.36 -41.16 64.34
C GLN L 53 41.35 -42.10 63.14
N HIS L 54 40.31 -42.13 62.33
CA HIS L 54 40.34 -43.01 61.17
C HIS L 54 41.32 -42.51 60.12
N THR L 55 41.51 -41.21 60.02
CA THR L 55 42.41 -40.67 59.03
C THR L 55 43.87 -40.58 59.47
N GLY L 56 44.12 -40.44 60.77
CA GLY L 56 45.45 -40.09 61.24
C GLY L 56 45.88 -38.70 60.81
N MET L 57 44.92 -37.79 60.64
CA MET L 57 45.18 -36.48 60.07
C MET L 57 46.25 -35.66 60.78
N LEU L 58 46.34 -35.76 62.09
CA LEU L 58 47.29 -34.91 62.79
C LEU L 58 48.75 -35.30 62.44
N ALA L 59 49.00 -36.61 62.44
CA ALA L 59 50.32 -37.21 62.14
C ALA L 59 50.70 -37.00 60.69
N ASN L 60 49.76 -37.25 59.78
CA ASN L 60 50.00 -36.91 58.37
C ASN L 60 50.27 -35.42 58.17
N THR L 61 49.63 -34.56 58.96
CA THR L 61 49.83 -33.12 58.81
C THR L 61 51.22 -32.77 59.31
N VAL L 62 51.65 -33.41 60.39
CA VAL L 62 52.98 -33.08 60.92
C VAL L 62 54.04 -33.43 59.89
N ALA L 63 53.89 -34.60 59.28
CA ALA L 63 54.78 -35.05 58.21
C ALA L 63 54.84 -34.03 57.05
N VAL L 64 53.67 -33.54 56.64
CA VAL L 64 53.60 -32.57 55.56
C VAL L 64 54.27 -31.27 55.95
N VAL L 65 54.05 -30.83 57.16
CA VAL L 65 54.64 -29.58 57.64
C VAL L 65 56.15 -29.71 57.73
N ASP L 66 56.64 -30.87 58.20
CA ASP L 66 58.06 -31.06 58.33
C ASP L 66 58.72 -30.94 56.97
N ALA L 67 58.24 -31.71 56.01
CA ALA L 67 58.70 -31.63 54.63
C ALA L 67 58.61 -30.21 54.08
N ALA L 68 57.50 -29.53 54.35
CA ALA L 68 57.31 -28.16 53.87
C ALA L 68 58.40 -27.26 54.40
N ARG L 69 58.64 -27.28 55.72
CA ARG L 69 59.75 -26.50 56.33
C ARG L 69 61.13 -26.85 55.79
N GLN L 70 61.43 -28.13 55.60
CA GLN L 70 62.74 -28.51 55.01
C GLN L 70 62.92 -27.91 53.61
N ALA L 71 61.80 -27.66 52.94
CA ALA L 71 61.79 -27.17 51.57
C ALA L 71 61.62 -25.66 51.47
N GLY L 72 61.50 -24.93 52.57
CA GLY L 72 61.40 -23.46 52.50
C GLY L 72 60.02 -22.91 52.16
N VAL L 73 59.02 -23.77 52.16
CA VAL L 73 57.65 -23.40 51.87
C VAL L 73 57.01 -22.77 53.12
N PRO L 74 56.38 -21.59 52.97
CA PRO L 74 55.79 -20.96 54.17
C PRO L 74 54.66 -21.80 54.75
N ILE L 75 54.57 -21.84 56.07
CA ILE L 75 53.43 -22.42 56.77
C ILE L 75 52.56 -21.27 57.25
N MET L 76 51.28 -21.33 56.95
CA MET L 76 50.37 -20.29 57.39
C MET L 76 49.26 -20.92 58.17
N HIS L 77 49.11 -20.49 59.43
CA HIS L 77 48.05 -20.95 60.33
C HIS L 77 46.82 -20.04 60.28
N ALA L 78 45.63 -20.62 60.19
CA ALA L 78 44.35 -19.84 60.11
C ALA L 78 43.45 -20.38 61.22
N PRO L 79 43.59 -19.85 62.43
CA PRO L 79 42.76 -20.19 63.55
C PRO L 79 41.52 -19.27 63.65
N ILE L 80 40.44 -19.81 64.20
CA ILE L 80 39.22 -19.06 64.39
C ILE L 80 39.11 -18.66 65.83
N THR L 81 38.80 -17.39 66.10
CA THR L 81 38.69 -16.90 67.45
C THR L 81 37.57 -15.87 67.58
N PHE L 82 37.00 -15.70 68.78
CA PHE L 82 35.93 -14.76 69.04
C PHE L 82 36.18 -14.07 70.38
N ALA L 83 36.11 -12.74 70.39
CA ALA L 83 36.14 -11.96 71.63
C ALA L 83 35.08 -12.55 72.53
N GLU L 84 35.39 -12.66 73.82
CA GLU L 84 34.45 -13.22 74.81
C GLU L 84 33.14 -12.44 74.80
N GLY L 85 32.01 -13.14 74.83
CA GLY L 85 30.68 -12.53 74.78
C GLY L 85 29.98 -12.68 73.43
N TYR L 86 30.78 -12.83 72.36
CA TYR L 86 30.31 -12.95 70.95
C TYR L 86 29.70 -11.65 70.39
N GLY L 87 30.13 -10.53 70.96
CA GLY L 87 29.72 -9.21 70.54
C GLY L 87 30.10 -8.87 69.11
N GLU L 88 30.95 -9.67 68.52
CA GLU L 88 31.34 -9.45 67.16
C GLU L 88 30.33 -10.06 66.20
N LEU L 89 29.36 -10.81 66.73
CA LEU L 89 28.39 -11.49 65.93
C LEU L 89 27.00 -11.00 66.23
N THR L 90 26.11 -11.29 65.30
CA THR L 90 24.72 -11.08 65.55
C THR L 90 24.37 -11.77 66.87
N ARG L 91 23.37 -11.22 67.52
CA ARG L 91 22.80 -11.80 68.72
C ARG L 91 21.93 -13.03 68.41
N HIS L 92 21.53 -13.17 67.14
CA HIS L 92 20.61 -14.24 66.73
C HIS L 92 21.19 -15.03 65.56
N PRO L 93 22.33 -15.66 65.80
CA PRO L 93 22.95 -16.41 64.75
C PRO L 93 22.14 -17.63 64.36
N TYR L 94 22.35 -18.07 63.12
CA TYR L 94 21.76 -19.29 62.62
C TYR L 94 22.84 -20.07 61.94
N GLY L 95 22.53 -21.30 61.57
CA GLY L 95 23.52 -22.15 60.92
C GLY L 95 24.62 -22.54 61.87
N ILE L 96 25.73 -22.98 61.28
CA ILE L 96 26.90 -23.55 61.98
C ILE L 96 27.46 -22.63 63.08
N LEU L 97 27.38 -21.30 62.85
CA LEU L 97 27.83 -20.35 63.84
C LEU L 97 26.97 -20.34 65.10
N LYS L 98 25.73 -20.79 65.01
CA LYS L 98 24.92 -20.88 66.21
C LYS L 98 25.53 -21.91 67.20
N GLY L 99 26.10 -22.98 66.68
CA GLY L 99 26.69 -24.04 67.49
C GLY L 99 27.95 -23.55 68.20
N VAL L 100 28.70 -22.68 67.52
CA VAL L 100 29.89 -22.05 68.09
C VAL L 100 29.53 -21.12 69.28
N VAL L 101 28.65 -20.15 69.03
CA VAL L 101 28.15 -19.31 70.10
C VAL L 101 27.54 -20.16 71.24
N ASP L 102 26.57 -21.03 70.92
CA ASP L 102 25.85 -21.85 71.96
C ASP L 102 26.86 -22.71 72.77
N GLY L 103 27.80 -23.38 72.10
CA GLY L 103 28.80 -24.20 72.78
C GLY L 103 29.91 -23.42 73.50
N LYS L 104 29.96 -22.10 73.31
CA LYS L 104 31.07 -21.27 73.81
C LYS L 104 32.45 -21.74 73.29
N ALA L 105 32.56 -21.92 71.98
CA ALA L 105 33.74 -22.49 71.40
C ALA L 105 34.63 -21.39 70.86
N PHE L 106 35.93 -21.68 70.79
CA PHE L 106 36.89 -20.75 70.21
C PHE L 106 36.91 -19.34 70.83
N VAL L 107 36.69 -19.20 72.12
CA VAL L 107 36.85 -17.88 72.76
C VAL L 107 38.32 -17.44 72.72
N LYS L 108 38.59 -16.20 72.25
CA LYS L 108 39.95 -15.67 72.14
C LYS L 108 40.70 -15.68 73.47
N GLY L 109 41.94 -16.15 73.42
CA GLY L 109 42.83 -16.19 74.56
C GLY L 109 42.69 -17.45 75.38
N THR L 110 41.65 -18.26 75.12
CA THR L 110 41.46 -19.50 75.86
C THR L 110 42.39 -20.59 75.30
N TRP L 111 42.45 -21.69 76.03
CA TRP L 111 43.21 -22.86 75.66
C TRP L 111 42.58 -23.52 74.42
N GLY L 112 41.25 -23.56 74.40
CA GLY L 112 40.51 -24.04 73.21
C GLY L 112 40.94 -23.36 71.91
N ALA L 113 41.09 -22.03 71.99
CA ALA L 113 41.44 -21.23 70.84
C ALA L 113 42.90 -21.38 70.40
N ALA L 114 43.74 -22.01 71.22
CA ALA L 114 45.18 -22.11 70.92
C ALA L 114 45.42 -23.18 69.89
N ILE L 115 46.45 -22.96 69.08
CA ILE L 115 46.92 -23.97 68.14
C ILE L 115 47.53 -25.16 68.87
N VAL L 116 47.14 -26.35 68.45
CA VAL L 116 47.58 -27.58 69.09
C VAL L 116 49.11 -27.59 69.10
N ASP L 117 49.67 -28.14 70.20
CA ASP L 117 51.11 -28.19 70.52
C ASP L 117 51.96 -28.66 69.35
N GLU L 118 51.50 -29.74 68.73
CA GLU L 118 52.18 -30.42 67.62
C GLU L 118 52.48 -29.49 66.45
N LEU L 119 51.56 -28.54 66.21
CA LEU L 119 51.66 -27.65 65.06
C LEU L 119 51.89 -26.24 65.53
N ALA L 120 52.43 -26.10 66.73
CA ALA L 120 52.74 -24.79 67.26
C ALA L 120 53.53 -24.04 66.21
N PRO L 121 53.20 -22.76 66.00
CA PRO L 121 53.97 -21.99 65.05
C PRO L 121 55.39 -21.72 65.53
N VAL L 122 56.34 -21.81 64.60
CA VAL L 122 57.72 -21.47 64.92
C VAL L 122 58.27 -20.42 63.99
N ASN L 123 59.29 -19.70 64.45
CA ASN L 123 59.65 -18.40 63.88
C ASN L 123 59.64 -18.50 62.37
N GLY L 124 59.08 -17.49 61.73
CA GLY L 124 58.92 -17.50 60.27
C GLY L 124 57.48 -17.76 59.85
N ASP L 125 56.88 -18.80 60.43
CA ASP L 125 55.48 -19.10 60.25
C ASP L 125 54.62 -17.83 60.31
N ILE L 126 53.55 -17.83 59.53
CA ILE L 126 52.60 -16.73 59.51
C ILE L 126 51.31 -17.20 60.19
N VAL L 127 50.75 -16.35 61.05
CA VAL L 127 49.46 -16.68 61.66
C VAL L 127 48.47 -15.72 61.02
N ILE L 128 47.57 -16.25 60.19
CA ILE L 128 46.57 -15.45 59.52
C ILE L 128 45.64 -14.94 60.59
N GLU L 129 45.12 -13.74 60.41
CA GLU L 129 44.35 -12.99 61.40
C GLU L 129 42.95 -12.60 60.91
N GLY L 130 42.00 -12.60 61.81
CA GLY L 130 40.69 -12.09 61.58
C GLY L 130 39.59 -13.14 61.52
N LYS L 131 39.94 -14.43 61.33
CA LYS L 131 38.94 -15.42 61.03
C LYS L 131 37.80 -15.43 62.05
N ARG L 132 36.60 -15.12 61.55
CA ARG L 132 35.33 -15.21 62.27
C ARG L 132 34.31 -16.15 61.59
N GLY L 133 34.43 -16.32 60.27
CA GLY L 133 33.58 -17.24 59.55
C GLY L 133 34.25 -18.57 59.23
N LEU L 134 33.73 -19.22 58.19
CA LEU L 134 34.14 -20.53 57.78
C LEU L 134 35.12 -20.44 56.67
N ASP L 135 34.80 -19.61 55.70
CA ASP L 135 35.69 -19.39 54.58
C ASP L 135 36.86 -18.55 55.05
N THR L 136 38.07 -19.07 54.86
CA THR L 136 39.25 -18.38 55.36
C THR L 136 39.47 -17.09 54.62
N PHE L 137 38.98 -16.95 53.39
CA PHE L 137 39.21 -15.75 52.60
C PHE L 137 38.24 -14.64 52.96
N ALA L 138 37.13 -14.94 53.62
CA ALA L 138 36.07 -13.93 53.79
C ALA L 138 36.31 -12.99 54.95
N SER L 139 37.12 -13.37 55.94
CA SER L 139 37.31 -12.46 57.10
C SER L 139 38.73 -12.45 57.63
N THR L 140 39.71 -12.61 56.75
CA THR L 140 41.10 -12.64 57.17
C THR L 140 41.95 -11.89 56.18
N ASN L 141 43.23 -11.73 56.54
CA ASN L 141 44.26 -11.18 55.67
C ASN L 141 44.96 -12.22 54.77
N LEU L 142 44.37 -13.38 54.61
CA LEU L 142 44.98 -14.42 53.81
C LEU L 142 45.21 -13.99 52.35
N ASP L 143 44.21 -13.38 51.72
CA ASP L 143 44.34 -13.03 50.28
C ASP L 143 45.46 -12.04 50.15
N PHE L 144 45.40 -11.00 50.97
CA PHE L 144 46.41 -9.93 50.88
C PHE L 144 47.81 -10.51 50.99
N ILE L 145 47.99 -11.47 51.89
CA ILE L 145 49.32 -12.02 52.17
C ILE L 145 49.78 -13.00 51.09
N LEU L 146 48.90 -13.89 50.68
CA LEU L 146 49.23 -14.81 49.60
C LEU L 146 49.64 -14.02 48.36
N ARG L 147 48.87 -13.00 48.05
CA ARG L 147 49.14 -12.24 46.85
C ARG L 147 50.36 -11.39 47.00
N SER L 148 50.53 -10.75 48.15
CA SER L 148 51.68 -9.89 48.33
C SER L 148 52.96 -10.75 48.26
N LYS L 149 52.93 -11.98 48.80
CA LYS L 149 54.12 -12.82 48.75
C LYS L 149 54.33 -13.59 47.42
N GLY L 150 53.43 -13.38 46.44
CA GLY L 150 53.51 -14.03 45.14
C GLY L 150 53.13 -15.51 45.12
N VAL L 151 52.35 -15.95 46.10
CA VAL L 151 51.99 -17.36 46.18
C VAL L 151 50.81 -17.61 45.27
N ASP L 152 50.92 -18.61 44.41
CA ASP L 152 49.79 -18.99 43.57
C ASP L 152 49.32 -20.43 43.72
N THR L 153 49.91 -21.18 44.66
CA THR L 153 49.48 -22.57 44.97
C THR L 153 49.32 -22.76 46.48
N ILE L 154 48.17 -23.26 46.92
CA ILE L 154 47.92 -23.43 48.34
C ILE L 154 47.47 -24.82 48.63
N VAL L 155 48.05 -25.37 49.69
CA VAL L 155 47.78 -26.71 50.12
C VAL L 155 47.00 -26.66 51.43
N LEU L 156 45.81 -27.29 51.47
CA LEU L 156 44.85 -27.10 52.56
C LEU L 156 44.69 -28.33 53.39
N GLY L 157 44.76 -28.15 54.69
CA GLY L 157 44.39 -29.21 55.63
C GLY L 157 43.68 -28.58 56.80
N GLY L 158 43.03 -29.41 57.60
CA GLY L 158 42.39 -28.94 58.78
C GLY L 158 40.96 -29.37 58.92
N PHE L 159 40.20 -28.53 59.61
CA PHE L 159 38.83 -28.79 60.06
C PHE L 159 37.95 -27.67 59.53
N LEU L 160 36.67 -27.92 59.26
CA LEU L 160 36.09 -29.24 58.99
C LEU L 160 36.05 -29.44 57.47
N THR L 161 36.23 -30.70 57.05
CA THR L 161 36.29 -31.09 55.65
C THR L 161 35.23 -30.48 54.79
N ASN L 162 33.99 -30.49 55.26
CA ASN L 162 32.86 -30.10 54.45
C ASN L 162 32.33 -28.73 54.82
N CYS L 163 32.94 -28.08 55.81
CA CYS L 163 32.61 -26.74 56.16
C CYS L 163 33.79 -25.79 55.86
N CYS L 164 34.69 -25.52 56.81
CA CYS L 164 35.73 -24.46 56.62
C CYS L 164 36.79 -24.77 55.55
N VAL L 165 37.18 -26.03 55.46
CA VAL L 165 38.06 -26.49 54.37
C VAL L 165 37.37 -26.34 52.98
N GLU L 166 36.19 -26.94 52.80
CA GLU L 166 35.47 -26.80 51.54
C GLU L 166 35.35 -25.31 51.17
N SER L 167 34.88 -24.49 52.09
CA SER L 167 34.61 -23.09 51.78
C SER L 167 35.87 -22.31 51.38
N THR L 168 36.98 -22.64 52.02
CA THR L 168 38.24 -21.97 51.73
C THR L 168 38.75 -22.45 50.37
N MET L 169 38.58 -23.73 50.11
CA MET L 169 38.92 -24.36 48.81
C MET L 169 38.17 -23.69 47.66
N ARG L 170 36.84 -23.60 47.82
CA ARG L 170 35.94 -23.03 46.80
C ARG L 170 36.33 -21.60 46.49
N THR L 171 36.57 -20.79 47.51
CA THR L 171 36.95 -19.37 47.22
C THR L 171 38.37 -19.27 46.59
N GLY L 172 39.31 -20.07 47.06
CA GLY L 172 40.67 -20.09 46.50
C GLY L 172 40.64 -20.41 45.01
N TYR L 173 39.72 -21.30 44.63
CA TYR L 173 39.49 -21.71 43.25
C TYR L 173 38.97 -20.51 42.46
N GLU L 174 37.99 -19.81 43.02
CA GLU L 174 37.40 -18.63 42.38
C GLU L 174 38.42 -17.55 42.13
N ARG L 175 39.36 -17.46 43.05
CA ARG L 175 40.37 -16.43 43.01
C ARG L 175 41.59 -16.87 42.24
N GLY L 176 41.55 -18.01 41.57
CA GLY L 176 42.62 -18.35 40.66
C GLY L 176 43.88 -18.93 41.30
N PHE L 177 43.76 -19.42 42.52
CA PHE L 177 44.87 -20.18 43.10
C PHE L 177 44.82 -21.60 42.61
N ARG L 178 45.98 -22.23 42.47
CA ARG L 178 46.01 -23.66 42.34
C ARG L 178 45.81 -24.24 43.75
N VAL L 179 44.61 -24.73 43.98
CA VAL L 179 44.29 -25.31 45.27
C VAL L 179 44.54 -26.81 45.31
N ILE L 180 45.37 -27.23 46.27
CA ILE L 180 45.60 -28.63 46.56
C ILE L 180 44.98 -28.94 47.92
N THR L 181 44.19 -30.01 47.97
CA THR L 181 43.58 -30.43 49.21
C THR L 181 44.19 -31.74 49.73
N LEU L 182 44.60 -31.75 50.99
CA LEU L 182 45.23 -32.92 51.56
C LEU L 182 44.16 -33.87 52.03
N THR L 183 43.89 -34.90 51.24
CA THR L 183 42.72 -35.73 51.49
C THR L 183 42.83 -36.54 52.77
N ASP L 184 44.02 -36.62 53.35
CA ASP L 184 44.20 -37.35 54.60
C ASP L 184 44.71 -36.47 55.72
N CYS L 185 44.63 -35.15 55.54
CA CYS L 185 44.95 -34.19 56.59
C CYS L 185 43.75 -33.32 56.83
N VAL L 186 42.56 -33.92 56.74
CA VAL L 186 41.33 -33.21 57.01
C VAL L 186 40.37 -34.07 57.82
N ALA L 187 39.49 -33.40 58.57
CA ALA L 187 38.53 -34.14 59.40
C ALA L 187 37.23 -33.38 59.53
N ALA L 188 36.19 -34.11 59.89
CA ALA L 188 34.83 -33.64 59.91
C ALA L 188 34.10 -34.28 61.06
N THR L 189 32.88 -33.83 61.27
CA THR L 189 32.04 -34.32 62.36
C THR L 189 31.35 -35.64 62.02
N SER L 190 31.54 -36.14 60.81
CA SER L 190 31.10 -37.48 60.42
C SER L 190 31.87 -38.01 59.23
N GLN L 191 32.13 -39.31 59.29
CA GLN L 191 32.80 -40.06 58.23
C GLN L 191 32.07 -39.96 56.87
N GLU L 192 30.75 -40.10 56.86
CA GLU L 192 29.94 -39.90 55.65
C GLU L 192 30.13 -38.49 55.08
N GLU L 193 29.88 -37.44 55.86
CA GLU L 193 30.12 -36.04 55.41
C GLU L 193 31.55 -35.84 54.83
N HIS L 194 32.53 -36.39 55.54
CA HIS L 194 33.94 -36.31 55.18
C HIS L 194 34.17 -36.93 53.80
N ASN L 195 33.84 -38.23 53.68
CA ASN L 195 33.98 -39.02 52.45
C ASN L 195 33.26 -38.37 51.22
N ASN L 196 31.99 -38.03 51.42
CA ASN L 196 31.17 -37.41 50.39
C ASN L 196 31.81 -36.12 49.85
N ALA L 197 32.30 -35.30 50.77
CA ALA L 197 32.98 -34.06 50.40
C ALA L 197 34.24 -34.37 49.60
N ILE L 198 35.04 -35.32 50.04
CA ILE L 198 36.29 -35.59 49.34
C ILE L 198 36.05 -36.14 47.93
N SER L 199 34.94 -36.85 47.74
CA SER L 199 34.64 -37.58 46.52
C SER L 199 33.85 -36.80 45.49
N TYR L 200 32.83 -36.06 45.96
CA TYR L 200 31.98 -35.28 45.08
C TYR L 200 32.50 -33.85 44.90
N ASP L 201 32.85 -33.17 45.99
CA ASP L 201 33.10 -31.69 45.92
C ASP L 201 34.53 -31.28 45.66
N PHE L 202 35.49 -32.01 46.22
CA PHE L 202 36.90 -31.57 46.18
C PHE L 202 37.54 -31.56 44.80
N PRO L 203 37.25 -32.57 43.96
CA PRO L 203 37.74 -32.51 42.58
C PRO L 203 37.11 -31.37 41.75
N MET L 204 35.96 -30.83 42.14
CA MET L 204 35.40 -29.68 41.42
C MET L 204 36.26 -28.41 41.63
N PHE L 205 36.96 -28.34 42.75
CA PHE L 205 37.55 -27.08 43.19
C PHE L 205 39.04 -27.16 43.55
N SER L 206 39.66 -28.33 43.43
CA SER L 206 41.05 -28.48 43.82
C SER L 206 41.70 -29.66 43.13
N VAL L 207 43.00 -29.77 43.28
CA VAL L 207 43.70 -31.01 43.00
C VAL L 207 43.84 -31.82 44.32
N PRO L 208 43.03 -32.88 44.48
CA PRO L 208 43.10 -33.63 45.73
C PRO L 208 44.35 -34.50 45.77
N MET L 209 45.11 -34.46 46.87
CA MET L 209 46.34 -35.30 47.03
C MET L 209 46.53 -35.82 48.48
N THR L 210 47.36 -36.86 48.59
CA THR L 210 47.68 -37.47 49.86
C THR L 210 48.86 -36.72 50.36
N SER L 211 49.00 -36.73 51.68
CA SER L 211 50.21 -36.28 52.33
C SER L 211 51.42 -36.91 51.67
N ALA L 212 51.35 -38.21 51.34
CA ALA L 212 52.48 -38.88 50.70
C ALA L 212 52.87 -38.17 49.40
N ASP L 213 51.87 -37.83 48.56
CA ASP L 213 52.11 -37.24 47.26
C ASP L 213 52.74 -35.85 47.41
N VAL L 214 52.24 -35.10 48.37
CA VAL L 214 52.65 -33.71 48.54
C VAL L 214 54.02 -33.66 49.16
N ILE L 215 54.34 -34.61 50.03
CA ILE L 215 55.69 -34.65 50.60
C ILE L 215 56.67 -34.97 49.50
N ALA L 216 56.35 -35.97 48.69
CA ALA L 216 57.19 -36.33 47.56
C ALA L 216 57.46 -35.13 46.64
N ALA L 217 56.48 -34.22 46.49
CA ALA L 217 56.61 -33.07 45.58
C ALA L 217 57.35 -31.95 46.27
N LEU L 218 57.28 -31.89 47.59
CA LEU L 218 58.05 -30.92 48.37
C LEU L 218 59.55 -31.23 48.43
N GLU L 219 59.90 -32.50 48.23
CA GLU L 219 61.29 -32.94 48.29
C GLU L 219 61.65 -33.62 46.97
S SO4 M . -30.67 19.09 -50.36
O1 SO4 M . -31.88 19.89 -50.59
O2 SO4 M . -29.61 19.98 -49.88
O3 SO4 M . -30.98 18.03 -49.40
O4 SO4 M . -30.18 18.43 -51.56
S SO4 N . 13.12 -22.60 22.74
O1 SO4 N . 13.89 -23.11 23.87
O2 SO4 N . 12.79 -21.20 23.01
O3 SO4 N . 14.00 -22.73 21.58
O4 SO4 N . 11.93 -23.43 22.54
#